data_8JAR
#
_entry.id   8JAR
#
_cell.length_a   1.00
_cell.length_b   1.00
_cell.length_c   1.00
_cell.angle_alpha   90.00
_cell.angle_beta   90.00
_cell.angle_gamma   90.00
#
_symmetry.space_group_name_H-M   'P 1'
#
loop_
_entity.id
_entity.type
_entity.pdbx_description
1 polymer 'Amyloid protein-binding protein 2'
2 polymer Elongin-B
3 polymer Elongin-C
4 polymer 'XP_211896+AA C-degron'
5 polymer Cullin-2
6 non-polymer 'ZINC ION'
#
loop_
_entity_poly.entity_id
_entity_poly.type
_entity_poly.pdbx_seq_one_letter_code
_entity_poly.pdbx_strand_id
1 'polypeptide(L)'
;MAAVELEWIPETLYNTAISAVVDNYIRSRRDIRSLPENIQFDVYYKLYQQGRLCQLGSEFCELEVFAKVLRALDKRHLLH
HCFQALMDHGVKVASVLAYSFSRRCSYIAESDAAVKEKAIQVGFVLGGFLSDAGWYSDAEKVFLSCLQLCTLHDEMLHWF
RAVECCVRLLHVRNGNCKYHLGEETFKLAQTYMDKLSKHGQQANKAALYGELCALLFAKSHYDEAYKWCIEAMKEITAGL
PVKVVVDVLRQASKACVVKREFKKAEQLIKHAVYLARDHFGSKHPKYSDTLLDYGFYLLNVDNICQSVAIYQAALDIRQS
VFGGKNIHVATAHEDLAYSSYVHQYSSGKFDNALFHAERAIGIITHILPEDHLLLASSKRVKALILEEIAIDCHNKETEQ
RLLQEAHDLHLSSLQLAKKAFGEFNVQTAKHYGNLGRLYQSMRKFKEAEEMHIKAIQIKEQLLGQEDYEVALSVGHLASL
YNYDMNQYENAEKLYLRSIAIGKKLFGEGYSGLEYDYRGLIKLYNSIGNYEKVFEYHNVLSNWNRLRDRQYSVTDALEDV
STSPQSTEEVVQSFLISQN
;
A,B
2 'polypeptide(L)'
;MDVFLMIRRHKTTIFTDAKESSTVFELKRIVEGILKRPPDEQRLYKDDQLLDDGKTLGECGFTSQTARPQAPATVGLAFR
ADDTFEALCIEPFSSPPELPDVMKPQDSGSSANEQAVQ
;
C,G
3 'polypeptide(L)'
;MYVKLISSDGHEFIVKREHALTSGTIKAMLSGPGQFAENETNEVNFREIPSHVLSKVCMYFTYKVRYTNSSTEIPEFPIA
PEIALELLMAANFLDC
;
D,H
4 'polypeptide(L)' TVPTLTRGRLTRNKGPAA S,F
5 'polypeptide(L)'
;TSLKPRVVDFDETWNKLLTTIKAVVMLEYVERATWNDRFSDIYALCVAYPEPLGERLYTETKIFLENHVRHLHKRVLESE
EQVLVMYHRYWEEYSKGADYMDCLYRYLNTQFIKKNKLTEADLQYGYGGVDMNEPLMEIGELALDMWRKLMVEPLQAILI
RMLLREIKNDRGGEDPNQKVIHGVINSFVHVEQYKKKFPLKFYQEIFESPFLTETGEYYKQEASNLLQESNCSQYMEKVL
GRLKDEEIRCRKYLHPSSYTKVIHECQQRMVADHLQFLHAECHNIIRQEKKNDMANMYVLLRAVSTGLPHMIQELQNHIH
DEGLRATSNLTQENMPTLFVESVLEVHGKFVQLINTVLNGDQHFMSALDKALTSVVNYREPKSVCKAPELLAKYCDNLLK
KSAKGMTENEVEDRLTSFITVFKYIDDKDVFQKFYARMLAKRLIHGLSMSMDSEEAMINKLKQACGYEFTSKLHRMYTDM
SVSADLNNKFNNFIKNQDTVIDLGISFQIYVLQAGAWPLTQAPSSTFAIPQELEKSVQMFELFYSQHFSGRKLTWLHYLC
TGEVKMNYLGKPYVAMVTTYQMAVLLAFNNSETVSYKELQDSTQMNEKELTKTIKSLLDVKMINHDSEKEDIDAESSFSL
NMNFSSKRTKFKITTSMQKDTPQEMEQTRSAVDEDRKMYLQAAIVRIMKARKVLRHNALIQEVISQSRARFNPSISMIKK
CIEVLIDKQYIERSQASADEYSYVA
;
E,I
#
# COMPACT_ATOMS: atom_id res chain seq x y z
N TRP A 8 -18.43 -8.84 -18.84
CA TRP A 8 -18.30 -7.55 -18.17
C TRP A 8 -17.93 -6.47 -19.17
N ILE A 9 -18.24 -5.23 -18.85
CA ILE A 9 -17.99 -4.12 -19.77
C ILE A 9 -16.48 -3.89 -19.90
N PRO A 10 -15.97 -3.55 -21.07
CA PRO A 10 -14.53 -3.28 -21.21
C PRO A 10 -14.12 -2.04 -20.43
N GLU A 11 -12.89 -2.06 -19.95
CA GLU A 11 -12.35 -0.93 -19.20
C GLU A 11 -12.02 0.20 -20.16
N THR A 12 -12.25 1.43 -19.71
CA THR A 12 -12.07 2.61 -20.55
C THR A 12 -10.60 2.76 -20.95
N LEU A 13 -10.37 3.25 -22.17
CA LEU A 13 -8.99 3.53 -22.59
C LEU A 13 -8.34 4.59 -21.72
N TYR A 14 -9.14 5.51 -21.18
CA TYR A 14 -8.60 6.46 -20.22
C TYR A 14 -8.08 5.74 -18.99
N ASN A 15 -8.89 4.85 -18.41
CA ASN A 15 -8.47 4.13 -17.20
C ASN A 15 -7.36 3.15 -17.52
N THR A 16 -7.39 2.50 -18.69
CA THR A 16 -6.32 1.59 -19.06
C THR A 16 -5.00 2.33 -19.23
N ALA A 17 -5.02 3.49 -19.87
CA ALA A 17 -3.79 4.26 -20.03
C ALA A 17 -3.32 4.83 -18.71
N ILE A 18 -4.24 5.18 -17.81
CA ILE A 18 -3.84 5.60 -16.47
C ILE A 18 -3.16 4.45 -15.73
N SER A 19 -3.70 3.24 -15.84
CA SER A 19 -3.06 2.08 -15.25
C SER A 19 -1.70 1.82 -15.86
N ALA A 20 -1.52 2.12 -17.16
CA ALA A 20 -0.27 1.88 -17.83
C ALA A 20 0.74 3.02 -17.69
N VAL A 21 0.33 4.18 -17.18
CA VAL A 21 1.26 5.29 -16.99
C VAL A 21 1.70 5.31 -15.53
N VAL A 22 0.87 4.75 -14.65
CA VAL A 22 1.28 4.58 -13.26
C VAL A 22 2.34 3.50 -13.15
N ASP A 23 2.19 2.42 -13.93
CA ASP A 23 3.05 1.25 -13.80
C ASP A 23 4.51 1.60 -14.11
N ASN A 24 4.76 2.37 -15.16
CA ASN A 24 6.11 2.87 -15.41
C ASN A 24 6.29 4.25 -14.78
N TYR A 25 5.97 4.35 -13.49
CA TYR A 25 5.86 5.64 -12.83
C TYR A 25 7.18 6.41 -12.83
N ILE A 26 8.28 5.73 -12.56
CA ILE A 26 9.58 6.41 -12.60
C ILE A 26 9.91 6.89 -14.00
N ARG A 27 9.52 6.14 -15.03
CA ARG A 27 9.82 6.57 -16.38
C ARG A 27 8.95 7.72 -16.84
N SER A 28 7.91 8.06 -16.06
CA SER A 28 7.02 9.15 -16.43
C SER A 28 6.62 10.02 -15.23
N ARG A 29 7.42 10.01 -14.16
CA ARG A 29 7.10 10.85 -13.00
C ARG A 29 7.16 12.33 -13.34
N ARG A 30 8.16 12.74 -14.11
CA ARG A 30 8.31 14.13 -14.49
C ARG A 30 7.43 14.51 -15.68
N ASP A 31 6.82 13.54 -16.35
CA ASP A 31 5.94 13.82 -17.47
C ASP A 31 4.48 13.88 -17.06
N ILE A 32 4.12 13.25 -15.95
CA ILE A 32 2.75 13.37 -15.42
C ILE A 32 2.48 14.81 -14.99
N ARG A 33 3.49 15.50 -14.46
CA ARG A 33 3.32 16.89 -14.09
C ARG A 33 3.10 17.82 -15.28
N SER A 34 3.35 17.34 -16.49
CA SER A 34 3.07 18.11 -17.70
C SER A 34 1.76 17.70 -18.37
N LEU A 35 1.00 16.80 -17.76
CA LEU A 35 -0.28 16.38 -18.29
C LEU A 35 -1.34 17.46 -18.04
N PRO A 36 -2.46 17.41 -18.76
CA PRO A 36 -3.58 18.30 -18.43
C PRO A 36 -4.06 18.08 -17.00
N GLU A 37 -4.54 19.18 -16.39
CA GLU A 37 -4.76 19.20 -14.95
C GLU A 37 -5.84 18.23 -14.49
N ASN A 38 -6.66 17.72 -15.39
CA ASN A 38 -7.66 16.73 -15.02
C ASN A 38 -7.19 15.30 -15.24
N ILE A 39 -5.97 15.12 -15.74
CA ILE A 39 -5.40 13.79 -15.89
C ILE A 39 -4.40 13.56 -14.75
N GLN A 40 -3.76 14.63 -14.31
CA GLN A 40 -2.82 14.51 -13.19
C GLN A 40 -3.52 14.00 -11.94
N PHE A 41 -4.70 14.55 -11.64
CA PHE A 41 -5.40 14.09 -10.45
C PHE A 41 -5.87 12.66 -10.61
N ASP A 42 -6.25 12.26 -11.82
CA ASP A 42 -6.68 10.87 -12.02
C ASP A 42 -5.51 9.91 -11.84
N VAL A 43 -4.32 10.31 -12.31
CA VAL A 43 -3.13 9.49 -12.11
C VAL A 43 -2.80 9.38 -10.62
N TYR A 44 -2.88 10.50 -9.90
CA TYR A 44 -2.58 10.45 -8.47
C TYR A 44 -3.64 9.68 -7.69
N TYR A 45 -4.89 9.73 -8.14
CA TYR A 45 -5.92 8.92 -7.52
C TYR A 45 -5.72 7.44 -7.82
N LYS A 46 -5.14 7.12 -8.98
CA LYS A 46 -4.77 5.72 -9.22
C LYS A 46 -3.60 5.31 -8.35
N LEU A 47 -2.67 6.23 -8.07
CA LEU A 47 -1.60 5.95 -7.12
C LEU A 47 -2.17 5.66 -5.75
N TYR A 48 -3.16 6.44 -5.33
CA TYR A 48 -3.81 6.18 -4.04
C TYR A 48 -4.55 4.85 -4.05
N GLN A 49 -5.29 4.58 -5.12
CA GLN A 49 -6.09 3.36 -5.19
C GLN A 49 -5.21 2.12 -5.23
N GLN A 50 -4.08 2.20 -5.94
CA GLN A 50 -3.15 1.08 -6.00
C GLN A 50 -2.45 0.83 -4.67
N GLY A 51 -2.58 1.73 -3.71
CA GLY A 51 -1.86 1.62 -2.46
C GLY A 51 -0.50 2.26 -2.44
N ARG A 52 -0.10 2.93 -3.54
CA ARG A 52 1.20 3.58 -3.62
C ARG A 52 1.17 4.92 -2.87
N LEU A 53 0.88 4.84 -1.57
CA LEU A 53 0.80 6.06 -0.77
C LEU A 53 2.17 6.70 -0.60
N CYS A 54 3.24 5.91 -0.63
CA CYS A 54 4.56 6.46 -0.46
C CYS A 54 4.99 7.25 -1.69
N GLN A 55 4.62 6.79 -2.89
CA GLN A 55 4.89 7.55 -4.10
C GLN A 55 3.97 8.76 -4.24
N LEU A 56 2.77 8.67 -3.66
CA LEU A 56 1.82 9.77 -3.72
C LEU A 56 2.19 10.89 -2.74
N GLY A 57 2.73 10.53 -1.58
CA GLY A 57 3.12 11.56 -0.62
C GLY A 57 4.24 12.44 -1.14
N SER A 58 5.19 11.85 -1.85
CA SER A 58 6.30 12.63 -2.41
C SER A 58 5.84 13.59 -3.50
N GLU A 59 4.64 13.39 -4.04
CA GLU A 59 4.09 14.28 -5.06
C GLU A 59 3.12 15.30 -4.49
N PHE A 60 2.28 14.92 -3.53
CA PHE A 60 1.36 15.87 -2.93
C PHE A 60 2.02 16.84 -1.97
N CYS A 61 3.27 16.59 -1.58
CA CYS A 61 4.00 17.50 -0.70
C CYS A 61 4.63 18.66 -1.45
N GLU A 62 4.48 18.72 -2.77
CA GLU A 62 5.00 19.82 -3.57
C GLU A 62 3.86 20.73 -3.96
N LEU A 63 4.01 22.03 -3.69
CA LEU A 63 2.98 22.99 -4.05
C LEU A 63 2.87 23.16 -5.56
N GLU A 64 3.92 22.81 -6.31
CA GLU A 64 3.81 22.77 -7.77
C GLU A 64 2.77 21.75 -8.20
N VAL A 65 2.75 20.60 -7.56
CA VAL A 65 1.88 19.50 -7.94
C VAL A 65 0.51 19.61 -7.28
N PHE A 66 0.46 20.08 -6.03
CA PHE A 66 -0.80 20.13 -5.32
C PHE A 66 -1.69 21.27 -5.83
N ALA A 67 -1.10 22.32 -6.40
CA ALA A 67 -1.91 23.40 -6.95
C ALA A 67 -2.73 22.92 -8.14
N LYS A 68 -2.14 22.08 -9.00
CA LYS A 68 -2.87 21.52 -10.13
C LYS A 68 -3.87 20.45 -9.72
N VAL A 69 -3.77 19.94 -8.49
CA VAL A 69 -4.73 18.97 -7.99
C VAL A 69 -5.92 19.66 -7.33
N LEU A 70 -5.70 20.80 -6.67
CA LEU A 70 -6.77 21.52 -5.99
C LEU A 70 -7.76 22.17 -6.95
N ARG A 71 -7.44 22.26 -8.24
CA ARG A 71 -8.33 22.90 -9.20
C ARG A 71 -9.28 21.93 -9.88
N ALA A 72 -9.31 20.67 -9.45
CA ALA A 72 -10.32 19.71 -9.88
C ALA A 72 -11.43 19.70 -8.84
N LEU A 73 -12.56 20.31 -9.18
CA LEU A 73 -13.61 20.54 -8.20
C LEU A 73 -14.68 19.45 -8.17
N ASP A 74 -14.95 18.78 -9.30
CA ASP A 74 -15.86 17.63 -9.27
C ASP A 74 -15.28 16.53 -8.39
N LYS A 75 -14.05 16.13 -8.68
CA LYS A 75 -13.36 15.12 -7.88
C LYS A 75 -12.48 15.76 -6.81
N ARG A 76 -13.09 16.61 -5.99
CA ARG A 76 -12.44 17.15 -4.79
C ARG A 76 -12.71 16.28 -3.59
N HIS A 77 -13.92 15.73 -3.48
CA HIS A 77 -14.24 14.80 -2.39
C HIS A 77 -13.34 13.58 -2.42
N LEU A 78 -12.88 13.19 -3.62
CA LEU A 78 -11.86 12.14 -3.71
C LEU A 78 -10.55 12.60 -3.11
N LEU A 79 -10.12 13.82 -3.45
CA LEU A 79 -8.86 14.34 -2.94
C LEU A 79 -8.87 14.45 -1.43
N HIS A 80 -10.00 14.90 -0.86
CA HIS A 80 -10.13 15.00 0.59
C HIS A 80 -9.90 13.66 1.26
N HIS A 81 -10.16 12.56 0.55
CA HIS A 81 -9.81 11.25 1.09
C HIS A 81 -8.32 10.97 0.92
N CYS A 82 -7.79 11.19 -0.28
CA CYS A 82 -6.38 10.90 -0.53
C CYS A 82 -5.49 11.74 0.36
N PHE A 83 -5.73 13.04 0.41
CA PHE A 83 -4.97 13.92 1.29
C PHE A 83 -5.11 13.50 2.73
N GLN A 84 -6.23 12.88 3.10
CA GLN A 84 -6.33 12.39 4.47
C GLN A 84 -5.49 11.13 4.66
N ALA A 85 -5.48 10.23 3.67
CA ALA A 85 -4.79 8.95 3.84
C ALA A 85 -3.31 9.18 4.07
N LEU A 86 -2.71 10.13 3.34
CA LEU A 86 -1.32 10.47 3.57
C LEU A 86 -1.10 10.98 4.98
N MET A 87 -2.02 11.81 5.48
CA MET A 87 -1.89 12.28 6.86
C MET A 87 -2.12 11.16 7.87
N ASP A 88 -2.75 10.06 7.46
CA ASP A 88 -2.75 8.85 8.27
C ASP A 88 -1.55 7.97 7.96
N HIS A 89 -0.99 8.11 6.77
CA HIS A 89 0.18 7.33 6.37
C HIS A 89 1.43 7.76 7.12
N GLY A 90 1.40 8.93 7.76
CA GLY A 90 2.56 9.48 8.42
C GLY A 90 3.23 10.59 7.66
N VAL A 91 2.85 10.83 6.42
CA VAL A 91 3.40 11.92 5.64
C VAL A 91 2.71 13.20 6.07
N LYS A 92 3.48 14.13 6.65
CA LYS A 92 2.92 15.39 7.13
C LYS A 92 2.73 16.33 5.94
N VAL A 93 1.73 16.01 5.13
CA VAL A 93 1.52 16.76 3.88
C VAL A 93 1.04 18.17 4.17
N ALA A 94 0.17 18.35 5.17
CA ALA A 94 -0.38 19.67 5.45
C ALA A 94 0.70 20.64 5.91
N SER A 95 1.54 20.20 6.85
CA SER A 95 2.59 21.09 7.35
C SER A 95 3.66 21.36 6.30
N VAL A 96 3.99 20.35 5.48
CA VAL A 96 4.96 20.55 4.41
C VAL A 96 4.42 21.52 3.37
N LEU A 97 3.14 21.39 3.00
CA LEU A 97 2.54 22.33 2.05
C LEU A 97 2.47 23.73 2.62
N ALA A 98 2.12 23.86 3.89
CA ALA A 98 2.08 25.19 4.51
C ALA A 98 3.47 25.82 4.56
N TYR A 99 4.50 25.01 4.87
CA TYR A 99 5.86 25.53 4.89
C TYR A 99 6.33 25.92 3.50
N SER A 100 5.98 25.12 2.49
CA SER A 100 6.35 25.47 1.12
C SER A 100 5.67 26.76 0.67
N PHE A 101 4.39 26.92 1.02
CA PHE A 101 3.71 28.16 0.68
C PHE A 101 4.30 29.35 1.41
N SER A 102 4.67 29.18 2.67
CA SER A 102 5.30 30.28 3.41
C SER A 102 6.65 30.64 2.80
N ARG A 103 7.41 29.63 2.37
CA ARG A 103 8.71 29.89 1.74
C ARG A 103 8.54 30.63 0.41
N ARG A 104 7.58 30.21 -0.42
CA ARG A 104 7.39 30.90 -1.68
C ARG A 104 6.83 32.30 -1.47
N CYS A 105 6.02 32.51 -0.42
CA CYS A 105 5.57 33.85 -0.09
C CYS A 105 6.73 34.74 0.35
N SER A 106 7.64 34.19 1.15
CA SER A 106 8.82 34.95 1.54
C SER A 106 9.67 35.31 0.33
N TYR A 107 9.77 34.40 -0.63
CA TYR A 107 10.55 34.67 -1.84
C TYR A 107 9.83 35.60 -2.82
N ILE A 108 8.51 35.71 -2.73
CA ILE A 108 7.74 36.48 -3.70
C ILE A 108 7.30 37.83 -3.15
N ALA A 109 7.49 38.08 -1.85
CA ALA A 109 7.03 39.34 -1.25
C ALA A 109 7.70 40.55 -1.88
N GLU A 110 8.91 40.41 -2.40
CA GLU A 110 9.59 41.50 -3.10
C GLU A 110 9.38 41.35 -4.60
N SER A 111 8.14 41.58 -5.02
CA SER A 111 7.76 41.47 -6.43
C SER A 111 6.54 42.34 -6.66
N ASP A 112 6.11 42.39 -7.92
CA ASP A 112 4.96 43.21 -8.30
C ASP A 112 3.66 42.61 -7.76
N ALA A 113 2.64 43.46 -7.66
CA ALA A 113 1.36 43.05 -7.12
C ALA A 113 0.57 42.14 -8.06
N ALA A 114 0.94 42.09 -9.35
CA ALA A 114 0.24 41.20 -10.27
C ALA A 114 0.58 39.74 -10.01
N VAL A 115 1.86 39.45 -9.82
CA VAL A 115 2.27 38.08 -9.54
C VAL A 115 1.90 37.68 -8.11
N LYS A 116 2.00 38.60 -7.16
CA LYS A 116 1.66 38.31 -5.78
C LYS A 116 0.18 37.97 -5.62
N GLU A 117 -0.68 38.57 -6.45
CA GLU A 117 -2.10 38.24 -6.39
C GLU A 117 -2.35 36.80 -6.83
N LYS A 118 -1.60 36.31 -7.81
CA LYS A 118 -1.73 34.91 -8.20
C LYS A 118 -1.26 33.97 -7.10
N ALA A 119 -0.21 34.35 -6.37
CA ALA A 119 0.24 33.54 -5.24
C ALA A 119 -0.77 33.55 -4.10
N ILE A 120 -1.55 34.62 -3.96
CA ILE A 120 -2.61 34.65 -2.97
C ILE A 120 -3.75 33.73 -3.38
N GLN A 121 -4.13 33.75 -4.66
CA GLN A 121 -5.22 32.91 -5.12
C GLN A 121 -4.86 31.43 -5.01
N VAL A 122 -3.61 31.07 -5.26
CA VAL A 122 -3.14 29.73 -4.93
C VAL A 122 -3.18 29.52 -3.43
N GLY A 123 -2.88 30.56 -2.66
CA GLY A 123 -2.95 30.45 -1.22
C GLY A 123 -4.36 30.31 -0.69
N PHE A 124 -5.32 31.00 -1.32
CA PHE A 124 -6.69 30.93 -0.84
C PHE A 124 -7.25 29.53 -1.02
N VAL A 125 -7.04 28.91 -2.18
CA VAL A 125 -7.60 27.58 -2.42
C VAL A 125 -6.91 26.55 -1.55
N LEU A 126 -5.58 26.67 -1.36
CA LEU A 126 -4.86 25.73 -0.51
C LEU A 126 -5.27 25.87 0.95
N GLY A 127 -5.37 27.11 1.45
CA GLY A 127 -5.81 27.31 2.82
C GLY A 127 -7.24 26.87 3.03
N GLY A 128 -8.11 27.11 2.05
CA GLY A 128 -9.47 26.64 2.14
C GLY A 128 -9.56 25.13 2.14
N PHE A 129 -8.68 24.47 1.38
CA PHE A 129 -8.64 23.02 1.42
C PHE A 129 -8.16 22.51 2.77
N LEU A 130 -7.13 23.14 3.33
CA LEU A 130 -6.60 22.69 4.61
C LEU A 130 -7.57 22.96 5.75
N SER A 131 -8.35 24.05 5.68
CA SER A 131 -9.38 24.29 6.69
C SER A 131 -10.60 23.41 6.48
N ASP A 132 -10.93 23.07 5.24
CA ASP A 132 -11.99 22.10 4.99
C ASP A 132 -11.60 20.73 5.50
N ALA A 133 -10.36 20.32 5.25
CA ALA A 133 -9.90 19.02 5.71
C ALA A 133 -9.73 18.94 7.22
N GLY A 134 -9.71 20.09 7.91
CA GLY A 134 -9.57 20.10 9.34
C GLY A 134 -8.20 20.42 9.87
N TRP A 135 -7.23 20.72 9.02
CA TRP A 135 -5.87 21.05 9.46
C TRP A 135 -5.77 22.56 9.69
N TYR A 136 -6.46 23.01 10.73
CA TYR A 136 -6.51 24.43 11.04
C TYR A 136 -5.17 24.96 11.51
N SER A 137 -4.37 24.14 12.19
CA SER A 137 -3.05 24.58 12.60
C SER A 137 -2.13 24.81 11.41
N ASP A 138 -2.39 24.15 10.29
CA ASP A 138 -1.60 24.30 9.08
C ASP A 138 -2.27 25.18 8.04
N ALA A 139 -3.58 25.35 8.11
CA ALA A 139 -4.25 26.34 7.28
C ALA A 139 -4.03 27.74 7.79
N GLU A 140 -3.76 27.89 9.09
CA GLU A 140 -3.49 29.22 9.63
C GLU A 140 -2.17 29.78 9.15
N LYS A 141 -1.18 28.93 8.91
CA LYS A 141 0.09 29.42 8.36
C LYS A 141 -0.09 29.93 6.93
N VAL A 142 -0.87 29.22 6.12
CA VAL A 142 -1.10 29.65 4.75
C VAL A 142 -1.86 30.98 4.72
N PHE A 143 -2.88 31.11 5.56
CA PHE A 143 -3.64 32.35 5.60
C PHE A 143 -2.85 33.49 6.21
N LEU A 144 -1.95 33.20 7.15
CA LEU A 144 -1.05 34.23 7.66
C LEU A 144 -0.10 34.72 6.57
N SER A 145 0.41 33.80 5.75
CA SER A 145 1.25 34.21 4.63
C SER A 145 0.46 35.05 3.63
N CYS A 146 -0.78 34.67 3.35
CA CYS A 146 -1.61 35.47 2.45
C CYS A 146 -1.90 36.85 3.02
N LEU A 147 -2.14 36.93 4.33
CA LEU A 147 -2.36 38.23 4.97
C LEU A 147 -1.10 39.08 4.92
N GLN A 148 0.06 38.47 5.11
CA GLN A 148 1.31 39.20 5.00
C GLN A 148 1.52 39.72 3.58
N LEU A 149 1.15 38.93 2.58
CA LEU A 149 1.20 39.41 1.19
C LEU A 149 0.26 40.58 0.97
N CYS A 150 -0.96 40.50 1.52
CA CYS A 150 -1.93 41.57 1.31
C CYS A 150 -1.60 42.84 2.09
N THR A 151 -0.83 42.72 3.18
CA THR A 151 -0.56 43.88 4.03
C THR A 151 0.29 44.94 3.33
N LEU A 152 1.24 44.53 2.50
CA LEU A 152 2.21 45.45 1.90
C LEU A 152 1.55 46.55 1.07
N HIS A 153 0.87 46.18 0.00
CA HIS A 153 0.19 47.16 -0.84
C HIS A 153 -1.12 47.59 -0.18
N ASP A 154 -1.43 48.88 -0.28
CA ASP A 154 -2.58 49.46 0.41
C ASP A 154 -3.70 49.84 -0.54
N GLU A 155 -3.71 49.29 -1.75
CA GLU A 155 -4.78 49.59 -2.70
C GLU A 155 -6.05 48.84 -2.31
N MET A 156 -7.15 49.19 -2.97
CA MET A 156 -8.46 48.65 -2.61
C MET A 156 -8.52 47.15 -2.82
N LEU A 157 -7.91 46.65 -3.90
CA LEU A 157 -7.92 45.21 -4.15
C LEU A 157 -7.18 44.44 -3.07
N HIS A 158 -6.05 44.96 -2.61
CA HIS A 158 -5.31 44.28 -1.55
C HIS A 158 -6.05 44.32 -0.23
N TRP A 159 -6.75 45.42 0.06
CA TRP A 159 -7.57 45.46 1.27
C TRP A 159 -8.75 44.49 1.18
N PHE A 160 -9.35 44.36 0.00
CA PHE A 160 -10.44 43.39 -0.16
C PHE A 160 -9.93 41.97 0.00
N ARG A 161 -8.77 41.65 -0.57
CA ARG A 161 -8.19 40.33 -0.36
C ARG A 161 -7.79 40.10 1.08
N ALA A 162 -7.35 41.15 1.78
CA ALA A 162 -6.97 41.00 3.18
C ALA A 162 -8.18 40.75 4.07
N VAL A 163 -9.30 41.43 3.81
CA VAL A 163 -10.49 41.11 4.60
C VAL A 163 -11.03 39.74 4.21
N GLU A 164 -10.88 39.33 2.94
CA GLU A 164 -11.32 37.99 2.56
C GLU A 164 -10.43 36.91 3.15
N CYS A 165 -9.18 37.21 3.47
CA CYS A 165 -8.34 36.24 4.16
C CYS A 165 -8.45 36.34 5.67
N CYS A 166 -8.98 37.44 6.20
CA CYS A 166 -9.25 37.53 7.63
C CYS A 166 -10.61 36.97 8.02
N VAL A 167 -11.56 36.89 7.09
CA VAL A 167 -12.77 36.13 7.37
C VAL A 167 -12.51 34.63 7.35
N ARG A 168 -11.38 34.21 6.78
CA ARG A 168 -10.96 32.81 6.79
C ARG A 168 -9.94 32.53 7.89
N LEU A 169 -9.10 33.49 8.20
CA LEU A 169 -8.16 33.35 9.32
C LEU A 169 -8.89 33.26 10.64
N LEU A 170 -10.05 33.92 10.74
CA LEU A 170 -10.89 33.77 11.92
C LEU A 170 -11.47 32.36 12.02
N HIS A 171 -11.78 31.74 10.89
CA HIS A 171 -12.34 30.39 10.91
C HIS A 171 -11.30 29.36 11.33
N VAL A 172 -10.07 29.49 10.84
CA VAL A 172 -9.02 28.52 11.19
C VAL A 172 -8.46 28.75 12.59
N ARG A 173 -8.73 29.90 13.20
CA ARG A 173 -8.37 30.15 14.58
C ARG A 173 -9.52 29.87 15.54
N ASN A 174 -10.66 29.42 15.02
CA ASN A 174 -11.77 28.94 15.84
C ASN A 174 -11.85 27.44 15.90
N GLY A 175 -11.54 26.76 14.79
CA GLY A 175 -11.46 25.31 14.81
C GLY A 175 -10.25 24.78 15.54
N ASN A 176 -9.21 25.61 15.68
CA ASN A 176 -8.04 25.25 16.45
C ASN A 176 -8.12 25.73 17.89
N CYS A 177 -9.22 26.36 18.27
CA CYS A 177 -9.45 26.87 19.63
C CYS A 177 -8.35 27.85 20.05
N LYS A 178 -8.29 28.96 19.32
CA LYS A 178 -7.37 30.05 19.57
C LYS A 178 -8.12 31.37 19.63
N TYR A 179 -9.17 31.41 20.45
CA TYR A 179 -10.07 32.56 20.50
C TYR A 179 -9.36 33.84 20.92
N HIS A 180 -8.30 33.73 21.73
CA HIS A 180 -7.53 34.92 22.09
C HIS A 180 -6.88 35.55 20.86
N LEU A 181 -6.35 34.72 19.96
CA LEU A 181 -5.86 35.23 18.69
C LEU A 181 -7.01 35.58 17.75
N GLY A 182 -8.15 34.89 17.89
CA GLY A 182 -9.29 35.20 17.05
C GLY A 182 -9.84 36.59 17.28
N GLU A 183 -9.78 37.06 18.52
CA GLU A 183 -10.25 38.42 18.81
C GLU A 183 -9.41 39.46 18.09
N GLU A 184 -8.08 39.31 18.12
CA GLU A 184 -7.23 40.28 17.42
C GLU A 184 -7.34 40.12 15.91
N THR A 185 -7.61 38.90 15.42
CA THR A 185 -7.85 38.72 13.99
C THR A 185 -9.11 39.46 13.56
N PHE A 186 -10.18 39.37 14.36
CA PHE A 186 -11.39 40.11 14.04
C PHE A 186 -11.16 41.61 14.14
N LYS A 187 -10.34 42.04 15.10
CA LYS A 187 -10.02 43.46 15.21
C LYS A 187 -9.30 43.95 13.96
N LEU A 188 -8.35 43.16 13.46
CA LEU A 188 -7.61 43.52 12.25
C LEU A 188 -8.53 43.52 11.03
N ALA A 189 -9.44 42.55 10.95
CA ALA A 189 -10.41 42.53 9.86
C ALA A 189 -11.31 43.75 9.92
N GLN A 190 -11.72 44.15 11.13
CA GLN A 190 -12.53 45.35 11.29
C GLN A 190 -11.76 46.61 10.89
N THR A 191 -10.46 46.64 11.19
CA THR A 191 -9.63 47.77 10.79
C THR A 191 -9.54 47.87 9.27
N TYR A 192 -9.31 46.75 8.59
CA TYR A 192 -9.30 46.76 7.13
C TYR A 192 -10.66 47.10 6.56
N MET A 193 -11.74 46.64 7.19
CA MET A 193 -13.08 47.00 6.72
C MET A 193 -13.33 48.49 6.85
N ASP A 194 -12.91 49.10 7.96
CA ASP A 194 -13.07 50.53 8.13
C ASP A 194 -12.23 51.31 7.12
N LYS A 195 -11.00 50.87 6.89
CA LYS A 195 -10.16 51.54 5.91
C LYS A 195 -10.73 51.42 4.50
N LEU A 196 -11.30 50.25 4.18
CA LEU A 196 -11.91 50.05 2.87
C LEU A 196 -13.19 50.86 2.74
N SER A 197 -13.93 51.04 3.82
CA SER A 197 -15.13 51.87 3.79
C SER A 197 -14.80 53.34 3.66
N LYS A 198 -13.65 53.77 4.21
CA LYS A 198 -13.22 55.16 4.06
C LYS A 198 -12.80 55.50 2.64
N HIS A 199 -12.64 54.50 1.77
CA HIS A 199 -12.24 54.71 0.38
C HIS A 199 -13.41 54.56 -0.59
N GLY A 200 -14.63 54.78 -0.11
CA GLY A 200 -15.80 54.72 -0.97
C GLY A 200 -16.12 53.34 -1.52
N GLN A 201 -16.05 52.31 -0.68
CA GLN A 201 -16.41 50.96 -1.10
C GLN A 201 -16.82 50.17 0.13
N GLN A 202 -17.87 49.37 0.01
CA GLN A 202 -18.40 48.59 1.11
C GLN A 202 -18.20 47.11 0.87
N ALA A 203 -17.77 46.40 1.90
CA ALA A 203 -17.55 44.96 1.86
C ALA A 203 -18.64 44.25 2.64
N ASN A 204 -19.12 43.13 2.10
CA ASN A 204 -20.20 42.38 2.71
C ASN A 204 -19.68 41.67 3.96
N LYS A 205 -20.00 42.21 5.13
CA LYS A 205 -19.49 41.72 6.40
C LYS A 205 -20.42 40.68 7.02
N ALA A 206 -20.80 39.68 6.23
CA ALA A 206 -21.64 38.60 6.74
C ALA A 206 -20.80 37.43 7.24
N ALA A 207 -19.80 37.02 6.45
CA ALA A 207 -18.95 35.92 6.85
C ALA A 207 -18.14 36.27 8.09
N LEU A 208 -17.61 37.49 8.15
CA LEU A 208 -16.82 37.91 9.31
C LEU A 208 -17.66 37.92 10.58
N TYR A 209 -18.87 38.45 10.50
CA TYR A 209 -19.73 38.49 11.67
C TYR A 209 -20.22 37.10 12.06
N GLY A 210 -20.44 36.23 11.08
CA GLY A 210 -20.77 34.85 11.41
C GLY A 210 -19.64 34.12 12.11
N GLU A 211 -18.41 34.35 11.66
CA GLU A 211 -17.27 33.73 12.32
C GLU A 211 -17.07 34.29 13.72
N LEU A 212 -17.33 35.59 13.90
CA LEU A 212 -17.27 36.16 15.25
C LEU A 212 -18.37 35.61 16.14
N CYS A 213 -19.55 35.35 15.57
CA CYS A 213 -20.60 34.69 16.33
C CYS A 213 -20.17 33.30 16.76
N ALA A 214 -19.53 32.55 15.86
CA ALA A 214 -19.03 31.23 16.22
C ALA A 214 -17.98 31.32 17.32
N LEU A 215 -17.10 32.31 17.23
CA LEU A 215 -16.06 32.51 18.25
C LEU A 215 -16.68 32.82 19.60
N LEU A 216 -17.65 33.74 19.64
CA LEU A 216 -18.21 34.17 20.92
C LEU A 216 -19.15 33.11 21.49
N PHE A 217 -19.77 32.31 20.65
CA PHE A 217 -20.54 31.18 21.16
C PHE A 217 -19.62 30.10 21.71
N ALA A 218 -18.51 29.82 21.02
CA ALA A 218 -17.54 28.85 21.51
C ALA A 218 -16.86 29.35 22.78
N LYS A 219 -16.75 30.66 22.93
CA LYS A 219 -16.19 31.26 24.13
C LYS A 219 -17.23 31.42 25.24
N SER A 220 -18.47 31.00 24.98
CA SER A 220 -19.58 31.09 25.93
C SER A 220 -19.85 32.55 26.32
N HIS A 221 -20.19 33.33 25.30
CA HIS A 221 -20.60 34.73 25.41
C HIS A 221 -21.93 34.92 24.69
N TYR A 222 -22.91 34.09 25.06
CA TYR A 222 -24.12 33.90 24.26
C TYR A 222 -24.86 35.20 23.97
N ASP A 223 -24.79 36.18 24.87
CA ASP A 223 -25.40 37.48 24.59
C ASP A 223 -24.69 38.17 23.42
N GLU A 224 -23.36 38.27 23.49
CA GLU A 224 -22.60 38.86 22.39
C GLU A 224 -22.71 38.01 21.13
N ALA A 225 -22.74 36.69 21.27
CA ALA A 225 -22.92 35.82 20.12
C ALA A 225 -24.25 36.07 19.44
N TYR A 226 -25.32 36.25 20.22
CA TYR A 226 -26.63 36.56 19.65
C TYR A 226 -26.62 37.91 18.97
N LYS A 227 -26.01 38.92 19.59
CA LYS A 227 -25.94 40.23 18.97
C LYS A 227 -25.20 40.19 17.64
N TRP A 228 -24.07 39.49 17.61
CA TRP A 228 -23.29 39.45 16.37
C TRP A 228 -23.92 38.54 15.32
N CYS A 229 -24.68 37.52 15.72
CA CYS A 229 -25.40 36.74 14.71
C CYS A 229 -26.55 37.53 14.13
N ILE A 230 -27.22 38.36 14.95
CA ILE A 230 -28.22 39.27 14.40
C ILE A 230 -27.59 40.23 13.42
N GLU A 231 -26.43 40.79 13.78
CA GLU A 231 -25.73 41.69 12.86
C GLU A 231 -25.26 40.97 11.60
N ALA A 232 -24.93 39.69 11.72
CA ALA A 232 -24.55 38.91 10.53
C ALA A 232 -25.73 38.68 9.62
N MET A 233 -26.86 38.27 10.19
CA MET A 233 -28.06 38.01 9.40
C MET A 233 -28.63 39.29 8.79
N LYS A 234 -28.34 40.45 9.40
CA LYS A 234 -28.72 41.71 8.76
C LYS A 234 -27.99 41.91 7.43
N GLU A 235 -26.80 41.32 7.27
CA GLU A 235 -25.96 41.56 6.11
C GLU A 235 -26.10 40.49 5.04
N ILE A 236 -27.01 39.53 5.18
CA ILE A 236 -27.19 38.52 4.16
C ILE A 236 -27.93 39.14 2.97
N THR A 237 -27.33 39.03 1.79
CA THR A 237 -27.92 39.51 0.55
C THR A 237 -28.17 38.33 -0.38
N ALA A 238 -28.62 38.63 -1.59
CA ALA A 238 -28.87 37.57 -2.56
C ALA A 238 -27.60 37.15 -3.29
N GLY A 239 -26.63 38.05 -3.42
CA GLY A 239 -25.41 37.77 -4.14
C GLY A 239 -24.34 37.05 -3.35
N LEU A 240 -24.61 36.72 -2.09
CA LEU A 240 -23.63 36.02 -1.28
C LEU A 240 -23.46 34.58 -1.78
N PRO A 241 -22.27 34.00 -1.61
CA PRO A 241 -22.08 32.59 -1.92
C PRO A 241 -22.92 31.72 -0.99
N VAL A 242 -23.25 30.52 -1.48
CA VAL A 242 -24.06 29.61 -0.67
C VAL A 242 -23.31 29.17 0.57
N LYS A 243 -21.98 29.06 0.48
CA LYS A 243 -21.18 28.68 1.65
C LYS A 243 -21.34 29.70 2.77
N VAL A 244 -21.25 30.98 2.43
CA VAL A 244 -21.34 32.04 3.43
C VAL A 244 -22.73 32.11 4.03
N VAL A 245 -23.76 32.00 3.20
CA VAL A 245 -25.14 32.02 3.71
C VAL A 245 -25.38 30.84 4.63
N VAL A 246 -24.90 29.66 4.24
CA VAL A 246 -25.07 28.47 5.06
C VAL A 246 -24.34 28.63 6.39
N ASP A 247 -23.11 29.14 6.36
CA ASP A 247 -22.36 29.33 7.61
C ASP A 247 -23.05 30.32 8.53
N VAL A 248 -23.53 31.43 7.98
CA VAL A 248 -24.18 32.44 8.82
C VAL A 248 -25.49 31.90 9.40
N LEU A 249 -26.28 31.20 8.57
CA LEU A 249 -27.50 30.58 9.07
C LEU A 249 -27.21 29.59 10.18
N ARG A 250 -26.16 28.78 10.00
CA ARG A 250 -25.83 27.75 10.97
C ARG A 250 -25.38 28.35 12.30
N GLN A 251 -24.49 29.34 12.25
CA GLN A 251 -24.01 29.96 13.48
C GLN A 251 -25.11 30.77 14.17
N ALA A 252 -25.98 31.42 13.39
CA ALA A 252 -27.10 32.13 13.99
C ALA A 252 -28.08 31.16 14.62
N SER A 253 -28.26 29.98 14.01
CA SER A 253 -29.10 28.96 14.62
C SER A 253 -28.53 28.49 15.95
N LYS A 254 -27.22 28.28 16.02
CA LYS A 254 -26.62 27.87 17.29
C LYS A 254 -26.76 28.96 18.34
N ALA A 255 -26.56 30.22 17.95
CA ALA A 255 -26.71 31.32 18.90
C ALA A 255 -28.15 31.44 19.39
N CYS A 256 -29.13 31.26 18.49
CA CYS A 256 -30.52 31.31 18.91
C CYS A 256 -30.88 30.15 19.83
N VAL A 257 -30.33 28.96 19.55
CA VAL A 257 -30.58 27.81 20.41
C VAL A 257 -30.03 28.05 21.81
N VAL A 258 -28.79 28.53 21.90
CA VAL A 258 -28.20 28.77 23.22
C VAL A 258 -28.75 30.02 23.88
N LYS A 259 -29.48 30.86 23.15
CA LYS A 259 -30.17 31.99 23.73
C LYS A 259 -31.65 31.72 23.95
N ARG A 260 -32.05 30.44 23.93
CA ARG A 260 -33.42 30.01 24.20
C ARG A 260 -34.41 30.65 23.22
N GLU A 261 -34.17 30.43 21.94
CA GLU A 261 -35.02 30.90 20.85
C GLU A 261 -35.34 29.75 19.90
N PHE A 262 -35.77 28.63 20.48
CA PHE A 262 -35.93 27.39 19.73
C PHE A 262 -36.93 27.53 18.58
N LYS A 263 -37.96 28.36 18.76
CA LYS A 263 -38.92 28.57 17.68
C LYS A 263 -38.31 29.39 16.55
N LYS A 264 -37.33 30.25 16.86
CA LYS A 264 -36.68 31.06 15.84
C LYS A 264 -35.48 30.36 15.21
N ALA A 265 -34.81 29.48 15.96
CA ALA A 265 -33.69 28.74 15.41
C ALA A 265 -34.13 27.59 14.52
N GLU A 266 -35.36 27.12 14.68
CA GLU A 266 -35.84 25.99 13.90
C GLU A 266 -35.85 26.33 12.41
N GLN A 267 -36.45 27.46 12.05
CA GLN A 267 -36.50 27.85 10.64
C GLN A 267 -35.11 28.12 10.09
N LEU A 268 -34.25 28.77 10.89
CA LEU A 268 -32.89 29.05 10.44
C LEU A 268 -32.14 27.77 10.11
N ILE A 269 -32.15 26.80 11.04
CA ILE A 269 -31.37 25.59 10.81
C ILE A 269 -32.01 24.70 9.76
N LYS A 270 -33.34 24.68 9.66
CA LYS A 270 -33.97 23.90 8.60
C LYS A 270 -33.66 24.47 7.23
N HIS A 271 -33.64 25.80 7.10
CA HIS A 271 -33.26 26.39 5.83
C HIS A 271 -31.78 26.19 5.54
N ALA A 272 -30.93 26.21 6.56
CA ALA A 272 -29.52 25.92 6.34
C ALA A 272 -29.32 24.49 5.85
N VAL A 273 -30.03 23.54 6.45
CA VAL A 273 -29.93 22.15 6.02
C VAL A 273 -30.47 21.99 4.59
N TYR A 274 -31.57 22.68 4.28
CA TYR A 274 -32.10 22.65 2.92
C TYR A 274 -31.10 23.20 1.91
N LEU A 275 -30.47 24.33 2.24
CA LEU A 275 -29.49 24.92 1.34
C LEU A 275 -28.30 23.99 1.14
N ALA A 276 -27.82 23.39 2.22
CA ALA A 276 -26.68 22.48 2.12
C ALA A 276 -27.01 21.26 1.29
N ARG A 277 -28.19 20.67 1.48
CA ARG A 277 -28.55 19.49 0.70
C ARG A 277 -28.90 19.86 -0.74
N ASP A 278 -29.30 21.10 -1.01
CA ASP A 278 -29.63 21.49 -2.37
C ASP A 278 -28.38 21.77 -3.18
N HIS A 279 -27.53 22.69 -2.71
CA HIS A 279 -26.36 23.06 -3.49
C HIS A 279 -25.26 21.99 -3.39
N PHE A 280 -24.81 21.72 -2.17
CA PHE A 280 -23.65 20.85 -1.99
C PHE A 280 -23.98 19.39 -2.28
N GLY A 281 -25.10 18.91 -1.77
CA GLY A 281 -25.49 17.52 -1.94
C GLY A 281 -25.52 16.78 -0.62
N SER A 282 -25.96 15.52 -0.71
CA SER A 282 -26.16 14.71 0.49
C SER A 282 -24.87 14.10 1.01
N LYS A 283 -23.76 14.24 0.30
CA LYS A 283 -22.49 13.63 0.69
C LYS A 283 -21.36 14.66 0.63
N HIS A 284 -21.59 15.83 1.22
CA HIS A 284 -20.64 16.91 1.23
C HIS A 284 -20.27 17.28 2.66
N PRO A 285 -19.01 17.63 2.92
CA PRO A 285 -18.62 18.00 4.29
C PRO A 285 -19.37 19.21 4.83
N LYS A 286 -19.73 20.18 3.97
CA LYS A 286 -20.53 21.30 4.46
C LYS A 286 -21.93 20.84 4.85
N TYR A 287 -22.52 19.94 4.07
CA TYR A 287 -23.79 19.34 4.47
C TYR A 287 -23.64 18.57 5.77
N SER A 288 -22.49 17.94 5.97
CA SER A 288 -22.23 17.26 7.24
C SER A 288 -22.16 18.25 8.40
N ASP A 289 -21.55 19.42 8.18
CA ASP A 289 -21.51 20.43 9.22
C ASP A 289 -22.91 20.93 9.56
N THR A 290 -23.72 21.16 8.54
CA THR A 290 -25.10 21.59 8.78
C THR A 290 -25.89 20.52 9.51
N LEU A 291 -25.68 19.25 9.16
CA LEU A 291 -26.33 18.17 9.90
C LEU A 291 -25.86 18.12 11.34
N LEU A 292 -24.57 18.36 11.58
CA LEU A 292 -24.04 18.33 12.93
C LEU A 292 -24.66 19.41 13.79
N ASP A 293 -24.78 20.62 13.25
CA ASP A 293 -25.39 21.68 14.06
C ASP A 293 -26.92 21.60 14.10
N TYR A 294 -27.54 20.95 13.11
CA TYR A 294 -28.95 20.61 13.22
C TYR A 294 -29.17 19.61 14.34
N GLY A 295 -28.28 18.63 14.47
CA GLY A 295 -28.36 17.72 15.59
C GLY A 295 -28.12 18.42 16.92
N PHE A 296 -27.25 19.42 16.92
CA PHE A 296 -27.08 20.26 18.10
C PHE A 296 -28.39 20.93 18.49
N TYR A 297 -29.06 21.54 17.52
CA TYR A 297 -30.35 22.19 17.78
C TYR A 297 -31.38 21.18 18.28
N LEU A 298 -31.47 20.01 17.63
CA LEU A 298 -32.45 19.02 18.04
C LEU A 298 -32.13 18.46 19.42
N LEU A 299 -30.85 18.33 19.76
CA LEU A 299 -30.47 17.84 21.08
C LEU A 299 -30.77 18.85 22.17
N ASN A 300 -30.71 20.14 21.85
CA ASN A 300 -31.01 21.17 22.85
C ASN A 300 -32.47 21.60 22.87
N VAL A 301 -33.35 20.91 22.12
CA VAL A 301 -34.78 21.15 22.22
C VAL A 301 -35.52 19.90 22.68
N ASP A 302 -34.80 19.00 23.36
CA ASP A 302 -35.37 17.76 23.89
C ASP A 302 -35.99 16.90 22.78
N ASN A 303 -35.25 16.79 21.68
CA ASN A 303 -35.61 15.94 20.55
C ASN A 303 -34.53 14.90 20.32
N ILE A 304 -34.03 14.32 21.41
CA ILE A 304 -32.83 13.50 21.35
C ILE A 304 -33.06 12.21 20.58
N CYS A 305 -34.31 11.69 20.60
CA CYS A 305 -34.60 10.39 20.00
C CYS A 305 -34.28 10.34 18.52
N GLN A 306 -34.25 11.48 17.84
CA GLN A 306 -33.83 11.55 16.45
C GLN A 306 -32.51 12.30 16.26
N SER A 307 -31.98 12.93 17.32
CA SER A 307 -30.69 13.59 17.21
C SER A 307 -29.59 12.60 16.85
N VAL A 308 -29.64 11.39 17.41
CA VAL A 308 -28.70 10.34 17.04
C VAL A 308 -28.82 10.03 15.56
N ALA A 309 -30.05 10.07 15.03
CA ALA A 309 -30.24 9.82 13.61
C ALA A 309 -29.64 10.92 12.74
N ILE A 310 -29.31 12.07 13.32
CA ILE A 310 -28.74 13.19 12.57
C ILE A 310 -27.23 13.23 12.69
N TYR A 311 -26.70 13.05 13.91
CA TYR A 311 -25.25 12.93 14.06
C TYR A 311 -24.70 11.73 13.31
N GLN A 312 -25.38 10.58 13.38
CA GLN A 312 -24.90 9.42 12.65
C GLN A 312 -24.96 9.67 11.15
N ALA A 313 -25.96 10.42 10.68
CA ALA A 313 -25.96 10.88 9.30
C ALA A 313 -24.80 11.85 9.06
N ALA A 314 -24.52 12.73 10.03
CA ALA A 314 -23.41 13.65 9.89
C ALA A 314 -22.07 12.93 9.96
N LEU A 315 -21.96 11.93 10.84
CA LEU A 315 -20.71 11.18 10.94
C LEU A 315 -20.45 10.37 9.69
N ASP A 316 -21.49 9.73 9.14
CA ASP A 316 -21.30 8.90 7.96
C ASP A 316 -20.86 9.72 6.75
N ILE A 317 -21.29 10.97 6.65
CA ILE A 317 -20.80 11.83 5.59
C ILE A 317 -19.35 12.20 5.84
N ARG A 318 -19.00 12.55 7.08
CA ARG A 318 -17.64 12.94 7.38
C ARG A 318 -16.67 11.76 7.31
N GLN A 319 -17.11 10.58 7.75
CA GLN A 319 -16.22 9.44 7.76
C GLN A 319 -16.00 8.84 6.37
N SER A 320 -16.86 9.15 5.41
CA SER A 320 -16.67 8.67 4.05
C SER A 320 -15.86 9.65 3.21
N VAL A 321 -15.96 10.95 3.50
CA VAL A 321 -15.21 11.94 2.75
C VAL A 321 -13.83 12.17 3.37
N PHE A 322 -13.77 12.26 4.70
CA PHE A 322 -12.55 12.61 5.41
C PHE A 322 -11.82 11.39 5.95
N GLY A 323 -12.14 10.20 5.46
CA GLY A 323 -11.38 9.02 5.84
C GLY A 323 -11.44 8.71 7.32
N GLY A 324 -10.27 8.53 7.92
CA GLY A 324 -10.16 8.06 9.29
C GLY A 324 -9.79 9.11 10.30
N LYS A 325 -8.50 9.18 10.65
CA LYS A 325 -8.05 10.01 11.77
C LYS A 325 -8.09 11.50 11.41
N ASN A 326 -9.28 12.06 11.31
CA ASN A 326 -9.47 13.47 11.03
C ASN A 326 -10.19 14.14 12.18
N ILE A 327 -9.91 15.42 12.38
CA ILE A 327 -10.55 16.14 13.48
C ILE A 327 -12.05 16.30 13.23
N HIS A 328 -12.46 16.37 11.96
CA HIS A 328 -13.88 16.48 11.66
C HIS A 328 -14.60 15.17 11.96
N VAL A 329 -13.96 14.04 11.71
CA VAL A 329 -14.52 12.76 12.15
C VAL A 329 -14.50 12.67 13.67
N ALA A 330 -13.45 13.20 14.30
CA ALA A 330 -13.39 13.19 15.75
C ALA A 330 -14.47 14.06 16.37
N THR A 331 -14.73 15.23 15.78
CA THR A 331 -15.81 16.08 16.27
C THR A 331 -17.16 15.41 16.10
N ALA A 332 -17.38 14.75 14.96
CA ALA A 332 -18.62 14.02 14.75
C ALA A 332 -18.77 12.89 15.76
N HIS A 333 -17.66 12.23 16.10
CA HIS A 333 -17.70 11.15 17.09
C HIS A 333 -18.03 11.70 18.47
N GLU A 334 -17.33 12.75 18.91
CA GLU A 334 -17.58 13.29 20.24
C GLU A 334 -18.94 13.95 20.35
N ASP A 335 -19.54 14.36 19.23
CA ASP A 335 -20.90 14.88 19.27
C ASP A 335 -21.92 13.74 19.28
N LEU A 336 -21.70 12.71 18.46
CA LEU A 336 -22.60 11.56 18.47
C LEU A 336 -22.48 10.75 19.75
N ALA A 337 -21.29 10.73 20.36
CA ALA A 337 -21.13 10.05 21.63
C ALA A 337 -21.96 10.71 22.74
N TYR A 338 -22.03 12.03 22.73
CA TYR A 338 -22.84 12.72 23.73
C TYR A 338 -24.33 12.57 23.48
N SER A 339 -24.75 12.53 22.21
CA SER A 339 -26.16 12.31 21.93
C SER A 339 -26.59 10.89 22.29
N SER A 340 -25.77 9.90 21.94
CA SER A 340 -26.07 8.52 22.34
C SER A 340 -26.02 8.37 23.85
N TYR A 341 -25.20 9.18 24.53
CA TYR A 341 -25.23 9.23 25.98
C TYR A 341 -26.59 9.71 26.49
N VAL A 342 -27.13 10.76 25.88
CA VAL A 342 -28.41 11.30 26.32
C VAL A 342 -29.56 10.41 25.88
N HIS A 343 -29.56 9.98 24.62
CA HIS A 343 -30.62 9.15 24.05
C HIS A 343 -30.75 7.81 24.76
N GLN A 344 -29.67 7.32 25.35
CA GLN A 344 -29.67 6.02 25.99
C GLN A 344 -29.36 6.17 27.46
N TYR A 345 -29.61 7.37 28.02
CA TYR A 345 -29.40 7.59 29.43
C TYR A 345 -30.36 6.77 30.28
N SER A 346 -31.59 6.58 29.80
CA SER A 346 -32.60 5.80 30.51
C SER A 346 -32.50 4.31 30.19
N SER A 347 -31.58 3.92 29.31
CA SER A 347 -31.45 2.51 28.92
C SER A 347 -30.17 1.86 29.39
N GLY A 348 -29.08 2.60 29.61
CA GLY A 348 -27.86 2.02 30.11
C GLY A 348 -27.02 1.28 29.08
N LYS A 349 -27.37 1.36 27.80
CA LYS A 349 -26.63 0.68 26.74
C LYS A 349 -25.54 1.57 26.15
N PHE A 350 -24.68 2.11 27.01
CA PHE A 350 -23.65 3.06 26.60
C PHE A 350 -22.45 2.42 25.91
N ASP A 351 -22.56 1.16 25.48
CA ASP A 351 -21.46 0.53 24.76
C ASP A 351 -21.18 1.24 23.45
N ASN A 352 -22.24 1.62 22.72
CA ASN A 352 -22.06 2.38 21.49
C ASN A 352 -21.61 3.81 21.78
N ALA A 353 -22.15 4.43 22.82
CA ALA A 353 -21.75 5.79 23.17
C ALA A 353 -20.30 5.82 23.62
N LEU A 354 -19.87 4.82 24.39
CA LEU A 354 -18.47 4.75 24.79
C LEU A 354 -17.56 4.48 23.59
N PHE A 355 -18.03 3.65 22.65
CA PHE A 355 -17.23 3.36 21.46
C PHE A 355 -16.96 4.63 20.66
N HIS A 356 -17.98 5.46 20.50
CA HIS A 356 -17.79 6.73 19.79
C HIS A 356 -16.94 7.70 20.60
N ALA A 357 -17.10 7.71 21.92
CA ALA A 357 -16.35 8.61 22.78
C ALA A 357 -14.86 8.29 22.81
N GLU A 358 -14.48 7.03 22.93
CA GLU A 358 -13.06 6.68 22.90
C GLU A 358 -12.46 6.74 21.51
N ARG A 359 -13.30 6.70 20.47
CA ARG A 359 -12.80 6.89 19.11
C ARG A 359 -12.44 8.34 18.87
N ALA A 360 -13.19 9.27 19.45
CA ALA A 360 -12.89 10.69 19.28
C ALA A 360 -11.57 11.06 19.95
N ILE A 361 -11.35 10.57 21.17
CA ILE A 361 -10.09 10.85 21.86
C ILE A 361 -8.93 10.17 21.15
N GLY A 362 -9.16 8.97 20.63
CA GLY A 362 -8.12 8.28 19.89
C GLY A 362 -7.67 9.04 18.65
N ILE A 363 -8.60 9.74 18.01
CA ILE A 363 -8.23 10.58 16.87
C ILE A 363 -7.54 11.86 17.34
N ILE A 364 -8.11 12.52 18.35
CA ILE A 364 -7.64 13.85 18.72
C ILE A 364 -6.26 13.79 19.35
N THR A 365 -6.00 12.80 20.20
CA THR A 365 -4.69 12.70 20.82
C THR A 365 -3.60 12.41 19.79
N HIS A 366 -3.97 11.80 18.66
CA HIS A 366 -2.99 11.54 17.61
C HIS A 366 -2.63 12.81 16.84
N ILE A 367 -3.62 13.66 16.55
CA ILE A 367 -3.40 14.80 15.65
C ILE A 367 -3.31 16.13 16.37
N LEU A 368 -3.67 16.19 17.65
CA LEU A 368 -3.65 17.44 18.38
C LEU A 368 -2.84 17.27 19.66
N PRO A 369 -2.22 18.34 20.15
CA PRO A 369 -1.44 18.24 21.39
C PRO A 369 -2.33 17.99 22.60
N GLU A 370 -1.69 17.56 23.69
CA GLU A 370 -2.41 17.26 24.92
C GLU A 370 -2.93 18.51 25.63
N ASP A 371 -2.53 19.70 25.18
CA ASP A 371 -2.91 20.97 25.79
C ASP A 371 -3.91 21.72 24.92
N HIS A 372 -4.84 21.00 24.30
CA HIS A 372 -5.77 21.57 23.34
C HIS A 372 -7.18 21.49 23.89
N LEU A 373 -7.96 22.56 23.67
CA LEU A 373 -9.32 22.62 24.20
C LEU A 373 -10.20 21.54 23.58
N LEU A 374 -10.04 21.29 22.29
CA LEU A 374 -10.92 20.37 21.59
C LEU A 374 -10.73 18.93 22.07
N LEU A 375 -9.62 18.64 22.75
CA LEU A 375 -9.47 17.37 23.44
C LEU A 375 -10.28 17.32 24.72
N ALA A 376 -10.48 18.46 25.38
CA ALA A 376 -11.21 18.49 26.64
C ALA A 376 -12.67 18.08 26.46
N SER A 377 -13.31 18.53 25.38
CA SER A 377 -14.70 18.17 25.14
C SER A 377 -14.85 16.68 24.90
N SER A 378 -13.91 16.07 24.16
CA SER A 378 -13.95 14.63 23.95
C SER A 378 -13.74 13.86 25.24
N LYS A 379 -12.81 14.33 26.08
CA LYS A 379 -12.57 13.67 27.36
C LYS A 379 -13.78 13.76 28.27
N ARG A 380 -14.48 14.89 28.25
CA ARG A 380 -15.62 15.07 29.14
C ARG A 380 -16.79 14.18 28.74
N VAL A 381 -16.99 13.93 27.45
CA VAL A 381 -18.06 13.04 27.02
C VAL A 381 -17.77 11.60 27.45
N LYS A 382 -16.54 11.15 27.26
CA LYS A 382 -16.16 9.82 27.71
C LYS A 382 -16.24 9.72 29.22
N ALA A 383 -15.88 10.80 29.92
CA ALA A 383 -15.99 10.79 31.38
C ALA A 383 -17.45 10.69 31.82
N LEU A 384 -18.36 11.38 31.12
CA LEU A 384 -19.77 11.26 31.43
C LEU A 384 -20.29 9.86 31.18
N ILE A 385 -19.85 9.23 30.09
CA ILE A 385 -20.29 7.87 29.79
C ILE A 385 -19.72 6.89 30.81
N LEU A 386 -18.49 7.12 31.24
CA LEU A 386 -17.88 6.23 32.23
C LEU A 386 -18.54 6.35 33.60
N GLU A 387 -19.13 7.51 33.91
CA GLU A 387 -19.86 7.66 35.16
C GLU A 387 -21.03 6.69 35.22
N GLU A 388 -21.85 6.67 34.17
CA GLU A 388 -23.07 5.88 34.21
C GLU A 388 -22.79 4.38 34.01
N ILE A 389 -21.72 4.04 33.31
CA ILE A 389 -21.33 2.64 33.22
C ILE A 389 -20.84 2.14 34.57
N ALA A 390 -20.11 2.98 35.31
CA ALA A 390 -19.63 2.59 36.62
C ALA A 390 -20.77 2.37 37.61
N ILE A 391 -21.78 3.26 37.60
CA ILE A 391 -22.90 3.12 38.53
C ILE A 391 -23.90 2.07 38.08
N ASP A 392 -23.73 1.48 36.90
CA ASP A 392 -24.62 0.45 36.41
C ASP A 392 -23.97 -0.93 36.36
N CYS A 393 -22.69 -1.05 36.73
CA CYS A 393 -22.04 -2.35 36.78
C CYS A 393 -22.21 -2.93 38.20
N HIS A 394 -21.56 -4.04 38.47
CA HIS A 394 -21.70 -4.71 39.76
C HIS A 394 -20.40 -4.77 40.55
N ASN A 395 -19.27 -4.97 39.89
CA ASN A 395 -17.99 -5.08 40.60
C ASN A 395 -17.57 -3.71 41.12
N LYS A 396 -17.24 -3.64 42.41
CA LYS A 396 -16.83 -2.38 43.00
C LYS A 396 -15.43 -1.96 42.58
N GLU A 397 -14.60 -2.91 42.17
CA GLU A 397 -13.31 -2.54 41.59
C GLU A 397 -13.50 -1.75 40.30
N THR A 398 -14.45 -2.19 39.45
CA THR A 398 -14.81 -1.39 38.28
C THR A 398 -15.42 -0.06 38.70
N GLU A 399 -16.26 -0.06 39.74
CA GLU A 399 -16.87 1.17 40.21
C GLU A 399 -15.84 2.16 40.75
N GLN A 400 -14.67 1.69 41.17
CA GLN A 400 -13.63 2.58 41.65
C GLN A 400 -12.55 2.87 40.62
N ARG A 401 -12.47 2.09 39.55
CA ARG A 401 -11.53 2.37 38.47
C ARG A 401 -12.13 3.29 37.41
N LEU A 402 -13.36 3.00 36.97
CA LEU A 402 -14.02 3.85 35.99
C LEU A 402 -14.25 5.25 36.55
N LEU A 403 -14.66 5.35 37.82
CA LEU A 403 -14.87 6.66 38.41
C LEU A 403 -13.56 7.41 38.60
N GLN A 404 -12.45 6.71 38.87
CA GLN A 404 -11.16 7.38 38.95
C GLN A 404 -10.72 7.89 37.60
N GLU A 405 -10.94 7.10 36.54
CA GLU A 405 -10.64 7.59 35.19
C GLU A 405 -11.51 8.79 34.84
N ALA A 406 -12.78 8.76 35.21
CA ALA A 406 -13.66 9.90 34.98
C ALA A 406 -13.18 11.12 35.76
N HIS A 407 -12.66 10.91 36.97
CA HIS A 407 -12.12 12.02 37.74
C HIS A 407 -10.91 12.63 37.05
N ASP A 408 -10.02 11.79 36.53
CA ASP A 408 -8.86 12.30 35.81
C ASP A 408 -9.28 13.07 34.56
N LEU A 409 -10.25 12.54 33.82
CA LEU A 409 -10.72 13.20 32.61
C LEU A 409 -11.38 14.54 32.93
N HIS A 410 -12.21 14.58 33.96
CA HIS A 410 -12.86 15.84 34.33
C HIS A 410 -11.87 16.86 34.85
N LEU A 411 -10.85 16.43 35.60
CA LEU A 411 -9.84 17.37 36.04
C LEU A 411 -9.03 17.92 34.86
N SER A 412 -8.71 17.08 33.88
CA SER A 412 -8.01 17.57 32.69
C SER A 412 -8.87 18.57 31.93
N SER A 413 -10.16 18.24 31.75
CA SER A 413 -11.05 19.15 31.05
C SER A 413 -11.21 20.47 31.80
N LEU A 414 -11.33 20.39 33.13
CA LEU A 414 -11.48 21.60 33.93
C LEU A 414 -10.23 22.47 33.87
N GLN A 415 -9.04 21.86 33.94
CA GLN A 415 -7.84 22.68 33.89
C GLN A 415 -7.64 23.29 32.51
N LEU A 416 -8.02 22.57 31.44
CA LEU A 416 -7.93 23.15 30.10
C LEU A 416 -8.90 24.33 29.94
N ALA A 417 -10.16 24.14 30.36
CA ALA A 417 -11.15 25.19 30.22
C ALA A 417 -10.83 26.38 31.14
N LYS A 418 -10.21 26.13 32.28
CA LYS A 418 -9.83 27.22 33.17
C LYS A 418 -8.62 27.98 32.64
N LYS A 419 -7.66 27.26 32.04
CA LYS A 419 -6.52 27.93 31.43
C LYS A 419 -6.94 28.79 30.25
N ALA A 420 -7.86 28.30 29.42
CA ALA A 420 -8.22 29.04 28.22
C ALA A 420 -9.36 30.04 28.47
N PHE A 421 -10.53 29.54 28.86
CA PHE A 421 -11.68 30.41 29.05
C PHE A 421 -11.54 31.27 30.29
N GLY A 422 -11.15 30.66 31.41
CA GLY A 422 -11.03 31.35 32.67
C GLY A 422 -11.84 30.63 33.74
N GLU A 423 -12.08 31.33 34.84
CA GLU A 423 -12.81 30.77 35.97
C GLU A 423 -14.28 31.12 35.98
N PHE A 424 -14.66 32.30 35.49
CA PHE A 424 -16.03 32.77 35.53
C PHE A 424 -16.75 32.58 34.19
N ASN A 425 -16.48 31.49 33.49
CA ASN A 425 -17.14 31.22 32.23
C ASN A 425 -18.18 30.11 32.42
N VAL A 426 -18.88 29.78 31.33
CA VAL A 426 -19.94 28.80 31.39
C VAL A 426 -19.42 27.37 31.17
N GLN A 427 -18.40 27.20 30.32
CA GLN A 427 -17.84 25.87 30.12
C GLN A 427 -17.19 25.34 31.39
N THR A 428 -16.45 26.19 32.10
CA THR A 428 -15.91 25.76 33.38
C THR A 428 -17.00 25.61 34.43
N ALA A 429 -18.11 26.34 34.30
CA ALA A 429 -19.23 26.15 35.21
C ALA A 429 -19.86 24.78 35.03
N LYS A 430 -20.08 24.35 33.78
CA LYS A 430 -20.63 23.03 33.56
C LYS A 430 -19.60 21.94 33.82
N HIS A 431 -18.31 22.24 33.72
CA HIS A 431 -17.30 21.31 34.20
C HIS A 431 -17.40 21.13 35.71
N TYR A 432 -17.65 22.23 36.44
CA TYR A 432 -17.87 22.14 37.88
C TYR A 432 -19.13 21.33 38.19
N GLY A 433 -20.18 21.53 37.39
CA GLY A 433 -21.39 20.72 37.59
C GLY A 433 -21.16 19.25 37.34
N ASN A 434 -20.37 18.91 36.32
CA ASN A 434 -20.05 17.51 36.06
C ASN A 434 -19.17 16.94 37.17
N LEU A 435 -18.25 17.75 37.71
CA LEU A 435 -17.47 17.31 38.87
C LEU A 435 -18.37 17.06 40.07
N GLY A 436 -19.39 17.90 40.25
CA GLY A 436 -20.34 17.66 41.33
C GLY A 436 -21.11 16.36 41.15
N ARG A 437 -21.56 16.08 39.93
CA ARG A 437 -22.21 14.81 39.65
C ARG A 437 -21.27 13.64 39.93
N LEU A 438 -20.03 13.75 39.49
CA LEU A 438 -19.07 12.66 39.66
C LEU A 438 -18.76 12.45 41.15
N TYR A 439 -18.64 13.53 41.91
CA TYR A 439 -18.38 13.40 43.35
C TYR A 439 -19.60 12.85 44.08
N GLN A 440 -20.80 13.14 43.60
CA GLN A 440 -21.98 12.48 44.13
C GLN A 440 -21.93 10.99 43.86
N SER A 441 -21.49 10.60 42.66
CA SER A 441 -21.30 9.18 42.35
C SER A 441 -20.20 8.54 43.19
N MET A 442 -19.19 9.32 43.59
CA MET A 442 -18.06 8.82 44.37
C MET A 442 -18.26 8.94 45.87
N ARG A 443 -19.48 9.22 46.32
CA ARG A 443 -19.83 9.36 47.73
C ARG A 443 -19.07 10.48 48.43
N LYS A 444 -18.59 11.47 47.66
CA LYS A 444 -17.94 12.65 48.24
C LYS A 444 -18.98 13.77 48.25
N PHE A 445 -19.89 13.69 49.21
CA PHE A 445 -21.08 14.52 49.16
C PHE A 445 -20.78 15.98 49.48
N LYS A 446 -19.85 16.25 50.40
CA LYS A 446 -19.51 17.62 50.73
C LYS A 446 -18.85 18.33 49.55
N GLU A 447 -17.88 17.68 48.92
CA GLU A 447 -17.22 18.28 47.76
C GLU A 447 -18.17 18.35 46.57
N ALA A 448 -19.07 17.39 46.43
CA ALA A 448 -20.09 17.47 45.39
C ALA A 448 -21.00 18.68 45.61
N GLU A 449 -21.39 18.93 46.86
CA GLU A 449 -22.19 20.11 47.16
C GLU A 449 -21.44 21.38 46.85
N GLU A 450 -20.15 21.43 47.19
CA GLU A 450 -19.34 22.61 46.88
C GLU A 450 -19.25 22.83 45.38
N MET A 451 -19.01 21.77 44.60
CA MET A 451 -18.92 21.90 43.16
C MET A 451 -20.24 22.35 42.55
N HIS A 452 -21.35 21.78 43.00
CA HIS A 452 -22.64 22.15 42.45
C HIS A 452 -23.01 23.57 42.84
N ILE A 453 -22.65 24.01 44.04
CA ILE A 453 -22.88 25.39 44.44
C ILE A 453 -22.08 26.35 43.58
N LYS A 454 -20.82 26.00 43.30
CA LYS A 454 -20.01 26.84 42.41
C LYS A 454 -20.62 26.91 41.01
N ALA A 455 -21.07 25.77 40.50
CA ALA A 455 -21.67 25.76 39.17
C ALA A 455 -22.95 26.59 39.12
N ILE A 456 -23.80 26.46 40.14
CA ILE A 456 -25.04 27.24 40.19
C ILE A 456 -24.73 28.73 40.30
N GLN A 457 -23.74 29.08 41.13
CA GLN A 457 -23.37 30.49 41.27
C GLN A 457 -22.91 31.08 39.95
N ILE A 458 -22.02 30.37 39.25
CA ILE A 458 -21.49 30.89 37.99
C ILE A 458 -22.59 30.96 36.93
N LYS A 459 -23.45 29.93 36.85
CA LYS A 459 -24.48 29.93 35.82
C LYS A 459 -25.58 30.95 36.09
N GLU A 460 -25.91 31.19 37.37
CA GLU A 460 -26.87 32.24 37.68
C GLU A 460 -26.28 33.62 37.47
N GLN A 461 -24.96 33.77 37.67
CA GLN A 461 -24.33 35.06 37.44
C GLN A 461 -24.38 35.44 35.96
N LEU A 462 -24.29 34.47 35.06
CA LEU A 462 -24.21 34.72 33.63
C LEU A 462 -25.51 34.40 32.91
N LEU A 463 -26.02 33.18 33.05
CA LEU A 463 -27.12 32.68 32.24
C LEU A 463 -28.48 32.96 32.86
N GLY A 464 -28.71 34.21 33.25
CA GLY A 464 -30.00 34.59 33.80
C GLY A 464 -30.31 33.83 35.08
N GLN A 465 -31.59 33.46 35.22
CA GLN A 465 -32.01 32.65 36.35
C GLN A 465 -32.96 31.52 35.98
N GLU A 466 -33.48 31.47 34.76
CA GLU A 466 -34.41 30.44 34.33
C GLU A 466 -33.94 29.82 33.01
N ASP A 467 -32.67 29.45 32.96
CA ASP A 467 -32.07 28.93 31.75
C ASP A 467 -31.93 27.40 31.84
N TYR A 468 -31.68 26.78 30.69
CA TYR A 468 -31.55 25.32 30.60
C TYR A 468 -30.36 24.82 31.43
N GLU A 469 -29.21 25.46 31.31
CA GLU A 469 -28.01 24.98 32.00
C GLU A 469 -28.14 25.12 33.51
N VAL A 470 -28.64 26.27 33.98
CA VAL A 470 -28.82 26.45 35.41
C VAL A 470 -29.91 25.50 35.92
N ALA A 471 -30.89 25.18 35.08
CA ALA A 471 -31.89 24.17 35.47
C ALA A 471 -31.24 22.82 35.67
N LEU A 472 -30.33 22.41 34.77
CA LEU A 472 -29.64 21.15 34.94
C LEU A 472 -28.80 21.14 36.21
N SER A 473 -28.08 22.24 36.47
CA SER A 473 -27.23 22.28 37.66
C SER A 473 -28.08 22.27 38.94
N VAL A 474 -29.21 22.97 38.93
CA VAL A 474 -30.11 22.97 40.07
C VAL A 474 -30.67 21.57 40.30
N GLY A 475 -31.07 20.89 39.22
CA GLY A 475 -31.53 19.52 39.36
C GLY A 475 -30.48 18.59 39.94
N HIS A 476 -29.22 18.76 39.52
CA HIS A 476 -28.13 17.94 40.05
C HIS A 476 -27.93 18.20 41.54
N LEU A 477 -27.86 19.46 41.94
CA LEU A 477 -27.68 19.79 43.35
C LEU A 477 -28.84 19.29 44.18
N ALA A 478 -30.06 19.41 43.64
CA ALA A 478 -31.23 18.98 44.39
C ALA A 478 -31.31 17.46 44.51
N SER A 479 -30.89 16.73 43.49
CA SER A 479 -30.80 15.28 43.61
C SER A 479 -29.72 14.87 44.59
N LEU A 480 -28.63 15.65 44.68
CA LEU A 480 -27.62 15.37 45.70
C LEU A 480 -28.18 15.60 47.11
N TYR A 481 -28.90 16.70 47.31
CA TYR A 481 -29.49 16.98 48.61
C TYR A 481 -30.55 15.94 48.98
N ASN A 482 -31.41 15.57 48.04
CA ASN A 482 -32.56 14.74 48.35
C ASN A 482 -32.18 13.28 48.50
N TYR A 483 -31.65 12.67 47.44
CA TYR A 483 -31.43 11.23 47.44
C TYR A 483 -30.31 10.81 48.38
N ASP A 484 -29.31 11.67 48.58
CA ASP A 484 -28.11 11.26 49.31
C ASP A 484 -27.88 12.05 50.60
N MET A 485 -27.86 13.38 50.53
CA MET A 485 -27.54 14.19 51.70
C MET A 485 -28.73 14.36 52.65
N ASN A 486 -29.94 14.02 52.20
CA ASN A 486 -31.15 14.04 53.04
C ASN A 486 -31.45 15.43 53.60
N GLN A 487 -31.13 16.48 52.86
CA GLN A 487 -31.53 17.83 53.21
C GLN A 487 -32.76 18.17 52.39
N TYR A 488 -33.92 17.68 52.86
CA TYR A 488 -35.12 17.69 52.05
C TYR A 488 -35.70 19.09 51.87
N GLU A 489 -35.66 19.91 52.93
CA GLU A 489 -36.21 21.26 52.84
C GLU A 489 -35.42 22.13 51.87
N ASN A 490 -34.12 21.85 51.71
CA ASN A 490 -33.33 22.56 50.71
C ASN A 490 -33.62 22.06 49.30
N ALA A 491 -33.84 20.75 49.15
CA ALA A 491 -34.07 20.19 47.83
C ALA A 491 -35.47 20.50 47.30
N GLU A 492 -36.42 20.84 48.18
CA GLU A 492 -37.78 21.11 47.73
C GLU A 492 -37.83 22.32 46.79
N LYS A 493 -37.24 23.44 47.22
CA LYS A 493 -37.26 24.64 46.39
C LYS A 493 -36.51 24.43 45.08
N LEU A 494 -35.45 23.62 45.08
CA LEU A 494 -34.69 23.41 43.86
C LEU A 494 -35.44 22.52 42.88
N TYR A 495 -36.13 21.47 43.37
CA TYR A 495 -37.07 20.75 42.51
C TYR A 495 -38.15 21.66 41.94
N LEU A 496 -38.75 22.53 42.77
CA LEU A 496 -39.78 23.41 42.24
C LEU A 496 -39.24 24.35 41.17
N ARG A 497 -38.04 24.90 41.38
CA ARG A 497 -37.44 25.78 40.36
C ARG A 497 -37.12 25.01 39.09
N SER A 498 -36.63 23.77 39.22
CA SER A 498 -36.34 22.96 38.05
C SER A 498 -37.60 22.65 37.25
N ILE A 499 -38.69 22.32 37.96
CA ILE A 499 -39.96 22.08 37.28
C ILE A 499 -40.43 23.35 36.57
N ALA A 500 -40.30 24.51 37.23
CA ALA A 500 -40.73 25.76 36.62
C ALA A 500 -39.95 26.05 35.35
N ILE A 501 -38.64 25.88 35.38
CA ILE A 501 -37.82 26.15 34.21
C ILE A 501 -38.13 25.16 33.09
N GLY A 502 -38.25 23.87 33.43
CA GLY A 502 -38.51 22.88 32.42
C GLY A 502 -39.87 23.06 31.76
N LYS A 503 -40.87 23.47 32.53
CA LYS A 503 -42.18 23.73 31.94
C LYS A 503 -42.19 25.02 31.13
N LYS A 504 -41.44 26.03 31.57
CA LYS A 504 -41.42 27.31 30.84
C LYS A 504 -40.70 27.18 29.51
N LEU A 505 -39.60 26.42 29.47
CA LEU A 505 -38.79 26.35 28.26
C LEU A 505 -39.27 25.29 27.28
N PHE A 506 -39.30 24.04 27.71
CA PHE A 506 -39.59 22.91 26.83
C PHE A 506 -41.01 22.39 26.97
N GLY A 507 -41.85 23.07 27.74
CA GLY A 507 -43.20 22.58 27.97
C GLY A 507 -43.24 21.40 28.92
N GLU A 508 -44.24 20.54 28.73
CA GLU A 508 -44.45 19.38 29.60
C GLU A 508 -43.87 18.10 29.04
N GLY A 509 -43.11 18.17 27.95
CA GLY A 509 -42.49 17.00 27.36
C GLY A 509 -41.02 16.84 27.62
N TYR A 510 -40.46 17.58 28.57
CA TYR A 510 -39.02 17.56 28.83
C TYR A 510 -38.60 16.21 29.41
N SER A 511 -37.46 15.69 28.95
CA SER A 511 -37.02 14.37 29.38
C SER A 511 -36.58 14.36 30.83
N GLY A 512 -35.87 15.41 31.26
CA GLY A 512 -35.43 15.48 32.65
C GLY A 512 -36.55 15.69 33.64
N LEU A 513 -37.76 16.00 33.16
CA LEU A 513 -38.90 16.09 34.05
C LEU A 513 -39.20 14.76 34.72
N GLU A 514 -38.84 13.64 34.08
CA GLU A 514 -38.99 12.34 34.71
C GLU A 514 -38.14 12.23 35.96
N TYR A 515 -36.85 12.54 35.85
CA TYR A 515 -35.96 12.47 36.99
C TYR A 515 -36.37 13.47 38.06
N ASP A 516 -36.78 14.67 37.64
CA ASP A 516 -37.21 15.67 38.60
C ASP A 516 -38.46 15.23 39.36
N TYR A 517 -39.44 14.67 38.64
CA TYR A 517 -40.66 14.16 39.30
C TYR A 517 -40.36 12.99 40.22
N ARG A 518 -39.47 12.08 39.81
CA ARG A 518 -39.13 10.96 40.66
C ARG A 518 -38.45 11.42 41.94
N GLY A 519 -37.49 12.36 41.81
CA GLY A 519 -36.85 12.91 43.00
C GLY A 519 -37.84 13.64 43.89
N LEU A 520 -38.78 14.37 43.28
CA LEU A 520 -39.78 15.09 44.05
C LEU A 520 -40.73 14.14 44.76
N ILE A 521 -41.07 13.01 44.10
CA ILE A 521 -41.92 12.00 44.72
C ILE A 521 -41.23 11.40 45.94
N LYS A 522 -39.95 11.03 45.79
CA LYS A 522 -39.23 10.49 46.94
C LYS A 522 -39.06 11.54 48.03
N LEU A 523 -38.82 12.80 47.64
CA LEU A 523 -38.72 13.91 48.57
C LEU A 523 -39.96 14.03 49.44
N TYR A 524 -41.13 14.08 48.80
CA TYR A 524 -42.36 14.25 49.57
C TYR A 524 -42.78 12.95 50.26
N ASN A 525 -42.27 11.80 49.80
CA ASN A 525 -42.56 10.54 50.46
C ASN A 525 -41.79 10.42 51.76
N SER A 526 -40.55 10.91 51.78
CA SER A 526 -39.71 10.81 52.96
C SER A 526 -39.96 11.93 53.96
N ILE A 527 -40.87 12.86 53.66
CA ILE A 527 -41.20 13.92 54.61
C ILE A 527 -42.61 13.82 55.18
N GLY A 528 -43.58 13.25 54.46
CA GLY A 528 -44.90 13.03 54.99
C GLY A 528 -46.04 13.66 54.21
N ASN A 529 -45.78 14.20 53.02
CA ASN A 529 -46.82 14.85 52.22
C ASN A 529 -47.37 13.85 51.20
N TYR A 530 -48.05 12.83 51.73
CA TYR A 530 -48.37 11.64 50.93
C TYR A 530 -49.40 11.93 49.85
N GLU A 531 -50.32 12.85 50.11
CA GLU A 531 -51.31 13.18 49.08
C GLU A 531 -50.62 13.90 47.93
N LYS A 532 -49.60 14.69 48.24
CA LYS A 532 -48.76 15.27 47.19
C LYS A 532 -47.98 14.20 46.47
N VAL A 533 -47.58 13.14 47.18
CA VAL A 533 -46.88 12.03 46.54
C VAL A 533 -47.79 11.34 45.53
N PHE A 534 -49.07 11.14 45.89
CA PHE A 534 -50.02 10.55 44.95
C PHE A 534 -50.30 11.46 43.76
N GLU A 535 -50.48 12.77 44.03
CA GLU A 535 -50.74 13.68 42.91
C GLU A 535 -49.53 13.76 41.99
N TYR A 536 -48.32 13.59 42.52
CA TYR A 536 -47.15 13.57 41.67
C TYR A 536 -46.99 12.24 40.94
N HIS A 537 -47.48 11.13 41.50
CA HIS A 537 -47.59 9.91 40.71
C HIS A 537 -48.51 10.10 39.51
N ASN A 538 -49.68 10.70 39.71
CA ASN A 538 -50.55 10.85 38.54
C ASN A 538 -50.02 11.90 37.58
N VAL A 539 -49.30 12.91 38.08
CA VAL A 539 -48.64 13.88 37.20
C VAL A 539 -47.56 13.18 36.37
N LEU A 540 -46.78 12.30 37.00
CA LEU A 540 -45.76 11.54 36.28
C LEU A 540 -46.39 10.60 35.25
N SER A 541 -47.53 9.99 35.59
CA SER A 541 -48.22 9.14 34.63
C SER A 541 -48.72 9.95 33.44
N ASN A 542 -49.25 11.15 33.70
CA ASN A 542 -49.67 12.03 32.61
C ASN A 542 -48.47 12.45 31.77
N TRP A 543 -47.33 12.71 32.40
CA TRP A 543 -46.12 13.04 31.67
C TRP A 543 -45.68 11.90 30.78
N ASN A 544 -45.73 10.66 31.30
CA ASN A 544 -45.33 9.51 30.50
C ASN A 544 -46.27 9.30 29.32
N ARG A 545 -47.58 9.46 29.55
CA ARG A 545 -48.53 9.36 28.45
C ARG A 545 -48.28 10.44 27.39
N LEU A 546 -47.98 11.67 27.84
CA LEU A 546 -47.70 12.75 26.91
C LEU A 546 -46.43 12.50 26.12
N ARG A 547 -45.40 11.93 26.76
CA ARG A 547 -44.17 11.62 26.05
C ARG A 547 -44.38 10.49 25.05
N ASP A 548 -45.20 9.50 25.41
CA ASP A 548 -45.54 8.44 24.47
C ASP A 548 -46.30 9.00 23.27
N ARG A 549 -47.19 9.96 23.50
CA ARG A 549 -47.87 10.62 22.39
C ARG A 549 -46.89 11.42 21.54
N GLN A 550 -45.95 12.11 22.18
CA GLN A 550 -44.96 12.92 21.49
C GLN A 550 -43.89 12.08 20.79
N TYR A 551 -43.83 10.77 21.06
CA TYR A 551 -42.86 9.92 20.39
C TYR A 551 -43.12 9.82 18.89
N SER A 552 -44.35 10.09 18.45
CA SER A 552 -44.72 9.99 17.04
C SER A 552 -44.26 11.25 16.32
N VAL A 553 -42.95 11.31 16.05
CA VAL A 553 -42.35 12.39 15.28
C VAL A 553 -41.57 11.76 14.13
N THR A 554 -41.80 12.27 12.92
CA THR A 554 -41.09 11.77 11.75
C THR A 554 -39.62 12.17 11.83
N ASP A 555 -38.81 11.55 10.97
CA ASP A 555 -37.38 11.79 10.97
C ASP A 555 -37.07 13.23 10.60
N ALA A 556 -36.02 13.79 11.22
CA ALA A 556 -35.71 15.20 11.08
C ALA A 556 -35.20 15.55 9.68
N LEU A 557 -34.78 14.57 8.90
CA LEU A 557 -34.36 14.83 7.53
C LEU A 557 -35.51 14.94 6.56
N GLU A 558 -36.74 14.67 7.02
CA GLU A 558 -37.93 14.85 6.19
C GLU A 558 -38.74 16.08 6.57
N ASP A 559 -38.41 16.75 7.68
CA ASP A 559 -39.13 17.95 8.06
C ASP A 559 -38.83 19.10 7.10
N VAL A 560 -37.60 19.17 6.58
CA VAL A 560 -37.25 20.27 5.68
C VAL A 560 -37.98 20.16 4.35
N SER A 561 -38.27 18.93 3.91
CA SER A 561 -38.98 18.64 2.66
C SER A 561 -38.19 19.23 1.49
N THR A 562 -38.88 19.58 0.39
CA THR A 562 -38.25 20.13 -0.79
C THR A 562 -38.73 21.56 -0.99
N SER A 563 -37.78 22.50 -1.03
CA SER A 563 -38.01 23.93 -1.18
C SER A 563 -39.01 24.46 -0.16
N PRO A 564 -38.68 24.45 1.14
CA PRO A 564 -39.62 24.96 2.15
C PRO A 564 -39.80 26.47 2.05
N GLN A 565 -38.70 27.21 2.06
CA GLN A 565 -38.70 28.66 1.96
C GLN A 565 -37.51 29.08 1.12
N SER A 566 -37.19 30.37 1.14
CA SER A 566 -35.98 30.90 0.53
C SER A 566 -35.23 31.74 1.55
N THR A 567 -34.02 32.16 1.16
CA THR A 567 -33.14 32.87 2.09
C THR A 567 -33.74 34.20 2.53
N GLU A 568 -34.33 34.95 1.60
CA GLU A 568 -34.85 36.28 1.94
C GLU A 568 -35.99 36.18 2.93
N GLU A 569 -36.90 35.23 2.74
CA GLU A 569 -38.04 35.08 3.64
C GLU A 569 -37.59 34.74 5.06
N VAL A 570 -36.68 33.77 5.19
CA VAL A 570 -36.25 33.34 6.51
C VAL A 570 -35.46 34.43 7.22
N VAL A 571 -34.55 35.09 6.50
CA VAL A 571 -33.77 36.18 7.08
C VAL A 571 -34.68 37.31 7.52
N GLN A 572 -35.64 37.69 6.67
CA GLN A 572 -36.56 38.78 7.03
C GLN A 572 -37.44 38.39 8.20
N SER A 573 -37.90 37.14 8.26
CA SER A 573 -38.70 36.70 9.39
C SER A 573 -37.91 36.77 10.69
N PHE A 574 -36.66 36.32 10.66
CA PHE A 574 -35.82 36.41 11.86
C PHE A 574 -35.56 37.86 12.25
N LEU A 575 -35.35 38.74 11.25
CA LEU A 575 -35.06 40.14 11.53
C LEU A 575 -36.26 40.84 12.14
N ILE A 576 -37.47 40.61 11.59
CA ILE A 576 -38.65 41.24 12.14
C ILE A 576 -39.06 40.58 13.46
N SER A 577 -38.61 39.37 13.72
CA SER A 577 -38.84 38.72 15.01
C SER A 577 -37.75 39.08 16.00
N GLN A 578 -37.51 40.38 16.16
CA GLN A 578 -36.49 40.92 17.07
C GLN A 578 -35.10 40.35 16.82
N ASP B 2 -13.11 -16.01 -35.42
CA ASP B 2 -13.18 -14.58 -35.71
C ASP B 2 -11.78 -13.99 -35.66
N VAL B 3 -11.36 -13.38 -36.77
CA VAL B 3 -10.00 -12.90 -36.94
C VAL B 3 -10.04 -11.42 -37.31
N PHE B 4 -9.12 -10.64 -36.73
CA PHE B 4 -9.08 -9.19 -36.90
C PHE B 4 -7.75 -8.81 -37.55
N LEU B 5 -7.81 -7.95 -38.57
CA LEU B 5 -6.65 -7.66 -39.40
C LEU B 5 -6.47 -6.16 -39.56
N MET B 6 -5.31 -5.78 -40.12
CA MET B 6 -5.02 -4.42 -40.56
C MET B 6 -4.48 -4.52 -41.99
N ILE B 7 -5.31 -4.14 -42.97
CA ILE B 7 -4.81 -4.03 -44.33
C ILE B 7 -4.09 -2.71 -44.48
N ARG B 8 -2.83 -2.77 -44.93
CA ARG B 8 -1.87 -1.68 -44.75
C ARG B 8 -1.29 -1.24 -46.09
N ARG B 9 -2.17 -0.90 -47.02
CA ARG B 9 -1.78 -0.31 -48.30
C ARG B 9 -1.17 1.07 -48.12
N HIS B 10 0.16 1.11 -48.08
CA HIS B 10 0.92 2.31 -47.72
C HIS B 10 0.44 2.92 -46.41
N LYS B 11 -0.14 4.11 -46.49
CA LYS B 11 -0.56 4.82 -45.28
C LYS B 11 -1.95 4.44 -44.80
N THR B 12 -2.78 3.85 -45.65
CA THR B 12 -4.12 3.44 -45.23
C THR B 12 -4.02 2.24 -44.27
N THR B 13 -5.03 2.08 -43.42
CA THR B 13 -5.08 0.95 -42.52
C THR B 13 -6.55 0.59 -42.32
N ILE B 14 -6.89 -0.65 -42.66
CA ILE B 14 -8.28 -1.10 -42.57
C ILE B 14 -8.45 -2.04 -41.39
N PHE B 15 -9.21 -1.62 -40.38
CA PHE B 15 -9.47 -2.47 -39.24
C PHE B 15 -10.76 -3.25 -39.44
N THR B 16 -10.72 -4.25 -40.30
CA THR B 16 -11.89 -5.08 -40.59
C THR B 16 -11.84 -6.37 -39.78
N ASP B 17 -12.98 -7.03 -39.71
CA ASP B 17 -13.13 -8.29 -39.00
C ASP B 17 -13.64 -9.35 -39.94
N ALA B 18 -13.18 -10.58 -39.75
CA ALA B 18 -13.60 -11.70 -40.58
C ALA B 18 -13.49 -12.97 -39.76
N LYS B 19 -14.06 -14.05 -40.29
CA LYS B 19 -13.98 -15.34 -39.64
C LYS B 19 -12.77 -16.12 -40.16
N GLU B 20 -12.33 -17.10 -39.36
CA GLU B 20 -11.26 -17.97 -39.81
C GLU B 20 -11.70 -18.81 -41.00
N SER B 21 -12.96 -19.26 -41.00
CA SER B 21 -13.48 -20.04 -42.12
C SER B 21 -13.68 -19.20 -43.37
N SER B 22 -13.66 -17.88 -43.25
CA SER B 22 -13.79 -17.02 -44.41
C SER B 22 -12.58 -17.15 -45.31
N THR B 23 -12.79 -16.94 -46.61
CA THR B 23 -11.72 -17.06 -47.59
C THR B 23 -11.03 -15.72 -47.79
N VAL B 24 -9.87 -15.78 -48.45
CA VAL B 24 -9.13 -14.57 -48.80
C VAL B 24 -9.92 -13.72 -49.79
N PHE B 25 -10.67 -14.37 -50.67
CA PHE B 25 -11.46 -13.63 -51.64
C PHE B 25 -12.56 -12.82 -50.97
N GLU B 26 -13.10 -13.30 -49.84
CA GLU B 26 -14.05 -12.50 -49.09
C GLU B 26 -13.38 -11.25 -48.50
N LEU B 27 -12.13 -11.39 -48.06
CA LEU B 27 -11.38 -10.23 -47.59
C LEU B 27 -11.13 -9.24 -48.73
N LYS B 28 -10.82 -9.74 -49.92
CA LYS B 28 -10.68 -8.87 -51.07
C LYS B 28 -12.01 -8.19 -51.42
N ARG B 29 -13.12 -8.90 -51.22
CA ARG B 29 -14.43 -8.28 -51.41
C ARG B 29 -14.68 -7.17 -50.39
N ILE B 30 -14.21 -7.36 -49.15
CA ILE B 30 -14.32 -6.31 -48.14
C ILE B 30 -13.53 -5.08 -48.57
N VAL B 31 -12.30 -5.29 -49.02
CA VAL B 31 -11.48 -4.16 -49.49
C VAL B 31 -12.12 -3.51 -50.71
N GLU B 32 -12.77 -4.31 -51.57
CA GLU B 32 -13.55 -3.75 -52.67
C GLU B 32 -14.67 -2.87 -52.15
N GLY B 33 -15.37 -3.32 -51.10
CA GLY B 33 -16.41 -2.52 -50.51
C GLY B 33 -15.91 -1.26 -49.84
N ILE B 34 -14.63 -1.20 -49.51
CA ILE B 34 -14.04 -0.03 -48.87
C ILE B 34 -13.24 0.84 -49.85
N LEU B 35 -12.31 0.22 -50.58
CA LEU B 35 -11.45 0.97 -51.50
C LEU B 35 -11.98 1.07 -52.92
N LYS B 36 -13.14 0.45 -53.20
CA LYS B 36 -13.76 0.50 -54.53
C LYS B 36 -12.81 -0.02 -55.62
N ARG B 37 -12.09 -1.09 -55.31
CA ARG B 37 -11.18 -1.72 -56.24
C ARG B 37 -11.57 -3.19 -56.42
N PRO B 38 -11.66 -3.69 -57.65
CA PRO B 38 -12.08 -5.08 -57.84
C PRO B 38 -11.08 -6.04 -57.25
N PRO B 39 -11.50 -7.23 -56.84
CA PRO B 39 -10.58 -8.18 -56.19
C PRO B 39 -9.42 -8.62 -57.09
N ASP B 40 -9.58 -8.56 -58.41
CA ASP B 40 -8.46 -8.88 -59.29
C ASP B 40 -7.37 -7.83 -59.24
N GLU B 41 -7.69 -6.61 -58.79
CA GLU B 41 -6.70 -5.55 -58.69
C GLU B 41 -5.86 -5.66 -57.42
N GLN B 42 -6.31 -6.41 -56.43
CA GLN B 42 -5.66 -6.49 -55.14
C GLN B 42 -4.82 -7.76 -55.02
N ARG B 43 -3.69 -7.65 -54.32
CA ARG B 43 -2.84 -8.79 -53.99
C ARG B 43 -2.45 -8.67 -52.53
N LEU B 44 -2.91 -9.61 -51.71
CA LEU B 44 -2.68 -9.57 -50.27
C LEU B 44 -1.38 -10.28 -49.92
N TYR B 45 -0.65 -9.71 -48.97
CA TYR B 45 0.63 -10.25 -48.53
C TYR B 45 0.63 -10.37 -47.02
N LYS B 46 1.03 -11.53 -46.51
CA LYS B 46 1.19 -11.76 -45.08
C LYS B 46 2.65 -12.09 -44.82
N ASP B 47 3.35 -11.18 -44.14
CA ASP B 47 4.77 -11.32 -43.81
C ASP B 47 5.60 -11.58 -45.07
N ASP B 48 5.35 -10.75 -46.10
CA ASP B 48 6.00 -10.85 -47.40
C ASP B 48 5.77 -12.21 -48.04
N GLN B 49 4.57 -12.77 -47.84
CA GLN B 49 4.16 -14.02 -48.45
C GLN B 49 2.75 -13.86 -48.98
N LEU B 50 2.56 -14.11 -50.27
CA LEU B 50 1.29 -13.87 -50.92
C LEU B 50 0.23 -14.87 -50.45
N LEU B 51 -1.03 -14.44 -50.48
CA LEU B 51 -2.15 -15.26 -50.05
C LEU B 51 -2.94 -15.71 -51.28
N ASP B 52 -3.12 -17.02 -51.42
CA ASP B 52 -3.92 -17.56 -52.50
C ASP B 52 -5.40 -17.28 -52.26
N ASP B 53 -6.13 -17.07 -53.36
CA ASP B 53 -7.55 -16.72 -53.25
C ASP B 53 -8.36 -17.87 -52.65
N GLY B 54 -8.05 -19.11 -53.06
CA GLY B 54 -8.80 -20.25 -52.56
C GLY B 54 -8.50 -20.60 -51.12
N LYS B 55 -7.35 -20.18 -50.60
CA LYS B 55 -7.00 -20.49 -49.22
C LYS B 55 -7.91 -19.72 -48.25
N THR B 56 -8.31 -20.41 -47.19
CA THR B 56 -9.06 -19.75 -46.13
C THR B 56 -8.12 -18.88 -45.29
N LEU B 57 -8.72 -18.01 -44.48
CA LEU B 57 -7.92 -17.14 -43.62
C LEU B 57 -7.15 -17.95 -42.58
N GLY B 58 -7.78 -18.99 -42.03
CA GLY B 58 -7.06 -19.86 -41.10
C GLY B 58 -5.99 -20.68 -41.77
N GLU B 59 -6.14 -20.95 -43.07
CA GLU B 59 -5.12 -21.70 -43.80
C GLU B 59 -3.82 -20.90 -43.93
N CYS B 60 -3.94 -19.60 -44.16
CA CYS B 60 -2.77 -18.76 -44.39
C CYS B 60 -2.03 -18.41 -43.10
N GLY B 61 -2.59 -18.69 -41.94
CA GLY B 61 -1.90 -18.43 -40.69
C GLY B 61 -2.51 -17.29 -39.90
N PHE B 62 -3.82 -17.13 -39.97
CA PHE B 62 -4.54 -16.10 -39.23
C PHE B 62 -5.49 -16.79 -38.26
N THR B 63 -4.98 -17.12 -37.08
CA THR B 63 -5.79 -17.72 -36.03
C THR B 63 -6.27 -16.64 -35.06
N SER B 64 -7.26 -16.99 -34.26
CA SER B 64 -7.83 -16.07 -33.29
C SER B 64 -6.95 -15.91 -32.04
N GLN B 65 -5.72 -16.39 -32.08
CA GLN B 65 -4.78 -16.23 -30.98
C GLN B 65 -3.67 -15.24 -31.27
N THR B 66 -3.35 -15.00 -32.54
CA THR B 66 -2.34 -14.03 -32.92
C THR B 66 -2.92 -12.81 -33.62
N ALA B 67 -4.21 -12.81 -33.92
CA ALA B 67 -4.88 -11.67 -34.55
C ALA B 67 -6.12 -11.29 -33.76
N ARG B 68 -5.96 -11.21 -32.44
CA ARG B 68 -7.02 -10.80 -31.54
C ARG B 68 -7.33 -9.32 -31.74
N PRO B 69 -8.51 -8.85 -31.34
CA PRO B 69 -8.86 -7.44 -31.59
C PRO B 69 -7.91 -6.45 -30.97
N GLN B 70 -7.37 -6.76 -29.80
CA GLN B 70 -6.45 -5.87 -29.10
C GLN B 70 -5.06 -5.84 -29.73
N ALA B 71 -4.78 -6.71 -30.69
CA ALA B 71 -3.51 -6.73 -31.42
C ALA B 71 -3.70 -7.40 -32.78
N PRO B 72 -4.32 -6.75 -33.75
CA PRO B 72 -4.61 -7.40 -35.02
C PRO B 72 -3.35 -7.65 -35.83
N ALA B 73 -3.45 -8.60 -36.75
CA ALA B 73 -2.33 -9.04 -37.57
C ALA B 73 -2.27 -8.22 -38.85
N THR B 74 -1.09 -7.71 -39.17
CA THR B 74 -0.89 -6.93 -40.37
C THR B 74 -1.03 -7.79 -41.62
N VAL B 75 -1.83 -7.29 -42.56
CA VAL B 75 -1.99 -7.93 -43.86
C VAL B 75 -1.67 -6.90 -44.94
N GLY B 76 -0.61 -7.13 -45.70
CA GLY B 76 -0.22 -6.23 -46.77
C GLY B 76 -1.22 -6.28 -47.90
N LEU B 77 -1.16 -5.28 -48.77
CA LEU B 77 -2.02 -5.22 -49.94
C LEU B 77 -1.41 -4.30 -50.99
N ALA B 78 -1.61 -4.66 -52.24
CA ALA B 78 -1.09 -3.90 -53.37
C ALA B 78 -2.19 -3.74 -54.42
N PHE B 79 -2.06 -2.68 -55.21
CA PHE B 79 -3.05 -2.35 -56.24
C PHE B 79 -2.40 -2.48 -57.61
N ARG B 80 -3.15 -3.01 -58.57
CA ARG B 80 -2.64 -3.16 -59.92
C ARG B 80 -2.50 -1.79 -60.58
N ALA B 81 -1.34 -1.55 -61.17
CA ALA B 81 -1.04 -0.29 -61.86
C ALA B 81 -0.61 -0.62 -63.28
N ASP B 82 -1.52 -0.43 -64.23
CA ASP B 82 -1.27 -0.65 -65.66
C ASP B 82 -0.83 -2.09 -65.93
N ASP B 83 -1.72 -3.02 -65.57
CA ASP B 83 -1.51 -4.46 -65.79
C ASP B 83 -0.27 -4.99 -65.08
N THR B 84 0.12 -4.35 -63.97
CA THR B 84 1.24 -4.81 -63.17
C THR B 84 0.81 -4.95 -61.72
N PHE B 85 1.77 -5.18 -60.82
CA PHE B 85 1.49 -5.22 -59.38
C PHE B 85 2.71 -4.73 -58.65
N GLU B 86 2.56 -3.63 -57.92
CA GLU B 86 3.66 -3.13 -57.10
C GLU B 86 3.87 -4.04 -55.90
N ALA B 87 5.09 -4.00 -55.35
CA ALA B 87 5.38 -4.76 -54.14
C ALA B 87 4.71 -4.10 -52.94
N LEU B 88 4.66 -4.83 -51.84
CA LEU B 88 4.09 -4.27 -50.62
C LEU B 88 4.95 -3.11 -50.13
N CYS B 89 4.29 -2.02 -49.75
CA CYS B 89 4.95 -0.81 -49.31
C CYS B 89 4.33 -0.32 -48.01
N ILE B 90 4.23 -1.24 -47.05
CA ILE B 90 3.65 -0.91 -45.74
C ILE B 90 4.59 0.06 -45.05
N GLU B 91 4.21 1.32 -44.99
CA GLU B 91 5.03 2.31 -44.32
C GLU B 91 4.89 2.18 -42.81
N PRO B 92 6.00 2.26 -42.07
CA PRO B 92 5.94 2.05 -40.64
C PRO B 92 5.24 3.19 -39.91
N PHE B 93 4.65 2.86 -38.77
CA PHE B 93 4.03 3.86 -37.93
C PHE B 93 5.11 4.74 -37.33
N SER B 94 4.72 5.91 -36.83
CA SER B 94 5.67 6.83 -36.20
C SER B 94 6.33 6.17 -34.99
N SER B 95 7.63 6.32 -34.87
CA SER B 95 8.36 5.73 -33.75
C SER B 95 7.98 6.45 -32.45
N PRO B 96 7.56 5.71 -31.42
CA PRO B 96 7.21 6.38 -30.16
C PRO B 96 8.44 6.97 -29.51
N PRO B 97 8.28 8.02 -28.70
CA PRO B 97 9.43 8.56 -27.96
C PRO B 97 10.06 7.52 -27.07
N GLU B 98 11.31 7.14 -27.38
CA GLU B 98 11.98 6.04 -26.70
C GLU B 98 12.28 6.46 -25.26
N LEU B 99 11.53 5.90 -24.32
CA LEU B 99 11.77 6.19 -22.91
C LEU B 99 13.09 5.57 -22.47
N PRO B 100 14.01 6.35 -21.91
CA PRO B 100 15.31 5.79 -21.54
C PRO B 100 15.19 4.85 -20.35
N ASP B 101 16.06 3.85 -20.32
CA ASP B 101 16.10 2.92 -19.21
C ASP B 101 16.60 3.63 -17.96
N VAL B 102 15.90 3.43 -16.85
CA VAL B 102 16.24 4.13 -15.62
C VAL B 102 17.57 3.64 -15.04
N MET B 103 17.98 2.43 -15.38
CA MET B 103 19.22 1.83 -14.87
C MET B 103 20.40 2.04 -15.81
N LYS B 104 20.22 2.80 -16.88
CA LYS B 104 21.35 3.14 -17.74
C LYS B 104 22.25 4.13 -17.01
N PRO B 105 23.52 3.81 -16.81
CA PRO B 105 24.42 4.76 -16.11
C PRO B 105 24.63 6.02 -16.92
N GLN B 106 24.85 7.12 -16.19
CA GLN B 106 25.09 8.42 -16.81
C GLN B 106 26.45 8.45 -17.53
N MET C 1 -20.68 3.37 -43.46
CA MET C 1 -20.44 2.48 -42.32
C MET C 1 -18.96 2.42 -41.98
N TYR C 2 -18.14 3.14 -42.75
CA TYR C 2 -16.70 3.19 -42.51
C TYR C 2 -16.27 4.65 -42.48
N VAL C 3 -15.34 4.97 -41.57
CA VAL C 3 -14.82 6.31 -41.42
C VAL C 3 -13.31 6.27 -41.45
N LYS C 4 -12.70 7.23 -42.15
CA LYS C 4 -11.26 7.28 -42.36
C LYS C 4 -10.65 8.23 -41.35
N LEU C 5 -10.02 7.68 -40.32
CA LEU C 5 -9.46 8.48 -39.22
C LEU C 5 -8.04 8.90 -39.60
N ILE C 6 -7.95 10.01 -40.34
CA ILE C 6 -6.65 10.49 -40.79
C ILE C 6 -5.86 11.00 -39.61
N SER C 7 -4.60 10.57 -39.51
CA SER C 7 -3.75 10.94 -38.39
C SER C 7 -2.94 12.18 -38.73
N SER C 8 -2.02 12.57 -37.85
CA SER C 8 -1.21 13.76 -38.09
C SER C 8 -0.13 13.51 -39.12
N ASP C 9 0.31 12.27 -39.29
CA ASP C 9 1.36 11.94 -40.25
C ASP C 9 0.81 11.60 -41.63
N GLY C 10 -0.50 11.62 -41.81
CA GLY C 10 -1.11 11.22 -43.06
C GLY C 10 -1.64 9.81 -43.09
N HIS C 11 -1.46 9.04 -42.02
CA HIS C 11 -2.00 7.70 -41.97
C HIS C 11 -3.52 7.74 -41.90
N GLU C 12 -4.16 6.88 -42.69
CA GLU C 12 -5.61 6.91 -42.88
C GLU C 12 -6.20 5.60 -42.36
N PHE C 13 -6.47 5.56 -41.06
CA PHE C 13 -7.00 4.35 -40.43
C PHE C 13 -8.48 4.24 -40.71
N ILE C 14 -8.84 3.42 -41.70
CA ILE C 14 -10.23 3.25 -42.08
C ILE C 14 -10.89 2.29 -41.10
N VAL C 15 -11.60 2.82 -40.11
CA VAL C 15 -12.26 1.98 -39.14
C VAL C 15 -13.77 2.05 -39.34
N LYS C 16 -14.47 1.00 -38.88
CA LYS C 16 -15.92 0.94 -39.03
C LYS C 16 -16.57 2.06 -38.21
N ARG C 17 -17.67 2.59 -38.74
CA ARG C 17 -18.30 3.76 -38.13
C ARG C 17 -18.86 3.42 -36.74
N GLU C 18 -19.38 2.22 -36.57
CA GLU C 18 -19.85 1.82 -35.24
C GLU C 18 -18.70 1.76 -34.25
N HIS C 19 -17.52 1.33 -34.71
CA HIS C 19 -16.35 1.31 -33.84
C HIS C 19 -15.93 2.71 -33.42
N ALA C 20 -15.87 3.64 -34.38
CA ALA C 20 -15.34 4.97 -34.08
C ALA C 20 -16.27 5.78 -33.20
N LEU C 21 -17.58 5.53 -33.27
CA LEU C 21 -18.52 6.24 -32.41
C LEU C 21 -18.46 5.78 -30.97
N THR C 22 -17.54 4.87 -30.61
CA THR C 22 -17.28 4.59 -29.21
C THR C 22 -16.77 5.82 -28.49
N SER C 23 -15.88 6.57 -29.12
CA SER C 23 -15.35 7.79 -28.54
C SER C 23 -16.31 8.95 -28.74
N GLY C 24 -16.49 9.74 -27.68
CA GLY C 24 -17.39 10.88 -27.77
C GLY C 24 -16.90 11.95 -28.71
N THR C 25 -15.59 12.18 -28.75
CA THR C 25 -15.05 13.26 -29.57
C THR C 25 -15.18 12.97 -31.05
N ILE C 26 -14.95 11.72 -31.48
CA ILE C 26 -15.15 11.39 -32.88
C ILE C 26 -16.64 11.44 -33.23
N LYS C 27 -17.51 11.06 -32.29
CA LYS C 27 -18.94 11.22 -32.50
C LYS C 27 -19.31 12.69 -32.70
N ALA C 28 -18.69 13.58 -31.93
CA ALA C 28 -18.95 15.01 -32.09
C ALA C 28 -18.37 15.53 -33.39
N MET C 29 -17.20 15.03 -33.79
CA MET C 29 -16.59 15.43 -35.05
C MET C 29 -17.44 15.00 -36.24
N LEU C 30 -18.10 13.84 -36.13
CA LEU C 30 -18.96 13.32 -37.17
C LEU C 30 -20.39 13.83 -37.07
N SER C 31 -20.63 14.84 -36.25
CA SER C 31 -21.94 15.45 -36.10
C SER C 31 -21.86 16.92 -36.49
N GLY C 32 -22.73 17.35 -37.39
CA GLY C 32 -22.76 18.71 -37.83
C GLY C 32 -22.13 18.88 -39.20
N PRO C 33 -21.29 19.91 -39.35
CA PRO C 33 -20.56 20.08 -40.62
C PRO C 33 -19.55 18.97 -40.90
N GLY C 34 -19.18 18.17 -39.91
CA GLY C 34 -18.23 17.10 -40.13
C GLY C 34 -18.77 15.88 -40.84
N GLN C 35 -20.09 15.75 -40.95
CA GLN C 35 -20.72 14.62 -41.62
C GLN C 35 -21.13 14.96 -43.05
N PHE C 36 -20.65 16.08 -43.59
CA PHE C 36 -21.00 16.49 -44.95
C PHE C 36 -20.14 15.80 -46.00
N ALA C 37 -19.21 14.95 -45.61
CA ALA C 37 -18.35 14.25 -46.57
C ALA C 37 -19.19 13.22 -47.30
N GLU C 38 -19.57 13.54 -48.54
CA GLU C 38 -20.41 12.66 -49.34
C GLU C 38 -19.63 11.48 -49.90
N ASN C 39 -18.31 11.59 -50.02
CA ASN C 39 -17.52 10.56 -50.67
C ASN C 39 -17.36 9.33 -49.79
N GLU C 40 -18.45 8.57 -49.62
CA GLU C 40 -18.46 7.32 -48.87
C GLU C 40 -17.99 7.50 -47.44
N THR C 41 -16.72 7.24 -47.19
CA THR C 41 -16.17 7.33 -45.84
C THR C 41 -16.01 8.79 -45.42
N ASN C 42 -16.26 9.05 -44.13
CA ASN C 42 -16.09 10.37 -43.56
C ASN C 42 -14.68 10.52 -43.03
N GLU C 43 -13.88 11.36 -43.69
CA GLU C 43 -12.49 11.55 -43.28
C GLU C 43 -12.44 12.44 -42.05
N VAL C 44 -11.85 11.93 -40.98
CA VAL C 44 -11.67 12.67 -39.72
C VAL C 44 -10.19 12.99 -39.57
N ASN C 45 -9.85 14.26 -39.52
CA ASN C 45 -8.47 14.70 -39.42
C ASN C 45 -8.07 14.84 -37.96
N PHE C 46 -6.89 14.36 -37.62
CA PHE C 46 -6.41 14.25 -36.24
C PHE C 46 -5.01 14.84 -36.11
N ARG C 47 -4.86 16.08 -36.57
CA ARG C 47 -3.57 16.76 -36.71
C ARG C 47 -2.68 16.74 -35.46
N GLU C 48 -3.24 16.39 -34.30
CA GLU C 48 -2.45 16.29 -33.08
C GLU C 48 -2.04 14.87 -32.73
N ILE C 49 -2.91 13.89 -32.98
CA ILE C 49 -2.66 12.50 -32.61
C ILE C 49 -1.73 11.85 -33.61
N PRO C 50 -0.59 11.29 -33.18
CA PRO C 50 0.34 10.65 -34.12
C PRO C 50 -0.21 9.31 -34.59
N SER C 51 0.48 8.73 -35.58
CA SER C 51 0.02 7.48 -36.17
C SER C 51 0.10 6.32 -35.19
N HIS C 52 1.19 6.24 -34.42
CA HIS C 52 1.35 5.13 -33.49
C HIS C 52 0.36 5.20 -32.33
N VAL C 53 -0.18 6.38 -32.04
CA VAL C 53 -1.19 6.52 -31.00
C VAL C 53 -2.59 6.31 -31.56
N LEU C 54 -2.86 6.85 -32.74
CA LEU C 54 -4.17 6.66 -33.35
C LEU C 54 -4.39 5.21 -33.75
N SER C 55 -3.33 4.49 -34.13
CA SER C 55 -3.46 3.07 -34.41
C SER C 55 -3.91 2.30 -33.17
N LYS C 56 -3.30 2.61 -32.02
CA LYS C 56 -3.70 1.94 -30.79
C LYS C 56 -5.11 2.36 -30.36
N VAL C 57 -5.50 3.60 -30.66
CA VAL C 57 -6.87 4.04 -30.39
C VAL C 57 -7.86 3.24 -31.24
N CYS C 58 -7.56 3.06 -32.52
CA CYS C 58 -8.46 2.28 -33.39
C CYS C 58 -8.51 0.83 -32.96
N MET C 59 -7.37 0.28 -32.53
CA MET C 59 -7.36 -1.07 -31.98
C MET C 59 -8.21 -1.15 -30.71
N TYR C 60 -8.18 -0.10 -29.90
CA TYR C 60 -9.07 -0.07 -28.73
C TYR C 60 -10.53 -0.01 -29.15
N PHE C 61 -10.83 0.70 -30.23
CA PHE C 61 -12.21 0.76 -30.72
C PHE C 61 -12.70 -0.63 -31.10
N THR C 62 -11.92 -1.32 -31.94
CA THR C 62 -12.32 -2.66 -32.35
C THR C 62 -12.18 -3.68 -31.24
N TYR C 63 -11.51 -3.34 -30.13
CA TYR C 63 -11.46 -4.22 -28.98
C TYR C 63 -12.66 -4.04 -28.08
N LYS C 64 -13.04 -2.79 -27.81
CA LYS C 64 -14.19 -2.52 -26.94
C LYS C 64 -15.49 -2.90 -27.62
N VAL C 65 -15.61 -2.67 -28.94
CA VAL C 65 -16.83 -3.07 -29.63
C VAL C 65 -17.01 -4.58 -29.60
N ARG C 66 -15.92 -5.31 -29.86
CA ARG C 66 -16.00 -6.76 -29.85
C ARG C 66 -16.23 -7.31 -28.44
N TYR C 67 -15.54 -6.75 -27.45
CA TYR C 67 -15.59 -7.28 -26.10
C TYR C 67 -16.64 -6.61 -25.22
N THR C 68 -17.57 -5.84 -25.81
CA THR C 68 -18.62 -5.25 -25.01
C THR C 68 -19.57 -6.33 -24.50
N ASN C 69 -20.16 -6.06 -23.33
CA ASN C 69 -21.19 -6.85 -22.63
C ASN C 69 -21.00 -8.36 -22.77
N SER C 70 -19.75 -8.82 -22.67
CA SER C 70 -19.44 -10.23 -22.85
C SER C 70 -19.27 -10.89 -21.49
N SER C 71 -19.97 -12.01 -21.29
CA SER C 71 -19.89 -12.71 -20.01
C SER C 71 -18.54 -13.35 -19.76
N THR C 72 -17.76 -13.60 -20.81
CA THR C 72 -16.45 -14.22 -20.65
C THR C 72 -15.47 -13.23 -20.01
N GLU C 73 -14.38 -13.78 -19.47
CA GLU C 73 -13.34 -12.94 -18.91
C GLU C 73 -12.68 -12.14 -20.01
N ILE C 74 -12.44 -10.86 -19.73
CA ILE C 74 -11.99 -9.89 -20.73
C ILE C 74 -10.53 -9.53 -20.44
N PRO C 75 -9.61 -9.75 -21.36
CA PRO C 75 -8.24 -9.30 -21.16
C PRO C 75 -8.15 -7.78 -21.19
N GLU C 76 -7.17 -7.25 -20.46
CA GLU C 76 -6.93 -5.82 -20.48
C GLU C 76 -6.29 -5.41 -21.80
N PHE C 77 -6.49 -4.15 -22.16
CA PHE C 77 -5.93 -3.64 -23.40
C PHE C 77 -4.41 -3.50 -23.26
N PRO C 78 -3.63 -4.06 -24.16
CA PRO C 78 -2.16 -3.97 -24.04
C PRO C 78 -1.67 -2.61 -24.48
N ILE C 79 -1.13 -1.85 -23.52
CA ILE C 79 -0.57 -0.54 -23.79
C ILE C 79 0.90 -0.58 -23.43
N ALA C 80 1.76 -0.29 -24.40
CA ALA C 80 3.19 -0.34 -24.19
C ALA C 80 3.62 0.74 -23.19
N PRO C 81 4.69 0.49 -22.43
CA PRO C 81 5.14 1.51 -21.46
C PRO C 81 5.54 2.83 -22.10
N GLU C 82 6.12 2.80 -23.30
CA GLU C 82 6.55 4.04 -23.94
C GLU C 82 5.43 4.78 -24.63
N ILE C 83 4.27 4.14 -24.80
CA ILE C 83 3.13 4.75 -25.48
C ILE C 83 2.02 5.14 -24.51
N ALA C 84 2.11 4.75 -23.25
CA ALA C 84 1.02 5.00 -22.30
C ALA C 84 0.82 6.50 -22.07
N LEU C 85 1.91 7.26 -22.02
CA LEU C 85 1.79 8.69 -21.79
C LEU C 85 1.07 9.38 -22.96
N GLU C 86 1.44 9.03 -24.19
CA GLU C 86 0.81 9.65 -25.35
C GLU C 86 -0.61 9.14 -25.55
N LEU C 87 -0.85 7.86 -25.24
CA LEU C 87 -2.19 7.31 -25.36
C LEU C 87 -3.13 7.85 -24.30
N LEU C 88 -2.58 8.27 -23.15
CA LEU C 88 -3.41 8.82 -22.09
C LEU C 88 -3.99 10.17 -22.48
N MET C 89 -3.20 11.01 -23.14
CA MET C 89 -3.71 12.31 -23.58
C MET C 89 -4.68 12.15 -24.74
N ALA C 90 -4.49 11.13 -25.58
CA ALA C 90 -5.44 10.84 -26.65
C ALA C 90 -6.70 10.16 -26.14
N ALA C 91 -6.62 9.43 -25.02
CA ALA C 91 -7.83 8.85 -24.44
C ALA C 91 -8.70 9.91 -23.77
N ASN C 92 -8.08 10.92 -23.14
CA ASN C 92 -8.85 12.04 -22.62
C ASN C 92 -9.46 12.84 -23.75
N PHE C 93 -8.65 13.22 -24.74
CA PHE C 93 -9.12 14.10 -25.80
C PHE C 93 -10.24 13.45 -26.60
N LEU C 94 -10.11 12.15 -26.87
CA LEU C 94 -11.13 11.46 -27.65
C LEU C 94 -12.33 11.03 -26.82
N ASP C 95 -12.24 11.10 -25.50
CA ASP C 95 -13.32 10.66 -24.60
C ASP C 95 -13.68 9.21 -24.84
N CYS C 96 -12.69 8.38 -25.16
CA CYS C 96 -12.92 6.95 -25.36
C CYS C 96 -12.45 6.19 -24.13
N LEU D 10 -30.61 5.90 38.42
CA LEU D 10 -31.16 7.05 37.72
C LEU D 10 -31.57 8.12 38.72
N THR D 11 -30.69 8.39 39.68
CA THR D 11 -30.96 9.39 40.70
C THR D 11 -30.68 10.81 40.23
N ARG D 12 -30.06 10.98 39.06
CA ARG D 12 -29.61 12.28 38.59
C ARG D 12 -30.16 12.54 37.19
N ASN D 13 -29.81 13.69 36.65
CA ASN D 13 -30.13 14.03 35.27
C ASN D 13 -28.92 13.72 34.39
N LYS D 14 -28.98 14.13 33.14
CA LYS D 14 -27.90 13.92 32.19
C LYS D 14 -26.78 14.94 32.38
N GLY D 15 -25.80 14.92 31.50
CA GLY D 15 -24.68 15.83 31.60
C GLY D 15 -24.82 17.04 30.69
N PRO D 16 -24.29 18.17 31.12
CA PRO D 16 -24.39 19.39 30.30
C PRO D 16 -23.41 19.43 29.15
N ALA D 17 -23.95 19.42 27.92
CA ALA D 17 -23.21 19.66 26.67
C ALA D 17 -22.10 18.63 26.42
N ALA D 18 -21.41 18.79 25.30
CA ALA D 18 -20.37 17.85 24.89
C ALA D 18 -19.12 18.02 25.72
N GLU E 7 35.67 0.71 22.77
CA GLU E 7 36.91 0.73 22.00
C GLU E 7 36.86 1.81 20.93
N TRP E 8 35.64 2.14 20.49
CA TRP E 8 35.39 3.17 19.48
C TRP E 8 36.14 2.88 18.19
N ILE E 9 35.79 1.75 17.59
CA ILE E 9 36.38 1.36 16.30
C ILE E 9 35.88 2.30 15.21
N PRO E 10 36.76 2.87 14.38
CA PRO E 10 36.28 3.75 13.31
C PRO E 10 35.43 2.98 12.31
N GLU E 11 34.43 3.67 11.78
CA GLU E 11 33.46 3.03 10.91
C GLU E 11 34.04 2.81 9.52
N THR E 12 33.56 1.75 8.86
CA THR E 12 34.05 1.38 7.55
C THR E 12 33.76 2.47 6.53
N LEU E 13 34.68 2.68 5.58
CA LEU E 13 34.44 3.64 4.52
C LEU E 13 33.23 3.25 3.68
N TYR E 14 32.96 1.95 3.56
CA TYR E 14 31.73 1.52 2.90
C TYR E 14 30.51 2.02 3.64
N ASN E 15 30.44 1.76 4.95
CA ASN E 15 29.30 2.21 5.73
C ASN E 15 29.30 3.72 5.95
N THR E 16 30.46 4.37 5.87
CA THR E 16 30.49 5.83 5.99
C THR E 16 29.99 6.49 4.71
N ALA E 17 30.37 5.96 3.55
CA ALA E 17 29.84 6.47 2.29
C ALA E 17 28.37 6.14 2.13
N ILE E 18 27.94 4.97 2.61
CA ILE E 18 26.53 4.61 2.57
C ILE E 18 25.71 5.63 3.34
N SER E 19 26.18 6.04 4.51
CA SER E 19 25.50 7.07 5.29
C SER E 19 25.51 8.40 4.56
N ALA E 20 26.64 8.75 3.92
CA ALA E 20 26.71 10.02 3.20
C ALA E 20 25.82 10.02 1.96
N VAL E 21 25.74 8.89 1.27
CA VAL E 21 24.90 8.81 0.08
C VAL E 21 23.43 8.84 0.44
N VAL E 22 23.05 8.13 1.51
CA VAL E 22 21.65 8.11 1.95
C VAL E 22 21.20 9.50 2.37
N ASP E 23 22.04 10.23 3.11
CA ASP E 23 21.70 11.59 3.49
C ASP E 23 21.61 12.52 2.29
N ASN E 24 22.12 12.11 1.13
CA ASN E 24 22.01 12.86 -0.11
C ASN E 24 20.90 12.33 -1.01
N TYR E 25 20.06 11.42 -0.48
CA TYR E 25 19.14 10.66 -1.31
C TYR E 25 18.13 11.54 -2.02
N ILE E 26 17.97 12.78 -1.57
CA ILE E 26 17.06 13.71 -2.22
C ILE E 26 17.46 13.91 -3.68
N ARG E 27 18.76 14.04 -3.94
CA ARG E 27 19.17 14.30 -5.32
C ARG E 27 19.85 13.10 -5.99
N SER E 28 20.49 12.23 -5.22
CA SER E 28 21.12 11.06 -5.82
C SER E 28 20.20 9.86 -5.77
N ARG E 29 18.96 10.01 -6.24
CA ARG E 29 18.00 8.92 -6.25
C ARG E 29 17.96 8.16 -7.57
N ARG E 30 18.45 8.75 -8.65
CA ARG E 30 18.44 8.13 -9.97
C ARG E 30 19.74 7.39 -10.27
N ASP E 31 20.85 7.84 -9.68
CA ASP E 31 22.14 7.19 -9.87
C ASP E 31 22.34 5.97 -8.98
N ILE E 32 21.65 5.91 -7.84
CA ILE E 32 21.68 4.74 -6.98
C ILE E 32 21.06 3.52 -7.62
N ARG E 33 20.01 3.70 -8.43
CA ARG E 33 19.39 2.61 -9.14
C ARG E 33 20.30 1.99 -10.19
N SER E 34 21.42 2.64 -10.50
CA SER E 34 22.43 2.11 -11.41
C SER E 34 23.67 1.61 -10.69
N LEU E 35 23.57 1.33 -9.39
CA LEU E 35 24.67 0.83 -8.58
C LEU E 35 24.72 -0.68 -8.61
N PRO E 36 25.85 -1.28 -8.22
CA PRO E 36 25.90 -2.74 -8.06
C PRO E 36 24.86 -3.21 -7.04
N GLU E 37 24.43 -4.47 -7.21
CA GLU E 37 23.32 -4.99 -6.43
C GLU E 37 23.62 -5.00 -4.95
N ASN E 38 24.85 -5.35 -4.57
CA ASN E 38 25.20 -5.37 -3.14
C ASN E 38 25.28 -3.96 -2.57
N ILE E 39 25.74 -2.99 -3.36
CA ILE E 39 25.72 -1.60 -2.91
C ILE E 39 24.30 -1.07 -2.86
N GLN E 40 23.50 -1.40 -3.88
CA GLN E 40 22.15 -0.85 -3.99
C GLN E 40 21.26 -1.30 -2.85
N PHE E 41 21.37 -2.57 -2.45
CA PHE E 41 20.56 -3.04 -1.34
C PHE E 41 20.99 -2.38 -0.03
N ASP E 42 22.29 -2.16 0.15
CA ASP E 42 22.77 -1.54 1.37
C ASP E 42 22.28 -0.10 1.52
N VAL E 43 22.16 0.62 0.40
CA VAL E 43 21.58 1.95 0.44
C VAL E 43 20.14 1.90 0.91
N TYR E 44 19.37 0.96 0.37
CA TYR E 44 17.97 0.85 0.77
C TYR E 44 17.82 0.34 2.19
N TYR E 45 18.71 -0.55 2.62
CA TYR E 45 18.68 -0.98 4.02
C TYR E 45 19.03 0.17 4.96
N LYS E 46 19.95 1.04 4.54
CA LYS E 46 20.26 2.22 5.35
C LYS E 46 19.09 3.20 5.37
N LEU E 47 18.37 3.30 4.25
CA LEU E 47 17.15 4.10 4.22
C LEU E 47 16.12 3.55 5.19
N TYR E 48 16.00 2.23 5.27
CA TYR E 48 15.10 1.63 6.25
C TYR E 48 15.57 1.90 7.67
N GLN E 49 16.87 1.74 7.93
CA GLN E 49 17.40 1.91 9.28
C GLN E 49 17.27 3.34 9.76
N GLN E 50 17.34 4.31 8.85
CA GLN E 50 17.13 5.70 9.22
C GLN E 50 15.66 6.04 9.44
N GLY E 51 14.75 5.12 9.14
CA GLY E 51 13.34 5.35 9.31
C GLY E 51 12.64 5.98 8.13
N ARG E 52 13.38 6.28 7.05
CA ARG E 52 12.79 6.91 5.86
C ARG E 52 12.14 5.84 4.99
N LEU E 53 11.00 5.35 5.47
CA LEU E 53 10.30 4.28 4.74
C LEU E 53 9.58 4.83 3.51
N CYS E 54 9.21 6.11 3.52
CA CYS E 54 8.52 6.66 2.36
C CYS E 54 9.44 6.79 1.16
N GLN E 55 10.72 7.12 1.39
CA GLN E 55 11.68 7.09 0.29
C GLN E 55 12.07 5.66 -0.07
N LEU E 56 12.07 4.75 0.91
CA LEU E 56 12.31 3.35 0.62
C LEU E 56 11.11 2.72 -0.08
N GLY E 57 9.90 3.01 0.40
CA GLY E 57 8.70 2.42 -0.17
C GLY E 57 8.38 2.91 -1.55
N SER E 58 8.90 4.07 -1.94
CA SER E 58 8.72 4.58 -3.29
C SER E 58 9.72 3.98 -4.27
N GLU E 59 10.62 3.12 -3.81
CA GLU E 59 11.55 2.41 -4.67
C GLU E 59 11.33 0.92 -4.69
N PHE E 60 10.76 0.34 -3.64
CA PHE E 60 10.43 -1.08 -3.64
C PHE E 60 9.10 -1.37 -4.32
N CYS E 61 8.32 -0.34 -4.66
CA CYS E 61 7.07 -0.51 -5.37
C CYS E 61 7.27 -0.69 -6.87
N GLU E 62 8.50 -0.91 -7.32
CA GLU E 62 8.82 -1.01 -8.73
C GLU E 62 9.53 -2.32 -8.97
N LEU E 63 9.04 -3.09 -9.95
CA LEU E 63 9.52 -4.45 -10.15
C LEU E 63 10.99 -4.46 -10.55
N GLU E 64 11.41 -3.50 -11.37
CA GLU E 64 12.80 -3.46 -11.81
C GLU E 64 13.75 -3.21 -10.63
N VAL E 65 13.39 -2.26 -9.76
CA VAL E 65 14.26 -1.94 -8.62
C VAL E 65 14.20 -3.07 -7.59
N PHE E 66 13.02 -3.62 -7.35
CA PHE E 66 12.91 -4.71 -6.38
C PHE E 66 13.53 -6.00 -6.87
N ALA E 67 13.75 -6.14 -8.19
CA ALA E 67 14.42 -7.33 -8.69
C ALA E 67 15.91 -7.30 -8.41
N LYS E 68 16.51 -6.10 -8.35
CA LYS E 68 17.93 -6.01 -8.04
C LYS E 68 18.21 -6.21 -6.56
N VAL E 69 17.28 -5.82 -5.68
CA VAL E 69 17.45 -6.09 -4.26
C VAL E 69 17.00 -7.50 -3.89
N LEU E 70 16.26 -8.17 -4.77
CA LEU E 70 15.90 -9.57 -4.56
C LEU E 70 17.02 -10.52 -4.97
N ARG E 71 18.03 -10.04 -5.68
CA ARG E 71 19.14 -10.88 -6.10
C ARG E 71 20.22 -10.99 -5.03
N ALA E 72 20.08 -10.28 -3.91
CA ALA E 72 20.99 -10.42 -2.78
C ALA E 72 20.43 -11.53 -1.90
N LEU E 73 20.88 -12.76 -2.17
CA LEU E 73 20.29 -13.92 -1.51
C LEU E 73 20.73 -14.05 -0.06
N ASP E 74 21.93 -13.60 0.28
CA ASP E 74 22.39 -13.73 1.66
C ASP E 74 21.67 -12.74 2.57
N LYS E 75 21.35 -11.55 2.06
CA LYS E 75 20.75 -10.50 2.86
C LYS E 75 19.24 -10.48 2.77
N ARG E 76 18.62 -11.58 2.34
CA ARG E 76 17.16 -11.61 2.28
C ARG E 76 16.53 -11.65 3.66
N HIS E 77 17.27 -12.05 4.70
CA HIS E 77 16.74 -11.98 6.05
C HIS E 77 16.54 -10.53 6.49
N LEU E 78 17.26 -9.59 5.88
CA LEU E 78 17.03 -8.16 6.08
C LEU E 78 15.97 -7.63 5.14
N LEU E 79 15.90 -8.16 3.92
CA LEU E 79 14.90 -7.71 2.96
C LEU E 79 13.50 -8.08 3.42
N HIS E 80 13.35 -9.24 4.07
CA HIS E 80 12.04 -9.61 4.60
C HIS E 80 11.57 -8.64 5.66
N HIS E 81 12.49 -8.21 6.52
CA HIS E 81 12.11 -7.28 7.58
C HIS E 81 11.81 -5.90 7.01
N CYS E 82 12.58 -5.47 6.01
CA CYS E 82 12.29 -4.21 5.33
C CYS E 82 10.93 -4.26 4.64
N PHE E 83 10.64 -5.36 3.95
CA PHE E 83 9.36 -5.51 3.24
C PHE E 83 8.20 -5.54 4.22
N GLN E 84 8.37 -6.20 5.36
CA GLN E 84 7.30 -6.20 6.36
C GLN E 84 7.12 -4.82 6.97
N ALA E 85 8.20 -4.07 7.15
CA ALA E 85 8.06 -2.69 7.62
C ALA E 85 7.31 -1.84 6.60
N LEU E 86 7.58 -2.06 5.32
CA LEU E 86 6.86 -1.33 4.28
C LEU E 86 5.38 -1.69 4.27
N MET E 87 5.05 -2.97 4.42
CA MET E 87 3.65 -3.36 4.44
C MET E 87 2.95 -2.91 5.71
N ASP E 88 3.69 -2.84 6.83
CA ASP E 88 3.14 -2.25 8.04
C ASP E 88 3.08 -0.73 7.95
N HIS E 89 3.91 -0.12 7.09
CA HIS E 89 3.88 1.32 6.93
C HIS E 89 2.54 1.79 6.40
N GLY E 90 1.97 1.07 5.44
CA GLY E 90 0.71 1.45 4.86
C GLY E 90 0.70 1.27 3.36
N VAL E 91 1.88 1.41 2.75
CA VAL E 91 2.01 1.22 1.31
C VAL E 91 1.90 -0.27 0.99
N LYS E 92 1.10 -0.59 -0.02
CA LYS E 92 0.85 -1.99 -0.40
C LYS E 92 1.88 -2.44 -1.41
N VAL E 93 3.09 -2.69 -0.93
CA VAL E 93 4.18 -3.06 -1.82
C VAL E 93 3.94 -4.43 -2.43
N ALA E 94 3.37 -5.36 -1.65
CA ALA E 94 3.15 -6.71 -2.15
C ALA E 94 2.13 -6.72 -3.29
N SER E 95 1.03 -5.99 -3.12
CA SER E 95 0.02 -5.94 -4.18
C SER E 95 0.54 -5.17 -5.39
N VAL E 96 1.29 -4.10 -5.17
CA VAL E 96 1.79 -3.28 -6.26
C VAL E 96 2.79 -4.07 -7.09
N LEU E 97 3.72 -4.78 -6.44
CA LEU E 97 4.70 -5.56 -7.18
C LEU E 97 4.03 -6.71 -7.94
N ALA E 98 3.05 -7.36 -7.33
CA ALA E 98 2.34 -8.43 -8.01
C ALA E 98 1.60 -7.91 -9.23
N TYR E 99 0.92 -6.77 -9.09
CA TYR E 99 0.21 -6.20 -10.23
C TYR E 99 1.17 -5.76 -11.33
N SER E 100 2.30 -5.16 -10.94
CA SER E 100 3.28 -4.74 -11.92
C SER E 100 3.83 -5.92 -12.69
N PHE E 101 4.18 -7.01 -12.00
CA PHE E 101 4.68 -8.18 -12.71
C PHE E 101 3.60 -8.81 -13.59
N SER E 102 2.37 -8.89 -13.08
CA SER E 102 1.29 -9.50 -13.85
C SER E 102 0.97 -8.69 -15.11
N ARG E 103 1.08 -7.37 -15.02
CA ARG E 103 0.85 -6.53 -16.20
C ARG E 103 2.04 -6.56 -17.15
N ARG E 104 3.27 -6.61 -16.62
CA ARG E 104 4.45 -6.54 -17.47
C ARG E 104 4.73 -7.86 -18.18
N CYS E 105 4.31 -8.99 -17.61
CA CYS E 105 4.55 -10.27 -18.26
C CYS E 105 3.70 -10.44 -19.52
N SER E 106 2.50 -9.84 -19.52
CA SER E 106 1.60 -10.00 -20.66
C SER E 106 2.14 -9.30 -21.90
N TYR E 107 2.91 -8.23 -21.73
CA TYR E 107 3.45 -7.50 -22.88
C TYR E 107 4.58 -8.24 -23.57
N ILE E 108 5.24 -9.17 -22.88
CA ILE E 108 6.33 -9.93 -23.44
C ILE E 108 6.01 -11.41 -23.57
N ALA E 109 4.80 -11.83 -23.20
CA ALA E 109 4.39 -13.22 -23.43
C ALA E 109 4.39 -13.59 -24.92
N GLU E 110 4.26 -12.61 -25.80
CA GLU E 110 4.34 -12.85 -27.24
C GLU E 110 5.74 -12.64 -27.80
N SER E 111 6.71 -12.34 -26.95
CA SER E 111 8.07 -12.06 -27.39
C SER E 111 8.87 -13.36 -27.46
N ASP E 112 10.19 -13.24 -27.60
CA ASP E 112 11.04 -14.40 -27.77
C ASP E 112 11.14 -15.20 -26.47
N ALA E 113 11.73 -16.40 -26.59
CA ALA E 113 11.82 -17.30 -25.44
C ALA E 113 12.85 -16.86 -24.42
N ALA E 114 13.86 -16.10 -24.83
CA ALA E 114 14.89 -15.66 -23.87
C ALA E 114 14.32 -14.68 -22.86
N VAL E 115 13.60 -13.66 -23.34
CA VAL E 115 12.99 -12.71 -22.41
C VAL E 115 11.88 -13.37 -21.62
N LYS E 116 11.20 -14.36 -22.20
CA LYS E 116 10.19 -15.11 -21.46
C LYS E 116 10.83 -15.89 -20.31
N GLU E 117 11.99 -16.50 -20.54
CA GLU E 117 12.67 -17.22 -19.48
C GLU E 117 13.22 -16.26 -18.43
N LYS E 118 13.70 -15.09 -18.85
CA LYS E 118 14.14 -14.08 -17.88
C LYS E 118 12.99 -13.62 -17.00
N ALA E 119 11.82 -13.38 -17.61
CA ALA E 119 10.65 -12.99 -16.83
C ALA E 119 10.18 -14.12 -15.94
N ILE E 120 10.30 -15.37 -16.39
CA ILE E 120 9.93 -16.50 -15.55
C ILE E 120 10.86 -16.59 -14.34
N GLN E 121 12.16 -16.35 -14.53
CA GLN E 121 13.09 -16.33 -13.40
C GLN E 121 12.78 -15.21 -12.43
N VAL E 122 12.47 -14.01 -12.96
CA VAL E 122 12.12 -12.88 -12.10
C VAL E 122 10.85 -13.19 -11.32
N GLY E 123 9.87 -13.81 -11.99
CA GLY E 123 8.64 -14.17 -11.32
C GLY E 123 8.83 -15.25 -10.28
N PHE E 124 9.70 -16.21 -10.54
CA PHE E 124 10.02 -17.21 -9.53
C PHE E 124 10.65 -16.56 -8.31
N VAL E 125 11.60 -15.64 -8.52
CA VAL E 125 12.24 -14.96 -7.39
C VAL E 125 11.23 -14.15 -6.60
N LEU E 126 10.41 -13.36 -7.29
CA LEU E 126 9.45 -12.50 -6.62
C LEU E 126 8.34 -13.30 -5.93
N GLY E 127 7.82 -14.32 -6.60
CA GLY E 127 6.79 -15.15 -5.98
C GLY E 127 7.32 -15.95 -4.81
N GLY E 128 8.56 -16.43 -4.90
CA GLY E 128 9.17 -17.07 -3.76
C GLY E 128 9.34 -16.12 -2.58
N PHE E 129 9.73 -14.87 -2.87
CA PHE E 129 9.82 -13.89 -1.79
C PHE E 129 8.46 -13.61 -1.16
N LEU E 130 7.43 -13.44 -1.99
CA LEU E 130 6.11 -13.10 -1.46
C LEU E 130 5.44 -14.29 -0.78
N SER E 131 5.81 -15.52 -1.16
CA SER E 131 5.35 -16.69 -0.44
C SER E 131 6.08 -16.87 0.89
N ASP E 132 7.38 -16.57 0.90
CA ASP E 132 8.13 -16.60 2.15
C ASP E 132 7.60 -15.55 3.12
N ALA E 133 7.37 -14.34 2.62
CA ALA E 133 6.86 -13.27 3.48
C ALA E 133 5.47 -13.58 4.01
N GLY E 134 4.67 -14.32 3.24
CA GLY E 134 3.32 -14.67 3.65
C GLY E 134 2.22 -14.04 2.84
N TRP E 135 2.54 -13.27 1.80
CA TRP E 135 1.53 -12.65 0.95
C TRP E 135 1.14 -13.64 -0.15
N TYR E 136 0.45 -14.71 0.29
CA TYR E 136 0.07 -15.78 -0.62
C TYR E 136 -0.92 -15.29 -1.68
N SER E 137 -1.87 -14.44 -1.29
CA SER E 137 -2.80 -13.89 -2.28
C SER E 137 -2.09 -12.97 -3.25
N ASP E 138 -1.02 -12.30 -2.81
CA ASP E 138 -0.22 -11.45 -3.67
C ASP E 138 0.93 -12.19 -4.33
N ALA E 139 1.17 -13.45 -3.97
CA ALA E 139 2.09 -14.30 -4.71
C ALA E 139 1.37 -15.21 -5.69
N GLU E 140 0.07 -15.43 -5.50
CA GLU E 140 -0.69 -16.22 -6.46
C GLU E 140 -0.76 -15.52 -7.81
N LYS E 141 -0.87 -14.19 -7.81
CA LYS E 141 -0.89 -13.44 -9.07
C LYS E 141 0.42 -13.62 -9.83
N VAL E 142 1.55 -13.54 -9.13
CA VAL E 142 2.86 -13.67 -9.78
C VAL E 142 3.02 -15.07 -10.36
N PHE E 143 2.65 -16.10 -9.59
CA PHE E 143 2.79 -17.46 -10.08
C PHE E 143 1.79 -17.76 -11.18
N LEU E 144 0.59 -17.20 -11.12
CA LEU E 144 -0.34 -17.35 -12.24
C LEU E 144 0.21 -16.73 -13.50
N SER E 145 0.78 -15.52 -13.40
CA SER E 145 1.38 -14.87 -14.55
C SER E 145 2.54 -15.69 -15.12
N CYS E 146 3.37 -16.25 -14.22
CA CYS E 146 4.41 -17.16 -14.67
C CYS E 146 3.82 -18.38 -15.38
N LEU E 147 2.66 -18.84 -14.92
CA LEU E 147 2.01 -19.97 -15.57
C LEU E 147 1.58 -19.61 -16.99
N GLN E 148 0.99 -18.43 -17.19
CA GLN E 148 0.65 -18.05 -18.56
C GLN E 148 1.90 -17.83 -19.40
N LEU E 149 3.01 -17.44 -18.77
CA LEU E 149 4.27 -17.41 -19.52
C LEU E 149 4.77 -18.80 -19.86
N CYS E 150 4.39 -19.81 -19.07
CA CYS E 150 4.88 -21.17 -19.25
C CYS E 150 4.01 -22.01 -20.17
N THR E 151 2.85 -21.51 -20.61
CA THR E 151 1.90 -22.30 -21.36
C THR E 151 1.66 -21.77 -22.77
N LEU E 152 2.65 -21.15 -23.40
CA LEU E 152 2.52 -20.63 -24.76
C LEU E 152 3.41 -21.36 -25.74
N HIS E 153 4.48 -21.99 -25.27
CA HIS E 153 5.36 -22.75 -26.15
C HIS E 153 5.47 -24.19 -25.70
N ASP E 154 5.43 -25.13 -26.65
CA ASP E 154 5.51 -26.55 -26.35
C ASP E 154 6.98 -26.98 -26.35
N GLU E 155 7.54 -27.19 -25.17
CA GLU E 155 8.96 -27.51 -25.06
C GLU E 155 9.20 -28.18 -23.71
N MET E 156 10.34 -28.87 -23.61
CA MET E 156 10.67 -29.60 -22.39
C MET E 156 10.86 -28.65 -21.21
N LEU E 157 11.71 -27.63 -21.38
CA LEU E 157 12.00 -26.72 -20.28
C LEU E 157 10.79 -25.90 -19.89
N HIS E 158 9.90 -25.60 -20.83
CA HIS E 158 8.67 -24.90 -20.47
C HIS E 158 7.73 -25.81 -19.69
N TRP E 159 7.70 -27.11 -19.98
CA TRP E 159 6.99 -28.05 -19.11
C TRP E 159 7.60 -28.09 -17.71
N PHE E 160 8.93 -28.07 -17.61
CA PHE E 160 9.56 -28.04 -16.30
C PHE E 160 9.17 -26.77 -15.55
N ARG E 161 9.22 -25.63 -16.21
CA ARG E 161 8.85 -24.37 -15.58
C ARG E 161 7.38 -24.36 -15.19
N ALA E 162 6.52 -24.95 -16.02
CA ALA E 162 5.09 -24.99 -15.71
C ALA E 162 4.80 -25.88 -14.52
N VAL E 163 5.45 -27.04 -14.43
CA VAL E 163 5.19 -27.90 -13.28
C VAL E 163 5.77 -27.28 -12.01
N GLU E 164 6.89 -26.54 -12.11
CA GLU E 164 7.38 -25.80 -10.95
C GLU E 164 6.42 -24.68 -10.57
N CYS E 165 5.82 -24.01 -11.56
CA CYS E 165 4.83 -22.98 -11.30
C CYS E 165 3.62 -23.55 -10.58
N CYS E 166 3.21 -24.75 -10.97
CA CYS E 166 2.04 -25.37 -10.33
C CYS E 166 2.38 -25.93 -8.95
N VAL E 167 3.62 -26.33 -8.72
CA VAL E 167 4.04 -26.73 -7.37
C VAL E 167 4.04 -25.51 -6.45
N ARG E 168 4.63 -24.40 -6.91
CA ARG E 168 4.69 -23.20 -6.07
C ARG E 168 3.33 -22.54 -5.93
N LEU E 169 2.49 -22.65 -6.97
CA LEU E 169 1.14 -22.11 -6.92
C LEU E 169 0.23 -22.95 -6.04
N LEU E 170 0.55 -24.23 -5.85
CA LEU E 170 -0.16 -25.03 -4.87
C LEU E 170 0.17 -24.60 -3.45
N HIS E 171 1.38 -24.08 -3.22
CA HIS E 171 1.77 -23.65 -1.88
C HIS E 171 1.10 -22.33 -1.52
N VAL E 172 0.95 -21.43 -2.48
CA VAL E 172 0.30 -20.14 -2.19
C VAL E 172 -1.20 -20.27 -2.11
N ARG E 173 -1.77 -21.40 -2.50
CA ARG E 173 -3.20 -21.65 -2.35
C ARG E 173 -3.53 -22.49 -1.14
N ASN E 174 -2.55 -23.23 -0.59
CA ASN E 174 -2.74 -23.84 0.72
C ASN E 174 -2.64 -22.81 1.82
N GLY E 175 -1.68 -21.88 1.71
CA GLY E 175 -1.51 -20.86 2.73
C GLY E 175 -2.59 -19.80 2.71
N ASN E 176 -3.26 -19.62 1.58
CA ASN E 176 -4.38 -18.70 1.49
C ASN E 176 -5.71 -19.37 1.78
N CYS E 177 -5.69 -20.65 2.15
CA CYS E 177 -6.90 -21.45 2.43
C CYS E 177 -7.82 -21.48 1.22
N LYS E 178 -7.23 -21.55 0.02
CA LYS E 178 -7.97 -21.75 -1.22
C LYS E 178 -7.83 -23.22 -1.60
N TYR E 179 -8.63 -24.06 -0.96
CA TYR E 179 -8.54 -25.50 -1.18
C TYR E 179 -9.41 -25.99 -2.33
N HIS E 180 -10.41 -25.21 -2.73
CA HIS E 180 -11.21 -25.58 -3.89
C HIS E 180 -10.54 -25.22 -5.21
N LEU E 181 -9.48 -24.40 -5.17
CA LEU E 181 -8.62 -24.20 -6.33
C LEU E 181 -7.38 -25.07 -6.29
N GLY E 182 -6.96 -25.52 -5.10
CA GLY E 182 -5.74 -26.30 -5.01
C GLY E 182 -5.85 -27.66 -5.68
N GLU E 183 -7.01 -28.30 -5.57
CA GLU E 183 -7.19 -29.58 -6.25
C GLU E 183 -7.14 -29.42 -7.76
N GLU E 184 -7.73 -28.35 -8.29
CA GLU E 184 -7.63 -28.06 -9.71
C GLU E 184 -6.19 -27.80 -10.12
N THR E 185 -5.44 -27.06 -9.29
CA THR E 185 -4.04 -26.80 -9.59
C THR E 185 -3.23 -28.09 -9.60
N PHE E 186 -3.50 -28.98 -8.65
CA PHE E 186 -2.79 -30.25 -8.63
C PHE E 186 -3.14 -31.11 -9.83
N LYS E 187 -4.41 -31.08 -10.27
CA LYS E 187 -4.78 -31.82 -11.46
C LYS E 187 -4.08 -31.28 -12.70
N LEU E 188 -3.98 -29.95 -12.81
CA LEU E 188 -3.26 -29.35 -13.92
C LEU E 188 -1.77 -29.71 -13.87
N ALA E 189 -1.19 -29.71 -12.66
CA ALA E 189 0.20 -30.10 -12.50
C ALA E 189 0.42 -31.55 -12.89
N GLN E 190 -0.51 -32.44 -12.52
CA GLN E 190 -0.41 -33.84 -12.92
C GLN E 190 -0.54 -33.98 -14.43
N THR E 191 -1.39 -33.17 -15.05
CA THR E 191 -1.51 -33.19 -16.50
C THR E 191 -0.19 -32.81 -17.17
N TYR E 192 0.43 -31.72 -16.70
CA TYR E 192 1.71 -31.31 -17.29
C TYR E 192 2.82 -32.31 -16.99
N MET E 193 2.80 -32.93 -15.81
CA MET E 193 3.80 -33.92 -15.46
C MET E 193 3.66 -35.18 -16.29
N ASP E 194 2.41 -35.61 -16.55
CA ASP E 194 2.19 -36.75 -17.42
C ASP E 194 2.59 -36.44 -18.86
N LYS E 195 2.34 -35.21 -19.31
CA LYS E 195 2.83 -34.79 -20.62
C LYS E 195 4.35 -34.85 -20.68
N LEU E 196 5.02 -34.42 -19.60
CA LEU E 196 6.47 -34.44 -19.57
C LEU E 196 7.01 -35.87 -19.56
N SER E 197 6.38 -36.75 -18.79
CA SER E 197 6.81 -38.15 -18.74
C SER E 197 6.41 -38.93 -19.98
N LYS E 198 5.51 -38.39 -20.81
CA LYS E 198 5.14 -39.05 -22.04
C LYS E 198 6.32 -39.16 -22.99
N HIS E 199 7.14 -38.11 -23.07
CA HIS E 199 8.31 -38.12 -23.95
C HIS E 199 9.53 -38.78 -23.33
N GLY E 200 9.42 -39.31 -22.12
CA GLY E 200 10.50 -40.04 -21.51
C GLY E 200 11.31 -39.28 -20.48
N GLN E 201 10.94 -38.05 -20.17
CA GLN E 201 11.61 -37.25 -19.16
C GLN E 201 10.70 -37.17 -17.93
N GLN E 202 11.15 -37.78 -16.84
CA GLN E 202 10.34 -37.87 -15.62
C GLN E 202 10.71 -36.72 -14.68
N ALA E 203 9.76 -35.84 -14.42
CA ALA E 203 9.96 -34.80 -13.43
C ALA E 203 9.91 -35.39 -12.02
N ASN E 204 10.53 -34.68 -11.09
CA ASN E 204 10.54 -35.11 -9.70
C ASN E 204 9.30 -34.58 -8.99
N LYS E 205 8.56 -35.49 -8.36
CA LYS E 205 7.23 -35.18 -7.82
C LYS E 205 7.23 -35.10 -6.31
N ALA E 206 8.38 -34.90 -5.68
CA ALA E 206 8.44 -34.83 -4.23
C ALA E 206 7.71 -33.60 -3.70
N ALA E 207 8.05 -32.42 -4.23
CA ALA E 207 7.45 -31.18 -3.75
C ALA E 207 5.96 -31.12 -4.06
N LEU E 208 5.56 -31.60 -5.23
CA LEU E 208 4.16 -31.58 -5.62
C LEU E 208 3.32 -32.45 -4.69
N TYR E 209 3.77 -33.67 -4.45
CA TYR E 209 3.03 -34.57 -3.58
C TYR E 209 3.07 -34.10 -2.13
N GLY E 210 4.17 -33.45 -1.71
CA GLY E 210 4.19 -32.86 -0.39
C GLY E 210 3.19 -31.73 -0.23
N GLU E 211 3.08 -30.87 -1.26
CA GLU E 211 2.10 -29.79 -1.22
C GLU E 211 0.67 -30.35 -1.22
N LEU E 212 0.43 -31.41 -2.00
CA LEU E 212 -0.89 -32.03 -1.98
C LEU E 212 -1.19 -32.67 -0.63
N CYS E 213 -0.17 -33.26 0.01
CA CYS E 213 -0.36 -33.79 1.35
C CYS E 213 -0.71 -32.67 2.33
N ALA E 214 -0.04 -31.53 2.23
CA ALA E 214 -0.36 -30.41 3.10
C ALA E 214 -1.78 -29.91 2.85
N LEU E 215 -2.19 -29.88 1.57
CA LEU E 215 -3.55 -29.48 1.23
C LEU E 215 -4.57 -30.43 1.84
N LEU E 216 -4.34 -31.73 1.70
CA LEU E 216 -5.33 -32.71 2.18
C LEU E 216 -5.37 -32.76 3.69
N PHE E 217 -4.21 -32.58 4.35
CA PHE E 217 -4.21 -32.47 5.81
C PHE E 217 -4.96 -31.21 6.25
N ALA E 218 -4.75 -30.09 5.55
CA ALA E 218 -5.49 -28.88 5.87
C ALA E 218 -6.97 -29.05 5.60
N LYS E 219 -7.33 -29.84 4.60
CA LYS E 219 -8.72 -30.15 4.30
C LYS E 219 -9.26 -31.27 5.18
N SER E 220 -8.45 -31.74 6.15
CA SER E 220 -8.84 -32.77 7.11
C SER E 220 -9.15 -34.10 6.45
N HIS E 221 -8.49 -34.39 5.34
CA HIS E 221 -8.53 -35.72 4.73
C HIS E 221 -7.24 -36.43 5.14
N TYR E 222 -7.23 -36.96 6.36
CA TYR E 222 -5.99 -37.44 6.96
C TYR E 222 -5.48 -38.69 6.25
N ASP E 223 -6.37 -39.60 5.85
CA ASP E 223 -5.93 -40.85 5.24
C ASP E 223 -5.30 -40.61 3.87
N GLU E 224 -5.95 -39.80 3.03
CA GLU E 224 -5.41 -39.53 1.72
C GLU E 224 -4.17 -38.65 1.81
N ALA E 225 -4.10 -37.77 2.81
CA ALA E 225 -2.87 -37.03 3.05
C ALA E 225 -1.73 -37.96 3.44
N TYR E 226 -2.02 -38.98 4.24
CA TYR E 226 -1.00 -39.97 4.59
C TYR E 226 -0.55 -40.74 3.36
N LYS E 227 -1.48 -41.12 2.49
CA LYS E 227 -1.12 -41.81 1.26
C LYS E 227 -0.23 -40.94 0.38
N TRP E 228 -0.57 -39.66 0.24
CA TRP E 228 0.21 -38.79 -0.63
C TRP E 228 1.56 -38.44 -0.02
N CYS E 229 1.65 -38.35 1.31
CA CYS E 229 2.98 -38.15 1.90
C CYS E 229 3.83 -39.39 1.77
N ILE E 230 3.22 -40.57 1.82
CA ILE E 230 3.95 -41.80 1.52
C ILE E 230 4.51 -41.76 0.11
N GLU E 231 3.69 -41.32 -0.85
CA GLU E 231 4.16 -41.19 -2.23
C GLU E 231 5.29 -40.17 -2.33
N ALA E 232 5.16 -39.03 -1.64
CA ALA E 232 6.20 -38.01 -1.68
C ALA E 232 7.51 -38.52 -1.12
N MET E 233 7.45 -39.24 0.01
CA MET E 233 8.66 -39.85 0.56
C MET E 233 9.22 -40.91 -0.39
N LYS E 234 8.35 -41.61 -1.12
CA LYS E 234 8.82 -42.56 -2.11
C LYS E 234 9.56 -41.86 -3.24
N GLU E 235 9.19 -40.60 -3.55
CA GLU E 235 9.82 -39.87 -4.64
C GLU E 235 10.83 -38.83 -4.16
N ILE E 236 11.59 -39.13 -3.12
CA ILE E 236 12.68 -38.27 -2.67
C ILE E 236 13.99 -38.87 -3.18
N THR E 237 14.76 -38.05 -3.89
CA THR E 237 16.06 -38.45 -4.40
C THR E 237 17.15 -37.72 -3.62
N ALA E 238 18.40 -37.89 -4.05
CA ALA E 238 19.54 -37.24 -3.40
C ALA E 238 19.81 -35.85 -3.94
N GLY E 239 19.43 -35.57 -5.18
CA GLY E 239 19.68 -34.29 -5.81
C GLY E 239 18.67 -33.20 -5.53
N LEU E 240 17.70 -33.46 -4.66
CA LEU E 240 16.68 -32.48 -4.35
C LEU E 240 17.27 -31.31 -3.56
N PRO E 241 16.70 -30.12 -3.70
CA PRO E 241 17.09 -29.02 -2.81
C PRO E 241 16.65 -29.30 -1.37
N VAL E 242 17.35 -28.66 -0.44
CA VAL E 242 17.06 -28.88 0.98
C VAL E 242 15.66 -28.38 1.33
N LYS E 243 15.20 -27.32 0.68
CA LYS E 243 13.86 -26.79 0.96
C LYS E 243 12.78 -27.83 0.66
N VAL E 244 12.89 -28.49 -0.49
CA VAL E 244 11.89 -29.49 -0.87
C VAL E 244 11.91 -30.68 0.09
N VAL E 245 13.11 -31.15 0.44
CA VAL E 245 13.22 -32.28 1.35
C VAL E 245 12.65 -31.93 2.72
N VAL E 246 12.95 -30.73 3.22
CA VAL E 246 12.44 -30.29 4.51
C VAL E 246 10.92 -30.17 4.47
N ASP E 247 10.38 -29.59 3.41
CA ASP E 247 8.93 -29.45 3.30
C ASP E 247 8.24 -30.80 3.25
N VAL E 248 8.77 -31.74 2.47
CA VAL E 248 8.16 -33.06 2.36
C VAL E 248 8.24 -33.79 3.70
N LEU E 249 9.38 -33.70 4.38
CA LEU E 249 9.52 -34.34 5.68
C LEU E 249 8.56 -33.75 6.71
N ARG E 250 8.41 -32.42 6.71
CA ARG E 250 7.50 -31.77 7.64
C ARG E 250 6.06 -32.22 7.40
N GLN E 251 5.63 -32.19 6.14
CA GLN E 251 4.24 -32.54 5.84
C GLN E 251 3.98 -34.02 6.03
N ALA E 252 4.97 -34.87 5.78
CA ALA E 252 4.83 -36.29 6.09
C ALA E 252 4.74 -36.53 7.59
N SER E 253 5.52 -35.79 8.38
CA SER E 253 5.42 -35.92 9.83
C SER E 253 4.07 -35.46 10.33
N LYS E 254 3.55 -34.35 9.78
CA LYS E 254 2.23 -33.88 10.19
C LYS E 254 1.13 -34.85 9.80
N ALA E 255 1.24 -35.47 8.61
CA ALA E 255 0.26 -36.47 8.23
C ALA E 255 0.39 -37.73 9.07
N CYS E 256 1.60 -38.06 9.53
CA CYS E 256 1.80 -39.26 10.34
C CYS E 256 1.29 -39.06 11.76
N VAL E 257 1.53 -37.89 12.34
CA VAL E 257 1.16 -37.66 13.74
C VAL E 257 -0.36 -37.57 13.88
N VAL E 258 -1.06 -37.08 12.85
CA VAL E 258 -2.53 -37.09 12.88
C VAL E 258 -3.10 -38.43 12.46
N LYS E 259 -2.27 -39.34 11.95
CA LYS E 259 -2.66 -40.71 11.71
C LYS E 259 -2.28 -41.62 12.86
N ARG E 260 -1.92 -41.03 14.01
CA ARG E 260 -1.59 -41.74 15.25
C ARG E 260 -0.36 -42.64 15.11
N GLU E 261 0.47 -42.40 14.09
CA GLU E 261 1.75 -43.10 13.97
C GLU E 261 2.85 -42.16 14.47
N PHE E 262 2.91 -42.05 15.80
CA PHE E 262 3.87 -41.13 16.41
C PHE E 262 5.31 -41.60 16.28
N LYS E 263 5.53 -42.89 16.04
CA LYS E 263 6.89 -43.41 15.97
C LYS E 263 7.61 -42.94 14.72
N LYS E 264 6.93 -42.99 13.57
CA LYS E 264 7.53 -42.54 12.32
C LYS E 264 7.59 -41.02 12.26
N ALA E 265 6.54 -40.35 12.75
CA ALA E 265 6.48 -38.89 12.73
C ALA E 265 7.62 -38.29 13.54
N GLU E 266 7.98 -38.94 14.65
CA GLU E 266 9.08 -38.44 15.48
C GLU E 266 10.38 -38.39 14.69
N GLN E 267 10.75 -39.49 14.04
CA GLN E 267 11.98 -39.52 13.27
C GLN E 267 11.91 -38.54 12.10
N LEU E 268 10.78 -38.49 11.41
CA LEU E 268 10.65 -37.60 10.26
C LEU E 268 10.82 -36.14 10.65
N ILE E 269 10.12 -35.70 11.70
CA ILE E 269 10.20 -34.29 12.06
C ILE E 269 11.52 -33.96 12.75
N LYS E 270 12.14 -34.91 13.46
CA LYS E 270 13.46 -34.64 14.02
C LYS E 270 14.50 -34.49 12.92
N HIS E 271 14.44 -35.33 11.89
CA HIS E 271 15.34 -35.18 10.76
C HIS E 271 15.06 -33.88 10.01
N ALA E 272 13.80 -33.50 9.89
CA ALA E 272 13.46 -32.24 9.24
C ALA E 272 14.03 -31.06 10.01
N VAL E 273 13.93 -31.09 11.33
CA VAL E 273 14.48 -30.01 12.15
C VAL E 273 16.01 -29.97 12.02
N TYR E 274 16.64 -31.15 12.01
CA TYR E 274 18.10 -31.20 11.83
C TYR E 274 18.51 -30.61 10.48
N LEU E 275 17.80 -30.96 9.41
CA LEU E 275 18.13 -30.42 8.10
C LEU E 275 17.90 -28.91 8.05
N ALA E 276 16.79 -28.44 8.61
CA ALA E 276 16.48 -27.02 8.58
C ALA E 276 17.49 -26.21 9.37
N ARG E 277 17.91 -26.72 10.54
CA ARG E 277 18.89 -26.00 11.34
C ARG E 277 20.28 -26.06 10.72
N ASP E 278 20.61 -27.17 10.07
CA ASP E 278 21.94 -27.33 9.50
C ASP E 278 22.12 -26.48 8.25
N HIS E 279 21.24 -26.68 7.27
CA HIS E 279 21.42 -26.02 5.98
C HIS E 279 21.11 -24.53 6.05
N PHE E 280 20.02 -24.16 6.70
CA PHE E 280 19.57 -22.76 6.74
C PHE E 280 20.19 -22.00 7.90
N GLY E 281 19.94 -22.46 9.12
CA GLY E 281 20.44 -21.81 10.31
C GLY E 281 19.37 -21.70 11.36
N SER E 282 19.75 -21.13 12.50
CA SER E 282 18.84 -21.01 13.64
C SER E 282 17.95 -19.78 13.56
N LYS E 283 18.08 -18.96 12.53
CA LYS E 283 17.30 -17.73 12.39
C LYS E 283 16.76 -17.61 10.96
N HIS E 284 16.20 -18.70 10.45
CA HIS E 284 15.64 -18.74 9.11
C HIS E 284 14.14 -18.96 9.17
N PRO E 285 13.38 -18.35 8.25
CA PRO E 285 11.94 -18.63 8.21
C PRO E 285 11.60 -20.10 7.98
N LYS E 286 12.38 -20.80 7.15
CA LYS E 286 12.12 -22.22 6.93
C LYS E 286 12.39 -23.04 8.19
N TYR E 287 13.46 -22.69 8.92
CA TYR E 287 13.71 -23.35 10.19
C TYR E 287 12.61 -23.05 11.19
N SER E 288 12.05 -21.84 11.14
CA SER E 288 10.92 -21.50 12.00
C SER E 288 9.69 -22.33 11.65
N ASP E 289 9.43 -22.54 10.36
CA ASP E 289 8.31 -23.38 9.95
C ASP E 289 8.52 -24.82 10.39
N THR E 290 9.76 -25.31 10.28
CA THR E 290 10.05 -26.66 10.73
C THR E 290 9.89 -26.80 12.24
N LEU E 291 10.29 -25.77 12.99
CA LEU E 291 10.04 -25.78 14.43
C LEU E 291 8.55 -25.73 14.74
N LEU E 292 7.78 -25.00 13.93
CA LEU E 292 6.33 -24.96 14.15
C LEU E 292 5.71 -26.33 13.95
N ASP E 293 6.13 -27.04 12.91
CA ASP E 293 5.62 -28.40 12.70
C ASP E 293 6.13 -29.35 13.78
N TYR E 294 7.35 -29.15 14.27
CA TYR E 294 7.86 -29.95 15.38
C TYR E 294 7.04 -29.72 16.65
N GLY E 295 6.67 -28.47 16.91
CA GLY E 295 5.79 -28.19 18.02
C GLY E 295 4.41 -28.77 17.84
N PHE E 296 3.91 -28.80 16.61
CA PHE E 296 2.65 -29.48 16.35
C PHE E 296 2.75 -30.97 16.70
N TYR E 297 3.84 -31.61 16.29
CA TYR E 297 4.04 -33.02 16.64
C TYR E 297 4.08 -33.18 18.15
N LEU E 298 4.86 -32.35 18.84
CA LEU E 298 5.02 -32.46 20.28
C LEU E 298 3.70 -32.26 21.01
N LEU E 299 2.91 -31.29 20.57
CA LEU E 299 1.60 -31.06 21.16
C LEU E 299 0.66 -32.23 20.90
N ASN E 300 0.80 -32.91 19.76
CA ASN E 300 -0.05 -34.04 19.44
C ASN E 300 0.49 -35.37 19.95
N VAL E 301 1.64 -35.40 20.61
CA VAL E 301 2.15 -36.63 21.19
C VAL E 301 2.32 -36.49 22.71
N ASP E 302 1.67 -35.49 23.29
CA ASP E 302 1.68 -35.23 24.73
C ASP E 302 3.10 -34.94 25.24
N ASN E 303 3.70 -33.90 24.66
CA ASN E 303 4.98 -33.34 25.09
C ASN E 303 4.83 -31.85 25.28
N ILE E 304 3.81 -31.47 26.04
CA ILE E 304 3.28 -30.12 26.04
C ILE E 304 4.30 -29.13 26.58
N CYS E 305 5.03 -29.52 27.63
CA CYS E 305 5.92 -28.60 28.34
C CYS E 305 7.02 -28.08 27.43
N GLN E 306 7.60 -28.95 26.60
CA GLN E 306 8.57 -28.50 25.62
C GLN E 306 7.93 -28.10 24.29
N SER E 307 6.66 -28.47 24.05
CA SER E 307 5.98 -27.98 22.86
C SER E 307 5.76 -26.48 22.95
N VAL E 308 5.46 -25.98 24.15
CA VAL E 308 5.33 -24.53 24.33
C VAL E 308 6.67 -23.84 24.05
N ALA E 309 7.76 -24.42 24.55
CA ALA E 309 9.08 -23.83 24.33
C ALA E 309 9.49 -23.89 22.86
N ILE E 310 9.04 -24.92 22.14
CA ILE E 310 9.37 -25.02 20.72
C ILE E 310 8.63 -23.96 19.92
N TYR E 311 7.34 -23.75 20.21
CA TYR E 311 6.59 -22.67 19.57
C TYR E 311 7.17 -21.31 19.89
N GLN E 312 7.58 -21.09 21.14
CA GLN E 312 8.21 -19.82 21.50
C GLN E 312 9.51 -19.62 20.73
N ALA E 313 10.22 -20.71 20.43
CA ALA E 313 11.36 -20.63 19.53
C ALA E 313 10.91 -20.33 18.10
N ALA E 314 9.76 -20.86 17.68
CA ALA E 314 9.27 -20.59 16.34
C ALA E 314 8.79 -19.15 16.20
N LEU E 315 8.15 -18.62 17.23
CA LEU E 315 7.69 -17.24 17.19
C LEU E 315 8.86 -16.27 17.25
N ASP E 316 9.87 -16.57 18.08
CA ASP E 316 11.01 -15.68 18.21
C ASP E 316 11.82 -15.58 16.92
N ILE E 317 11.69 -16.55 16.03
CA ILE E 317 12.37 -16.46 14.73
C ILE E 317 11.50 -15.71 13.72
N ARG E 318 10.21 -16.03 13.68
CA ARG E 318 9.34 -15.37 12.72
C ARG E 318 9.11 -13.91 13.07
N GLN E 319 9.07 -13.57 14.34
CA GLN E 319 8.89 -12.18 14.75
C GLN E 319 10.17 -11.37 14.58
N SER E 320 11.33 -12.02 14.65
CA SER E 320 12.60 -11.37 14.36
C SER E 320 12.87 -11.18 12.88
N VAL E 321 12.30 -12.03 12.02
CA VAL E 321 12.55 -11.91 10.58
C VAL E 321 11.41 -11.17 9.89
N PHE E 322 10.17 -11.56 10.18
CA PHE E 322 9.00 -11.02 9.52
C PHE E 322 8.33 -9.90 10.30
N GLY E 323 9.09 -9.07 11.00
CA GLY E 323 8.55 -7.86 11.59
C GLY E 323 7.44 -8.15 12.58
N GLY E 324 6.47 -7.23 12.62
CA GLY E 324 5.41 -7.31 13.60
C GLY E 324 4.11 -7.92 13.12
N LYS E 325 3.59 -7.44 11.99
CA LYS E 325 2.25 -7.77 11.54
C LYS E 325 2.34 -8.60 10.25
N ASN E 326 2.46 -9.90 10.41
CA ASN E 326 2.53 -10.84 9.30
C ASN E 326 1.64 -12.04 9.58
N ILE E 327 1.19 -12.69 8.51
CA ILE E 327 0.39 -13.90 8.63
C ILE E 327 1.20 -15.05 9.23
N HIS E 328 2.50 -15.12 8.94
CA HIS E 328 3.38 -16.12 9.52
C HIS E 328 3.61 -15.90 11.00
N VAL E 329 3.84 -14.65 11.41
CA VAL E 329 3.88 -14.31 12.82
C VAL E 329 2.52 -14.56 13.46
N ALA E 330 1.44 -14.31 12.72
CA ALA E 330 0.11 -14.58 13.24
C ALA E 330 -0.10 -16.08 13.47
N THR E 331 0.35 -16.92 12.54
CA THR E 331 0.23 -18.36 12.74
C THR E 331 1.08 -18.84 13.90
N ALA E 332 2.28 -18.27 14.05
CA ALA E 332 3.12 -18.60 15.20
C ALA E 332 2.44 -18.20 16.51
N HIS E 333 1.79 -17.03 16.52
CA HIS E 333 1.08 -16.57 17.70
C HIS E 333 -0.09 -17.48 18.04
N GLU E 334 -0.89 -17.84 17.02
CA GLU E 334 -2.06 -18.66 17.28
C GLU E 334 -1.69 -20.10 17.67
N ASP E 335 -0.55 -20.59 17.19
CA ASP E 335 -0.10 -21.91 17.61
C ASP E 335 0.49 -21.86 19.02
N LEU E 336 1.27 -20.82 19.33
CA LEU E 336 1.82 -20.68 20.67
C LEU E 336 0.72 -20.41 21.69
N ALA E 337 -0.32 -19.68 21.31
CA ALA E 337 -1.42 -19.42 22.22
C ALA E 337 -2.17 -20.70 22.57
N TYR E 338 -2.39 -21.57 21.58
CA TYR E 338 -3.10 -22.81 21.87
C TYR E 338 -2.26 -23.76 22.69
N SER E 339 -0.95 -23.83 22.41
CA SER E 339 -0.09 -24.70 23.22
C SER E 339 0.04 -24.19 24.63
N SER E 340 0.13 -22.87 24.81
CA SER E 340 0.14 -22.30 26.16
C SER E 340 -1.19 -22.53 26.86
N TYR E 341 -2.30 -22.43 26.11
CA TYR E 341 -3.61 -22.72 26.67
C TYR E 341 -3.69 -24.16 27.16
N VAL E 342 -3.18 -25.10 26.37
CA VAL E 342 -3.19 -26.50 26.76
C VAL E 342 -2.29 -26.73 27.97
N HIS E 343 -1.12 -26.10 27.98
CA HIS E 343 -0.16 -26.22 29.06
C HIS E 343 -0.68 -25.69 30.39
N GLN E 344 -1.35 -24.53 30.38
CA GLN E 344 -1.86 -23.98 31.63
C GLN E 344 -3.33 -24.30 31.85
N TYR E 345 -3.85 -25.36 31.22
CA TYR E 345 -5.24 -25.74 31.42
C TYR E 345 -5.49 -26.23 32.84
N SER E 346 -4.47 -26.73 33.53
CA SER E 346 -4.57 -27.16 34.92
C SER E 346 -3.99 -26.14 35.88
N SER E 347 -3.72 -24.92 35.38
CA SER E 347 -3.16 -23.87 36.22
C SER E 347 -4.07 -22.65 36.25
N GLY E 348 -4.66 -22.31 35.10
CA GLY E 348 -5.57 -21.19 34.98
C GLY E 348 -4.89 -19.87 34.65
N LYS E 349 -3.56 -19.87 34.57
CA LYS E 349 -2.83 -18.64 34.25
C LYS E 349 -2.87 -18.34 32.76
N PHE E 350 -4.05 -17.96 32.26
CA PHE E 350 -4.22 -17.68 30.84
C PHE E 350 -4.04 -16.21 30.51
N ASP E 351 -2.90 -15.65 30.94
CA ASP E 351 -2.56 -14.27 30.62
C ASP E 351 -1.63 -14.15 29.42
N ASN E 352 -0.62 -15.01 29.34
CA ASN E 352 0.25 -15.03 28.17
C ASN E 352 -0.45 -15.69 26.98
N ALA E 353 -1.23 -16.74 27.24
CA ALA E 353 -1.94 -17.42 26.17
C ALA E 353 -2.98 -16.51 25.52
N LEU E 354 -3.73 -15.75 26.33
CA LEU E 354 -4.67 -14.79 25.77
C LEU E 354 -3.94 -13.66 25.06
N PHE E 355 -2.78 -13.26 25.57
CA PHE E 355 -2.00 -12.22 24.91
C PHE E 355 -1.57 -12.67 23.52
N HIS E 356 -1.15 -13.93 23.39
CA HIS E 356 -0.76 -14.44 22.09
C HIS E 356 -1.97 -14.67 21.18
N ALA E 357 -3.10 -15.08 21.74
CA ALA E 357 -4.28 -15.32 20.92
C ALA E 357 -4.88 -14.03 20.39
N GLU E 358 -4.88 -12.97 21.20
CA GLU E 358 -5.35 -11.68 20.73
C GLU E 358 -4.35 -10.99 19.80
N ARG E 359 -3.06 -11.33 19.90
CA ARG E 359 -2.11 -10.83 18.94
C ARG E 359 -2.21 -11.55 17.61
N ALA E 360 -2.80 -12.75 17.58
CA ALA E 360 -3.00 -13.49 16.36
C ALA E 360 -4.27 -13.09 15.62
N ILE E 361 -5.15 -12.32 16.26
CA ILE E 361 -6.36 -11.82 15.61
C ILE E 361 -6.22 -10.36 15.22
N GLY E 362 -5.55 -9.57 16.04
CA GLY E 362 -5.25 -8.20 15.67
C GLY E 362 -4.33 -8.07 14.48
N ILE E 363 -3.62 -9.14 14.13
CA ILE E 363 -2.77 -9.16 12.95
C ILE E 363 -3.55 -9.61 11.72
N ILE E 364 -4.31 -10.70 11.83
CA ILE E 364 -4.98 -11.26 10.67
C ILE E 364 -6.11 -10.35 10.20
N THR E 365 -6.85 -9.74 11.14
CA THR E 365 -7.91 -8.83 10.74
C THR E 365 -7.39 -7.63 9.97
N HIS E 366 -6.14 -7.24 10.24
CA HIS E 366 -5.50 -6.18 9.46
C HIS E 366 -5.23 -6.63 8.03
N ILE E 367 -4.65 -7.83 7.87
CA ILE E 367 -4.11 -8.24 6.58
C ILE E 367 -5.03 -9.17 5.79
N LEU E 368 -6.04 -9.76 6.44
CA LEU E 368 -6.90 -10.70 5.75
C LEU E 368 -8.37 -10.28 5.90
N PRO E 369 -9.21 -10.62 4.93
CA PRO E 369 -10.64 -10.29 5.05
C PRO E 369 -11.30 -11.08 6.17
N GLU E 370 -12.44 -10.56 6.63
CA GLU E 370 -13.18 -11.19 7.71
C GLU E 370 -13.76 -12.55 7.30
N ASP E 371 -13.94 -12.79 6.00
CA ASP E 371 -14.47 -14.05 5.51
C ASP E 371 -13.37 -15.06 5.19
N HIS E 372 -12.19 -14.91 5.78
CA HIS E 372 -11.08 -15.82 5.51
C HIS E 372 -11.09 -16.98 6.49
N LEU E 373 -10.74 -18.16 5.99
CA LEU E 373 -10.76 -19.36 6.82
C LEU E 373 -9.66 -19.34 7.86
N LEU E 374 -8.46 -18.86 7.50
CA LEU E 374 -7.33 -18.84 8.41
C LEU E 374 -7.57 -17.95 9.62
N LEU E 375 -8.44 -16.94 9.49
CA LEU E 375 -8.83 -16.14 10.65
C LEU E 375 -9.62 -16.97 11.64
N ALA E 376 -10.47 -17.88 11.15
CA ALA E 376 -11.39 -18.61 12.00
C ALA E 376 -10.66 -19.40 13.07
N SER E 377 -9.59 -20.07 12.70
CA SER E 377 -8.80 -20.82 13.68
C SER E 377 -8.27 -19.89 14.77
N SER E 378 -7.81 -18.70 14.39
CA SER E 378 -7.33 -17.75 15.38
C SER E 378 -8.44 -17.33 16.32
N LYS E 379 -9.69 -17.33 15.85
CA LYS E 379 -10.80 -17.10 16.76
C LYS E 379 -10.94 -18.25 17.75
N ARG E 380 -10.83 -19.49 17.26
CA ARG E 380 -10.97 -20.66 18.12
C ARG E 380 -10.03 -20.58 19.31
N VAL E 381 -8.75 -20.34 19.04
CA VAL E 381 -7.74 -20.30 20.09
C VAL E 381 -8.06 -19.22 21.11
N LYS E 382 -8.70 -18.13 20.69
CA LYS E 382 -9.11 -17.13 21.67
C LYS E 382 -10.25 -17.64 22.53
N ALA E 383 -11.27 -18.25 21.90
CA ALA E 383 -12.48 -18.61 22.64
C ALA E 383 -12.18 -19.64 23.71
N LEU E 384 -11.45 -20.70 23.36
CA LEU E 384 -11.07 -21.71 24.35
C LEU E 384 -10.27 -21.10 25.49
N ILE E 385 -9.61 -19.98 25.25
CA ILE E 385 -8.98 -19.28 26.36
C ILE E 385 -10.00 -18.45 27.12
N LEU E 386 -10.78 -17.62 26.40
CA LEU E 386 -11.68 -16.68 27.05
C LEU E 386 -12.69 -17.41 27.93
N GLU E 387 -13.31 -18.45 27.38
CA GLU E 387 -14.25 -19.27 28.15
C GLU E 387 -13.60 -19.79 29.43
N GLU E 388 -12.35 -20.24 29.35
CA GLU E 388 -11.66 -20.70 30.55
C GLU E 388 -11.49 -19.56 31.55
N ILE E 389 -11.13 -18.37 31.07
CA ILE E 389 -11.02 -17.22 31.96
C ILE E 389 -12.37 -16.92 32.59
N ALA E 390 -13.46 -17.32 31.92
CA ALA E 390 -14.78 -17.16 32.50
C ALA E 390 -14.98 -18.07 33.70
N ILE E 391 -14.48 -19.31 33.62
CA ILE E 391 -14.77 -20.28 34.68
C ILE E 391 -13.75 -20.22 35.80
N ASP E 392 -12.73 -19.37 35.69
CA ASP E 392 -11.79 -19.15 36.78
C ASP E 392 -11.97 -17.79 37.45
N CYS E 393 -12.65 -16.85 36.80
CA CYS E 393 -12.88 -15.54 37.39
C CYS E 393 -13.86 -15.64 38.56
N HIS E 394 -13.85 -14.61 39.40
CA HIS E 394 -14.70 -14.55 40.58
C HIS E 394 -15.94 -13.69 40.37
N ASN E 395 -16.26 -13.34 39.13
CA ASN E 395 -17.40 -12.50 38.81
C ASN E 395 -18.40 -13.31 37.99
N LYS E 396 -19.65 -12.84 37.98
CA LYS E 396 -20.72 -13.48 37.23
C LYS E 396 -21.03 -12.78 35.92
N GLU E 397 -21.14 -11.45 35.95
CA GLU E 397 -21.37 -10.70 34.72
C GLU E 397 -20.19 -10.84 33.77
N THR E 398 -18.97 -10.82 34.31
CA THR E 398 -17.78 -11.05 33.49
C THR E 398 -17.82 -12.43 32.86
N GLU E 399 -18.23 -13.44 33.62
CA GLU E 399 -18.33 -14.79 33.09
C GLU E 399 -19.36 -14.87 31.97
N GLN E 400 -20.52 -14.23 32.15
CA GLN E 400 -21.54 -14.25 31.10
C GLN E 400 -21.06 -13.52 29.85
N ARG E 401 -20.36 -12.39 30.03
CA ARG E 401 -19.83 -11.65 28.89
C ARG E 401 -18.79 -12.49 28.13
N LEU E 402 -17.92 -13.18 28.87
CA LEU E 402 -16.92 -14.03 28.22
C LEU E 402 -17.56 -15.19 27.48
N LEU E 403 -18.61 -15.79 28.07
CA LEU E 403 -19.33 -16.85 27.37
C LEU E 403 -19.98 -16.33 26.10
N GLN E 404 -20.56 -15.13 26.14
CA GLN E 404 -21.16 -14.56 24.93
C GLN E 404 -20.10 -14.31 23.86
N GLU E 405 -18.94 -13.77 24.26
CA GLU E 405 -17.88 -13.51 23.30
C GLU E 405 -17.36 -14.80 22.69
N ALA E 406 -17.15 -15.83 23.51
CA ALA E 406 -16.69 -17.11 22.99
C ALA E 406 -17.75 -17.76 22.11
N HIS E 407 -19.03 -17.55 22.41
CA HIS E 407 -20.09 -18.04 21.54
C HIS E 407 -20.02 -17.37 20.18
N ASP E 408 -19.79 -16.06 20.17
CA ASP E 408 -19.63 -15.36 18.90
C ASP E 408 -18.45 -15.90 18.11
N LEU E 409 -17.32 -16.14 18.80
CA LEU E 409 -16.12 -16.61 18.12
C LEU E 409 -16.31 -18.00 17.55
N HIS E 410 -16.82 -18.94 18.34
CA HIS E 410 -17.08 -20.28 17.84
C HIS E 410 -18.12 -20.30 16.73
N LEU E 411 -19.17 -19.48 16.84
CA LEU E 411 -20.17 -19.46 15.78
C LEU E 411 -19.57 -18.94 14.48
N SER E 412 -18.77 -17.87 14.54
CA SER E 412 -18.14 -17.34 13.33
C SER E 412 -17.18 -18.36 12.73
N SER E 413 -16.37 -19.01 13.56
CA SER E 413 -15.43 -20.00 13.04
C SER E 413 -16.16 -21.19 12.44
N LEU E 414 -17.26 -21.63 13.07
CA LEU E 414 -18.04 -22.74 12.53
C LEU E 414 -18.65 -22.37 11.19
N GLN E 415 -19.18 -21.15 11.07
CA GLN E 415 -19.75 -20.74 9.79
C GLN E 415 -18.69 -20.67 8.71
N LEU E 416 -17.50 -20.17 9.05
CA LEU E 416 -16.41 -20.13 8.07
C LEU E 416 -15.99 -21.53 7.65
N ALA E 417 -15.88 -22.45 8.61
CA ALA E 417 -15.50 -23.83 8.27
C ALA E 417 -16.57 -24.50 7.43
N LYS E 418 -17.85 -24.29 7.75
CA LYS E 418 -18.93 -24.88 6.97
C LYS E 418 -18.96 -24.33 5.55
N LYS E 419 -18.73 -23.02 5.41
CA LYS E 419 -18.71 -22.42 4.08
C LYS E 419 -17.53 -22.93 3.26
N ALA E 420 -16.34 -23.02 3.85
CA ALA E 420 -15.16 -23.36 3.07
C ALA E 420 -15.03 -24.88 2.88
N PHE E 421 -14.86 -25.61 3.98
CA PHE E 421 -14.62 -27.05 3.88
C PHE E 421 -15.85 -27.82 3.44
N GLY E 422 -16.99 -27.53 4.05
CA GLY E 422 -18.19 -28.32 3.88
C GLY E 422 -18.84 -28.62 5.22
N GLU E 423 -19.76 -29.57 5.19
CA GLU E 423 -20.54 -29.88 6.38
C GLU E 423 -19.90 -30.96 7.25
N PHE E 424 -19.35 -32.00 6.63
CA PHE E 424 -18.97 -33.21 7.34
C PHE E 424 -17.47 -33.48 7.15
N ASN E 425 -16.65 -32.94 8.05
CA ASN E 425 -15.24 -33.30 8.11
C ASN E 425 -14.77 -33.16 9.55
N VAL E 426 -13.45 -33.25 9.75
CA VAL E 426 -12.92 -33.30 11.11
C VAL E 426 -13.03 -31.95 11.81
N GLN E 427 -12.71 -30.86 11.11
CA GLN E 427 -12.65 -29.56 11.77
C GLN E 427 -14.04 -29.00 12.08
N THR E 428 -15.04 -29.28 11.24
CA THR E 428 -16.40 -28.90 11.59
C THR E 428 -16.86 -29.63 12.85
N ALA E 429 -16.48 -30.90 12.98
CA ALA E 429 -16.80 -31.63 14.20
C ALA E 429 -15.98 -31.13 15.39
N LYS E 430 -14.77 -30.64 15.16
CA LYS E 430 -14.01 -29.98 16.23
C LYS E 430 -14.75 -28.74 16.70
N HIS E 431 -15.30 -27.97 15.77
CA HIS E 431 -16.12 -26.81 16.13
C HIS E 431 -17.36 -27.24 16.91
N TYR E 432 -17.98 -28.34 16.50
CA TYR E 432 -19.15 -28.85 17.21
C TYR E 432 -18.79 -29.28 18.63
N GLY E 433 -17.63 -29.93 18.81
CA GLY E 433 -17.19 -30.28 20.15
C GLY E 433 -16.86 -29.08 20.99
N ASN E 434 -16.27 -28.05 20.36
CA ASN E 434 -16.01 -26.80 21.07
C ASN E 434 -17.31 -26.15 21.53
N LEU E 435 -18.33 -26.15 20.66
CA LEU E 435 -19.63 -25.63 21.05
C LEU E 435 -20.28 -26.47 22.14
N GLY E 436 -20.06 -27.79 22.13
CA GLY E 436 -20.55 -28.62 23.21
C GLY E 436 -19.92 -28.27 24.54
N ARG E 437 -18.59 -28.09 24.55
CA ARG E 437 -17.92 -27.66 25.77
C ARG E 437 -18.42 -26.30 26.22
N LEU E 438 -18.60 -25.37 25.28
CA LEU E 438 -19.07 -24.04 25.61
C LEU E 438 -20.46 -24.07 26.21
N TYR E 439 -21.36 -24.84 25.62
CA TYR E 439 -22.72 -24.94 26.13
C TYR E 439 -22.75 -25.65 27.48
N GLN E 440 -21.82 -26.58 27.72
CA GLN E 440 -21.65 -27.12 29.06
C GLN E 440 -21.24 -26.02 30.02
N SER E 441 -20.33 -25.14 29.60
CA SER E 441 -19.93 -24.02 30.44
C SER E 441 -21.00 -22.94 30.51
N MET E 442 -21.80 -22.80 29.45
CA MET E 442 -22.84 -21.77 29.40
C MET E 442 -24.11 -22.20 30.14
N ARG E 443 -24.05 -23.28 30.93
CA ARG E 443 -25.18 -23.78 31.72
C ARG E 443 -26.38 -24.13 30.83
N LYS E 444 -26.13 -24.52 29.59
CA LYS E 444 -27.16 -24.95 28.65
C LYS E 444 -26.73 -26.33 28.15
N PHE E 445 -27.11 -27.37 28.89
CA PHE E 445 -26.60 -28.71 28.62
C PHE E 445 -27.47 -29.49 27.64
N LYS E 446 -28.71 -29.05 27.41
CA LYS E 446 -29.55 -29.72 26.42
C LYS E 446 -28.99 -29.56 25.02
N GLU E 447 -28.51 -28.37 24.67
CA GLU E 447 -27.83 -28.18 23.40
C GLU E 447 -26.42 -28.77 23.42
N ALA E 448 -25.79 -28.80 24.59
CA ALA E 448 -24.46 -29.38 24.70
C ALA E 448 -24.48 -30.87 24.38
N GLU E 449 -25.52 -31.58 24.83
CA GLU E 449 -25.65 -32.99 24.49
C GLU E 449 -25.76 -33.20 22.99
N GLU E 450 -26.58 -32.39 22.32
CA GLU E 450 -26.73 -32.52 20.88
C GLU E 450 -25.42 -32.20 20.15
N MET E 451 -24.71 -31.15 20.60
CA MET E 451 -23.45 -30.78 19.98
C MET E 451 -22.42 -31.89 20.13
N HIS E 452 -22.29 -32.45 21.34
CA HIS E 452 -21.35 -33.53 21.54
C HIS E 452 -21.75 -34.78 20.74
N ILE E 453 -23.05 -35.07 20.67
CA ILE E 453 -23.50 -36.26 19.94
C ILE E 453 -23.17 -36.12 18.45
N LYS E 454 -23.44 -34.95 17.86
CA LYS E 454 -23.14 -34.79 16.44
C LYS E 454 -21.63 -34.73 16.19
N ALA E 455 -20.86 -34.19 17.14
CA ALA E 455 -19.41 -34.24 17.01
C ALA E 455 -18.90 -35.67 17.05
N ILE E 456 -19.46 -36.50 17.94
CA ILE E 456 -19.11 -37.91 17.98
C ILE E 456 -19.47 -38.59 16.67
N GLN E 457 -20.65 -38.30 16.14
CA GLN E 457 -21.08 -38.93 14.89
C GLN E 457 -20.13 -38.60 13.76
N ILE E 458 -19.78 -37.32 13.62
CA ILE E 458 -18.92 -36.90 12.50
C ILE E 458 -17.51 -37.44 12.68
N LYS E 459 -16.96 -37.35 13.89
CA LYS E 459 -15.60 -37.82 14.13
C LYS E 459 -15.49 -39.33 14.20
N GLU E 460 -16.61 -40.06 14.30
CA GLU E 460 -16.57 -41.50 14.33
C GLU E 460 -16.87 -42.14 12.99
N GLN E 461 -17.75 -41.54 12.18
CA GLN E 461 -17.99 -42.09 10.86
C GLN E 461 -16.89 -41.73 9.86
N LEU E 462 -16.04 -40.75 10.19
CA LEU E 462 -14.95 -40.34 9.31
C LEU E 462 -13.61 -40.84 9.82
N LEU E 463 -13.25 -40.51 11.07
CA LEU E 463 -12.05 -41.06 11.66
C LEU E 463 -12.35 -42.44 12.25
N GLY E 464 -11.35 -43.03 12.89
CA GLY E 464 -11.56 -44.29 13.56
C GLY E 464 -12.31 -44.13 14.87
N GLN E 465 -12.66 -45.27 15.46
CA GLN E 465 -13.34 -45.29 16.74
C GLN E 465 -12.38 -45.32 17.92
N GLU E 466 -11.07 -45.26 17.66
CA GLU E 466 -10.05 -45.34 18.70
C GLU E 466 -9.01 -44.24 18.51
N ASP E 467 -9.41 -43.07 18.04
CA ASP E 467 -8.49 -41.98 17.77
C ASP E 467 -8.45 -41.00 18.94
N TYR E 468 -7.44 -40.12 18.89
CA TYR E 468 -7.24 -39.13 19.94
C TYR E 468 -8.42 -38.17 20.03
N GLU E 469 -8.89 -37.68 18.88
CA GLU E 469 -9.99 -36.71 18.88
C GLU E 469 -11.30 -37.35 19.34
N VAL E 470 -11.55 -38.59 18.93
CA VAL E 470 -12.75 -39.30 19.38
C VAL E 470 -12.69 -39.52 20.88
N ALA E 471 -11.52 -39.87 21.41
CA ALA E 471 -11.37 -40.02 22.85
C ALA E 471 -11.61 -38.69 23.56
N LEU E 472 -11.10 -37.60 22.99
CA LEU E 472 -11.31 -36.29 23.60
C LEU E 472 -12.79 -35.93 23.63
N SER E 473 -13.51 -36.20 22.55
CA SER E 473 -14.92 -35.84 22.51
C SER E 473 -15.78 -36.75 23.37
N VAL E 474 -15.46 -38.05 23.45
CA VAL E 474 -16.22 -38.90 24.37
C VAL E 474 -15.94 -38.51 25.82
N GLY E 475 -14.70 -38.09 26.12
CA GLY E 475 -14.43 -37.58 27.45
C GLY E 475 -15.22 -36.32 27.76
N HIS E 476 -15.30 -35.41 26.79
CA HIS E 476 -16.11 -34.21 26.98
C HIS E 476 -17.59 -34.55 27.18
N LEU E 477 -18.12 -35.46 26.38
CA LEU E 477 -19.53 -35.82 26.50
C LEU E 477 -19.82 -36.51 27.82
N ALA E 478 -18.91 -37.37 28.27
CA ALA E 478 -19.13 -38.04 29.55
C ALA E 478 -18.94 -37.09 30.73
N SER E 479 -18.08 -36.07 30.59
CA SER E 479 -18.02 -35.03 31.61
C SER E 479 -19.29 -34.20 31.62
N LEU E 480 -19.90 -34.00 30.46
CA LEU E 480 -21.21 -33.34 30.40
C LEU E 480 -22.28 -34.17 31.11
N TYR E 481 -22.27 -35.48 30.88
CA TYR E 481 -23.28 -36.35 31.48
C TYR E 481 -23.09 -36.47 32.99
N ASN E 482 -21.95 -37.00 33.42
CA ASN E 482 -21.79 -37.41 34.81
C ASN E 482 -21.82 -36.23 35.79
N TYR E 483 -21.58 -35.01 35.32
CA TYR E 483 -21.62 -33.87 36.22
C TYR E 483 -22.97 -33.16 36.21
N ASP E 484 -23.55 -32.93 35.03
CA ASP E 484 -24.74 -32.11 34.93
C ASP E 484 -25.95 -32.86 34.39
N MET E 485 -25.83 -33.52 33.25
CA MET E 485 -27.00 -34.13 32.63
C MET E 485 -27.45 -35.40 33.35
N ASN E 486 -26.52 -36.09 34.02
CA ASN E 486 -26.82 -37.21 34.91
C ASN E 486 -27.45 -38.39 34.16
N GLN E 487 -26.80 -38.80 33.08
CA GLN E 487 -27.04 -40.10 32.46
C GLN E 487 -25.81 -40.94 32.79
N TYR E 488 -25.88 -41.63 33.94
CA TYR E 488 -24.67 -42.18 34.55
C TYR E 488 -24.14 -43.39 33.78
N GLU E 489 -25.01 -44.20 33.18
CA GLU E 489 -24.55 -45.36 32.43
C GLU E 489 -23.77 -44.93 31.20
N ASN E 490 -24.31 -43.98 30.43
CA ASN E 490 -23.61 -43.47 29.26
C ASN E 490 -22.30 -42.79 29.65
N ALA E 491 -22.32 -42.04 30.76
CA ALA E 491 -21.10 -41.39 31.22
C ALA E 491 -20.04 -42.41 31.60
N GLU E 492 -20.44 -43.49 32.27
CA GLU E 492 -19.48 -44.52 32.66
C GLU E 492 -18.90 -45.21 31.42
N LYS E 493 -19.74 -45.57 30.46
CA LYS E 493 -19.23 -46.27 29.29
C LYS E 493 -18.33 -45.37 28.46
N LEU E 494 -18.63 -44.07 28.41
CA LEU E 494 -17.80 -43.16 27.64
C LEU E 494 -16.48 -42.88 28.36
N TYR E 495 -16.50 -42.80 29.70
CA TYR E 495 -15.25 -42.72 30.45
C TYR E 495 -14.37 -43.94 30.22
N LEU E 496 -14.94 -45.15 30.26
CA LEU E 496 -14.14 -46.34 30.00
C LEU E 496 -13.59 -46.33 28.57
N ARG E 497 -14.41 -45.92 27.60
CA ARG E 497 -13.94 -45.82 26.22
C ARG E 497 -12.77 -44.84 26.11
N SER E 498 -12.91 -43.66 26.72
CA SER E 498 -11.86 -42.65 26.65
C SER E 498 -10.58 -43.12 27.32
N ILE E 499 -10.71 -43.77 28.48
CA ILE E 499 -9.53 -44.27 29.19
C ILE E 499 -8.83 -45.35 28.37
N ALA E 500 -9.61 -46.25 27.78
CA ALA E 500 -9.02 -47.30 26.95
C ALA E 500 -8.30 -46.72 25.74
N ILE E 501 -8.91 -45.75 25.07
CA ILE E 501 -8.28 -45.17 23.88
C ILE E 501 -7.01 -44.41 24.26
N GLY E 502 -7.06 -43.63 25.34
CA GLY E 502 -5.88 -42.91 25.77
C GLY E 502 -4.75 -43.84 26.19
N LYS E 503 -5.08 -44.91 26.90
CA LYS E 503 -4.06 -45.88 27.30
C LYS E 503 -3.47 -46.61 26.09
N LYS E 504 -4.30 -46.90 25.09
CA LYS E 504 -3.78 -47.52 23.87
C LYS E 504 -2.87 -46.57 23.11
N LEU E 505 -3.24 -45.29 23.04
CA LEU E 505 -2.48 -44.35 22.21
C LEU E 505 -1.21 -43.88 22.90
N PHE E 506 -1.34 -43.20 24.04
CA PHE E 506 -0.19 -42.56 24.68
C PHE E 506 0.32 -43.35 25.89
N GLY E 507 -0.23 -44.51 26.17
CA GLY E 507 0.15 -45.24 27.36
C GLY E 507 -0.51 -44.65 28.60
N GLU E 508 0.00 -45.08 29.75
CA GLU E 508 -0.53 -44.61 31.02
C GLU E 508 -0.10 -43.18 31.34
N GLY E 509 0.99 -42.71 30.75
CA GLY E 509 1.48 -41.37 31.01
C GLY E 509 0.73 -40.25 30.32
N TYR E 510 -0.36 -40.57 29.63
CA TYR E 510 -1.16 -39.55 28.96
C TYR E 510 -1.72 -38.56 29.97
N SER E 511 -1.57 -37.27 29.67
CA SER E 511 -2.02 -36.23 30.59
C SER E 511 -3.52 -36.03 30.56
N GLY E 512 -4.19 -36.47 29.50
CA GLY E 512 -5.63 -36.32 29.41
C GLY E 512 -6.44 -37.32 30.18
N LEU E 513 -5.77 -38.29 30.83
CA LEU E 513 -6.48 -39.27 31.63
C LEU E 513 -6.85 -38.75 33.02
N GLU E 514 -6.22 -37.65 33.45
CA GLU E 514 -6.49 -37.12 34.79
C GLU E 514 -7.94 -36.66 34.92
N TYR E 515 -8.43 -35.91 33.94
CA TYR E 515 -9.79 -35.42 34.00
C TYR E 515 -10.80 -36.56 33.88
N ASP E 516 -10.50 -37.55 33.04
CA ASP E 516 -11.37 -38.73 32.95
C ASP E 516 -11.42 -39.49 34.26
N TYR E 517 -10.26 -39.66 34.92
CA TYR E 517 -10.23 -40.36 36.20
C TYR E 517 -10.99 -39.58 37.27
N ARG E 518 -10.83 -38.25 37.29
CA ARG E 518 -11.55 -37.44 38.27
C ARG E 518 -13.05 -37.51 38.04
N GLY E 519 -13.48 -37.44 36.77
CA GLY E 519 -14.89 -37.56 36.48
C GLY E 519 -15.45 -38.92 36.85
N LEU E 520 -14.67 -39.98 36.62
CA LEU E 520 -15.12 -41.32 36.97
C LEU E 520 -15.19 -41.50 38.49
N ILE E 521 -14.26 -40.90 39.23
CA ILE E 521 -14.30 -40.95 40.68
C ILE E 521 -15.55 -40.24 41.20
N LYS E 522 -15.85 -39.05 40.65
CA LYS E 522 -17.06 -38.35 41.05
C LYS E 522 -18.30 -39.15 40.69
N LEU E 523 -18.30 -39.78 39.51
CA LEU E 523 -19.43 -40.59 39.08
C LEU E 523 -19.68 -41.75 40.04
N TYR E 524 -18.61 -42.44 40.44
CA TYR E 524 -18.76 -43.57 41.36
C TYR E 524 -19.15 -43.12 42.75
N ASN E 525 -18.64 -41.97 43.21
CA ASN E 525 -19.11 -41.41 44.48
C ASN E 525 -20.59 -41.06 44.42
N SER E 526 -21.07 -40.63 43.25
CA SER E 526 -22.48 -40.30 43.10
C SER E 526 -23.35 -41.53 42.82
N ILE E 527 -22.76 -42.68 42.51
CA ILE E 527 -23.55 -43.87 42.24
C ILE E 527 -23.26 -45.01 43.23
N GLY E 528 -22.11 -45.04 43.89
CA GLY E 528 -21.81 -46.10 44.83
C GLY E 528 -20.63 -46.95 44.45
N ASN E 529 -20.59 -48.19 44.92
CA ASN E 529 -19.50 -49.14 44.69
C ASN E 529 -18.17 -48.54 45.18
N TYR E 530 -18.12 -48.36 46.51
CA TYR E 530 -16.98 -47.69 47.14
C TYR E 530 -15.68 -48.46 46.93
N GLU E 531 -15.76 -49.78 46.77
CA GLU E 531 -14.57 -50.55 46.44
C GLU E 531 -13.98 -50.11 45.11
N LYS E 532 -14.84 -49.89 44.11
CA LYS E 532 -14.37 -49.39 42.83
C LYS E 532 -13.90 -47.94 42.94
N VAL E 533 -14.48 -47.17 43.87
CA VAL E 533 -13.98 -45.82 44.12
C VAL E 533 -12.55 -45.86 44.61
N PHE E 534 -12.26 -46.73 45.57
CA PHE E 534 -10.89 -46.88 46.06
C PHE E 534 -9.98 -47.41 44.98
N GLU E 535 -10.49 -48.33 44.15
CA GLU E 535 -9.71 -48.87 43.04
C GLU E 535 -9.27 -47.77 42.09
N TYR E 536 -10.21 -46.92 41.66
CA TYR E 536 -9.84 -45.84 40.75
C TYR E 536 -9.07 -44.73 41.45
N HIS E 537 -9.22 -44.59 42.77
CA HIS E 537 -8.38 -43.64 43.49
C HIS E 537 -6.92 -44.08 43.51
N ASN E 538 -6.65 -45.35 43.76
CA ASN E 538 -5.26 -45.81 43.69
C ASN E 538 -4.78 -45.86 42.26
N VAL E 539 -5.68 -46.05 41.29
CA VAL E 539 -5.30 -45.91 39.89
C VAL E 539 -4.84 -44.50 39.59
N LEU E 540 -5.57 -43.50 40.10
CA LEU E 540 -5.16 -42.11 39.92
C LEU E 540 -3.85 -41.82 40.63
N SER E 541 -3.64 -42.44 41.81
CA SER E 541 -2.37 -42.27 42.50
C SER E 541 -1.21 -42.83 41.68
N ASN E 542 -1.41 -44.01 41.08
CA ASN E 542 -0.39 -44.57 40.20
C ASN E 542 -0.17 -43.70 38.97
N TRP E 543 -1.25 -43.13 38.43
CA TRP E 543 -1.14 -42.22 37.31
C TRP E 543 -0.29 -41.00 37.66
N ASN E 544 -0.53 -40.41 38.83
CA ASN E 544 0.26 -39.26 39.26
C ASN E 544 1.70 -39.66 39.54
N ARG E 545 1.93 -40.86 40.05
CA ARG E 545 3.29 -41.36 40.24
C ARG E 545 4.02 -41.46 38.90
N LEU E 546 3.36 -42.03 37.89
CA LEU E 546 3.96 -42.10 36.57
C LEU E 546 4.12 -40.73 35.94
N ARG E 547 3.26 -39.78 36.33
CA ARG E 547 3.36 -38.42 35.81
C ARG E 547 4.60 -37.71 36.36
N ASP E 548 4.82 -37.82 37.68
CA ASP E 548 6.00 -37.17 38.25
C ASP E 548 7.28 -37.89 37.85
N ARG E 549 7.22 -39.21 37.74
CA ARG E 549 8.35 -39.96 37.19
C ARG E 549 8.50 -39.67 35.70
N GLN E 550 9.71 -39.90 35.19
CA GLN E 550 10.12 -39.67 33.79
C GLN E 550 9.60 -38.36 33.22
N TYR E 551 9.50 -37.34 34.07
CA TYR E 551 9.03 -36.01 33.66
C TYR E 551 10.15 -35.03 33.43
N SER E 552 11.24 -35.13 34.20
CA SER E 552 12.38 -34.22 34.06
C SER E 552 13.16 -34.61 32.80
N VAL E 553 12.59 -34.27 31.65
CA VAL E 553 13.19 -34.57 30.35
C VAL E 553 13.89 -33.32 29.84
N THR E 554 14.84 -33.53 28.94
CA THR E 554 15.57 -32.42 28.36
C THR E 554 14.68 -31.68 27.36
N ASP E 555 15.16 -30.51 26.94
CA ASP E 555 14.44 -29.73 25.94
C ASP E 555 14.43 -30.48 24.60
N ALA E 556 13.30 -30.39 23.92
CA ALA E 556 13.10 -31.10 22.66
C ALA E 556 13.99 -30.59 21.54
N LEU E 557 14.49 -29.36 21.64
CA LEU E 557 15.45 -28.84 20.67
C LEU E 557 16.85 -29.41 20.91
N GLU E 558 17.06 -30.09 22.03
CA GLU E 558 18.28 -30.84 22.27
C GLU E 558 18.21 -32.27 21.75
N ASP E 559 17.01 -32.86 21.71
CA ASP E 559 16.86 -34.19 21.12
C ASP E 559 17.20 -34.19 19.64
N VAL E 560 17.03 -33.04 18.98
CA VAL E 560 17.50 -32.90 17.61
C VAL E 560 18.95 -32.40 17.63
N SER E 561 19.88 -33.32 17.83
CA SER E 561 21.30 -33.00 17.84
C SER E 561 21.87 -33.21 16.44
N THR E 562 23.19 -33.25 16.31
CA THR E 562 23.79 -33.72 15.07
C THR E 562 23.33 -35.15 14.82
N SER E 563 22.56 -35.34 13.76
CA SER E 563 21.83 -36.59 13.56
C SER E 563 22.78 -37.72 13.19
N PRO E 564 22.67 -38.87 13.85
CA PRO E 564 23.44 -40.05 13.42
C PRO E 564 22.73 -40.79 12.30
N GLN E 565 21.58 -40.26 11.87
CA GLN E 565 20.85 -40.78 10.71
C GLN E 565 20.75 -39.65 9.69
N SER E 566 21.20 -39.91 8.47
CA SER E 566 21.14 -38.92 7.42
C SER E 566 19.98 -39.21 6.48
N THR E 567 19.90 -38.44 5.40
CA THR E 567 18.88 -38.63 4.38
C THR E 567 19.13 -39.96 3.68
N GLU E 568 18.07 -40.58 3.14
CA GLU E 568 18.07 -41.92 2.57
C GLU E 568 18.31 -42.97 3.64
N GLU E 569 18.19 -42.57 4.90
CA GLU E 569 18.07 -43.51 6.02
C GLU E 569 16.81 -43.28 6.83
N VAL E 570 16.45 -42.02 7.08
CA VAL E 570 15.16 -41.74 7.70
C VAL E 570 14.03 -41.99 6.72
N VAL E 571 14.21 -41.57 5.46
CA VAL E 571 13.21 -41.80 4.43
C VAL E 571 13.02 -43.30 4.19
N GLN E 572 14.13 -44.04 4.09
CA GLN E 572 14.03 -45.48 3.87
C GLN E 572 13.40 -46.17 5.07
N SER E 573 13.76 -45.75 6.29
CA SER E 573 13.17 -46.35 7.48
C SER E 573 11.67 -46.10 7.54
N PHE E 574 11.24 -44.91 7.11
CA PHE E 574 9.81 -44.63 7.07
C PHE E 574 9.12 -45.46 6.00
N LEU E 575 9.74 -45.59 4.82
CA LEU E 575 9.08 -46.24 3.69
C LEU E 575 8.97 -47.75 3.88
N ILE E 576 10.06 -48.40 4.33
CA ILE E 576 10.04 -49.85 4.46
C ILE E 576 9.18 -50.32 5.64
N SER E 577 8.75 -49.40 6.50
CA SER E 577 7.89 -49.74 7.62
C SER E 577 6.41 -49.58 7.31
N GLN E 578 6.06 -49.25 6.06
CA GLN E 578 4.66 -49.08 5.69
C GLN E 578 3.94 -50.41 5.49
N ASN E 579 4.66 -51.50 5.28
CA ASN E 579 4.03 -52.78 5.03
C ASN E 579 3.53 -53.42 6.32
N LEU F 10 -10.31 -30.49 36.41
CA LEU F 10 -11.44 -29.58 36.29
C LEU F 10 -12.70 -30.34 35.92
N THR F 11 -13.65 -29.62 35.30
CA THR F 11 -14.92 -30.23 34.92
C THR F 11 -14.73 -31.25 33.81
N ARG F 12 -13.93 -30.91 32.81
CA ARG F 12 -13.82 -31.68 31.59
C ARG F 12 -12.37 -31.69 31.10
N ASN F 13 -12.17 -32.12 29.85
CA ASN F 13 -10.83 -32.24 29.27
C ASN F 13 -10.47 -30.95 28.54
N LYS F 14 -9.40 -31.01 27.75
CA LYS F 14 -8.81 -29.83 27.11
C LYS F 14 -9.63 -29.36 25.91
N GLY F 15 -9.08 -28.44 25.13
CA GLY F 15 -9.74 -27.94 23.95
C GLY F 15 -9.24 -28.59 22.68
N PRO F 16 -10.16 -29.08 21.86
CA PRO F 16 -9.76 -29.75 20.62
C PRO F 16 -9.12 -28.83 19.59
N ALA F 17 -7.83 -29.02 19.35
CA ALA F 17 -7.06 -28.36 18.29
C ALA F 17 -7.02 -26.85 18.42
N ALA F 18 -6.25 -26.20 17.54
CA ALA F 18 -6.10 -24.76 17.56
C ALA F 18 -7.31 -24.09 16.91
N ASP G 2 48.50 14.63 16.44
CA ASP G 2 49.63 14.68 15.52
C ASP G 2 49.36 15.64 14.37
N VAL G 3 50.20 15.58 13.34
CA VAL G 3 50.07 16.38 12.14
C VAL G 3 50.09 15.45 10.94
N PHE G 4 49.12 15.61 10.05
CA PHE G 4 49.03 14.80 8.84
C PHE G 4 49.02 15.71 7.62
N LEU G 5 49.87 15.40 6.65
CA LEU G 5 50.10 16.26 5.50
C LEU G 5 49.86 15.49 4.21
N MET G 6 49.53 16.24 3.17
CA MET G 6 49.20 15.71 1.86
C MET G 6 50.14 16.33 0.85
N ILE G 7 51.44 16.24 1.14
CA ILE G 7 52.49 16.87 0.34
C ILE G 7 52.32 16.49 -1.13
N ARG G 8 52.08 17.47 -1.98
CA ARG G 8 51.68 17.22 -3.36
C ARG G 8 52.54 18.04 -4.30
N ARG G 9 53.16 17.35 -5.27
CA ARG G 9 53.90 18.00 -6.35
C ARG G 9 53.49 17.35 -7.67
N HIS G 10 53.04 18.16 -8.62
CA HIS G 10 52.55 17.68 -9.90
C HIS G 10 51.52 16.59 -9.72
N LYS G 11 51.87 15.36 -10.09
CA LYS G 11 51.00 14.22 -9.89
C LYS G 11 51.22 13.55 -8.54
N THR G 12 52.45 13.55 -8.04
CA THR G 12 52.75 12.93 -6.74
C THR G 12 52.01 13.64 -5.62
N THR G 13 51.39 12.85 -4.75
CA THR G 13 50.58 13.37 -3.64
C THR G 13 50.94 12.60 -2.36
N ILE G 14 52.24 12.56 -2.05
CA ILE G 14 52.73 11.76 -0.94
C ILE G 14 52.09 12.19 0.36
N PHE G 15 51.57 11.22 1.11
CA PHE G 15 50.99 11.45 2.43
C PHE G 15 52.07 11.30 3.49
N THR G 16 51.95 12.08 4.56
CA THR G 16 52.99 12.11 5.58
C THR G 16 52.37 12.29 6.96
N ASP G 17 52.92 11.61 7.95
CA ASP G 17 52.57 11.80 9.35
C ASP G 17 53.80 12.35 10.07
N ALA G 18 53.63 13.49 10.74
CA ALA G 18 54.72 14.11 11.47
C ALA G 18 54.16 14.80 12.70
N LYS G 19 54.99 14.92 13.73
CA LYS G 19 54.57 15.55 14.97
C LYS G 19 54.46 17.06 14.78
N GLU G 20 53.65 17.68 15.64
CA GLU G 20 53.54 19.14 15.62
C GLU G 20 54.80 19.80 16.14
N SER G 21 55.56 19.11 16.98
CA SER G 21 56.83 19.62 17.49
C SER G 21 57.99 19.35 16.54
N SER G 22 57.75 18.66 15.43
CA SER G 22 58.80 18.34 14.48
C SER G 22 59.18 19.59 13.68
N THR G 23 60.17 19.43 12.81
CA THR G 23 60.71 20.53 12.03
C THR G 23 60.54 20.25 10.53
N VAL G 24 60.77 21.29 9.74
CA VAL G 24 60.69 21.17 8.29
C VAL G 24 61.78 20.25 7.77
N PHE G 25 62.99 20.37 8.32
CA PHE G 25 64.10 19.54 7.85
C PHE G 25 63.87 18.05 8.16
N GLU G 26 63.08 17.73 9.18
CA GLU G 26 62.71 16.34 9.40
C GLU G 26 61.78 15.85 8.29
N LEU G 27 60.86 16.70 7.84
CA LEU G 27 60.05 16.34 6.66
C LEU G 27 60.93 16.13 5.45
N LYS G 28 61.94 16.98 5.26
CA LYS G 28 62.85 16.81 4.14
C LYS G 28 63.64 15.51 4.25
N ARG G 29 64.11 15.18 5.45
CA ARG G 29 64.92 13.98 5.63
C ARG G 29 64.09 12.71 5.53
N ILE G 30 62.78 12.77 5.78
CA ILE G 30 61.96 11.58 5.56
C ILE G 30 61.50 11.50 4.10
N VAL G 31 61.34 12.63 3.41
CA VAL G 31 61.10 12.60 1.98
C VAL G 31 62.34 12.12 1.23
N GLU G 32 63.53 12.26 1.84
CA GLU G 32 64.75 11.69 1.27
C GLU G 32 64.59 10.23 0.91
N GLY G 33 64.03 9.43 1.83
CA GLY G 33 63.93 8.00 1.63
C GLY G 33 62.80 7.53 0.74
N ILE G 34 61.98 8.45 0.24
CA ILE G 34 60.82 8.09 -0.58
C ILE G 34 60.97 8.61 -2.01
N LEU G 35 61.41 9.85 -2.18
CA LEU G 35 61.59 10.44 -3.50
C LEU G 35 63.04 10.54 -3.92
N LYS G 36 63.98 10.18 -3.03
CA LYS G 36 65.39 10.00 -3.37
C LYS G 36 66.03 11.30 -3.89
N ARG G 37 65.78 12.40 -3.18
CA ARG G 37 66.41 13.67 -3.52
C ARG G 37 66.85 14.39 -2.25
N PRO G 38 67.97 15.11 -2.29
CA PRO G 38 68.49 15.78 -1.09
C PRO G 38 67.62 16.97 -0.71
N PRO G 39 67.66 17.38 0.57
CA PRO G 39 66.82 18.51 1.00
C PRO G 39 67.15 19.83 0.30
N ASP G 40 68.40 20.05 -0.10
CA ASP G 40 68.74 21.31 -0.76
C ASP G 40 68.16 21.39 -2.17
N GLU G 41 67.65 20.29 -2.71
CA GLU G 41 67.10 20.27 -4.06
C GLU G 41 65.57 20.47 -4.06
N GLN G 42 64.90 20.22 -2.95
CA GLN G 42 63.45 20.37 -2.87
C GLN G 42 63.10 21.32 -1.73
N ARG G 43 62.15 22.21 -1.99
CA ARG G 43 61.72 23.21 -1.01
C ARG G 43 60.21 23.14 -0.84
N LEU G 44 59.76 23.19 0.40
CA LEU G 44 58.33 23.19 0.68
C LEU G 44 57.69 24.49 0.21
N TYR G 45 56.41 24.41 -0.14
CA TYR G 45 55.66 25.57 -0.62
C TYR G 45 54.24 25.47 -0.05
N LYS G 46 54.03 26.08 1.11
CA LYS G 46 52.70 26.15 1.70
C LYS G 46 51.88 27.20 0.97
N ASP G 47 50.71 26.79 0.47
CA ASP G 47 49.83 27.66 -0.32
C ASP G 47 50.59 28.22 -1.52
N ASP G 48 51.14 29.43 -1.37
CA ASP G 48 51.99 30.01 -2.40
C ASP G 48 53.24 30.67 -1.83
N GLN G 49 53.52 30.47 -0.55
CA GLN G 49 54.67 31.09 0.11
C GLN G 49 55.63 30.01 0.58
N LEU G 50 56.93 30.32 0.48
CA LEU G 50 57.95 29.35 0.85
C LEU G 50 58.02 29.20 2.37
N LEU G 51 58.40 28.00 2.80
CA LEU G 51 58.51 27.69 4.23
C LEU G 51 59.98 27.69 4.63
N ASP G 52 60.31 28.50 5.64
CA ASP G 52 61.67 28.54 6.15
C ASP G 52 62.01 27.24 6.86
N ASP G 53 63.24 26.77 6.66
CA ASP G 53 63.64 25.47 7.18
C ASP G 53 63.79 25.45 8.69
N GLY G 54 63.92 26.62 9.32
CA GLY G 54 64.12 26.69 10.75
C GLY G 54 62.85 26.66 11.57
N LYS G 55 61.73 26.98 10.94
CA LYS G 55 60.45 27.02 11.63
C LYS G 55 59.94 25.60 11.89
N THR G 56 59.59 25.32 13.15
CA THR G 56 59.00 24.04 13.48
C THR G 56 57.56 23.98 12.99
N LEU G 57 57.02 22.75 12.93
CA LEU G 57 55.66 22.56 12.42
C LEU G 57 54.61 23.10 13.38
N GLY G 58 54.97 23.37 14.64
CA GLY G 58 54.01 23.96 15.56
C GLY G 58 53.64 25.38 15.16
N GLU G 59 54.59 26.13 14.60
CA GLU G 59 54.35 27.50 14.17
C GLU G 59 54.74 27.68 12.70
N CYS G 60 54.67 26.61 11.91
CA CYS G 60 54.99 26.69 10.50
C CYS G 60 53.88 27.33 9.67
N GLY G 61 52.66 27.38 10.20
CA GLY G 61 51.55 27.95 9.47
C GLY G 61 50.27 27.15 9.60
N PHE G 62 50.30 26.11 10.43
CA PHE G 62 49.11 25.29 10.67
C PHE G 62 49.22 24.73 12.09
N THR G 63 48.35 23.76 12.39
CA THR G 63 48.30 23.16 13.72
C THR G 63 47.79 21.73 13.59
N SER G 64 47.49 21.11 14.72
CA SER G 64 46.98 19.75 14.74
C SER G 64 45.49 19.66 14.44
N GLN G 65 44.77 20.78 14.47
CA GLN G 65 43.35 20.79 14.16
C GLN G 65 43.06 21.15 12.71
N THR G 66 43.95 21.87 12.05
CA THR G 66 43.79 22.20 10.63
C THR G 66 44.51 21.20 9.73
N ALA G 67 45.11 20.16 10.29
CA ALA G 67 45.80 19.11 9.55
C ALA G 67 45.38 17.74 10.07
N ARG G 68 44.07 17.55 10.23
CA ARG G 68 43.53 16.31 10.74
C ARG G 68 43.78 15.17 9.75
N PRO G 69 43.83 13.92 10.24
CA PRO G 69 44.06 12.80 9.32
C PRO G 69 43.00 12.67 8.24
N GLN G 70 41.76 13.05 8.54
CA GLN G 70 40.69 13.03 7.55
C GLN G 70 40.64 14.31 6.71
N ALA G 71 41.53 15.27 6.97
CA ALA G 71 41.62 16.48 6.16
C ALA G 71 43.04 17.04 6.23
N PRO G 72 44.00 16.41 5.57
CA PRO G 72 45.39 16.87 5.68
C PRO G 72 45.62 18.19 4.96
N ALA G 73 46.69 18.87 5.38
CA ALA G 73 47.06 20.16 4.82
C ALA G 73 48.01 19.98 3.65
N THR G 74 47.68 20.61 2.52
CA THR G 74 48.46 20.46 1.30
C THR G 74 49.75 21.27 1.39
N VAL G 75 50.87 20.62 1.05
CA VAL G 75 52.18 21.26 1.02
C VAL G 75 52.81 20.97 -0.33
N GLY G 76 53.29 22.02 -1.00
CA GLY G 76 53.87 21.86 -2.32
C GLY G 76 55.33 21.44 -2.29
N LEU G 77 55.84 21.10 -3.47
CA LEU G 77 57.25 20.81 -3.64
C LEU G 77 57.73 21.34 -4.98
N ALA G 78 59.05 21.48 -5.09
CA ALA G 78 59.68 21.91 -6.33
C ALA G 78 61.13 21.44 -6.32
N PHE G 79 61.50 20.64 -7.31
CA PHE G 79 62.86 20.14 -7.41
C PHE G 79 63.72 21.14 -8.18
N ARG G 80 64.97 20.77 -8.44
CA ARG G 80 65.89 21.61 -9.20
C ARG G 80 66.24 20.90 -10.51
N ALA G 81 65.96 21.57 -11.63
CA ALA G 81 66.28 21.05 -12.95
C ALA G 81 66.90 22.17 -13.77
N ASP G 82 67.91 21.80 -14.57
CA ASP G 82 68.67 22.76 -15.39
C ASP G 82 69.27 23.86 -14.53
N ASP G 83 69.76 23.48 -13.34
CA ASP G 83 70.45 24.38 -12.41
C ASP G 83 69.58 25.57 -12.02
N THR G 84 68.29 25.34 -11.86
CA THR G 84 67.37 26.39 -11.44
C THR G 84 66.15 25.74 -10.81
N PHE G 85 65.36 26.56 -10.10
CA PHE G 85 64.16 26.11 -9.41
C PHE G 85 62.93 26.60 -10.16
N GLU G 86 62.00 25.69 -10.39
CA GLU G 86 60.72 26.03 -11.01
C GLU G 86 59.66 26.24 -9.92
N ALA G 87 58.60 26.95 -10.29
CA ALA G 87 57.51 27.20 -9.36
C ALA G 87 56.69 25.94 -9.13
N LEU G 88 55.85 25.98 -8.10
CA LEU G 88 54.97 24.86 -7.81
C LEU G 88 53.96 24.68 -8.94
N CYS G 89 53.67 23.42 -9.27
CA CYS G 89 52.78 23.06 -10.37
C CYS G 89 51.72 22.08 -9.89
N ILE G 90 51.09 22.40 -8.76
CA ILE G 90 50.02 21.56 -8.24
C ILE G 90 48.78 21.75 -9.10
N GLU G 91 48.27 20.65 -9.67
CA GLU G 91 47.07 20.73 -10.47
C GLU G 91 45.89 20.11 -9.72
N PRO G 92 44.66 20.55 -10.00
CA PRO G 92 43.50 19.97 -9.32
C PRO G 92 43.35 18.49 -9.61
N PHE G 93 42.78 17.77 -8.65
CA PHE G 93 42.60 16.33 -8.78
C PHE G 93 41.69 15.97 -9.93
N SER G 94 40.41 16.35 -9.84
CA SER G 94 39.42 16.09 -10.88
C SER G 94 38.18 16.89 -10.56
N SER G 95 37.22 16.86 -11.50
CA SER G 95 35.96 17.54 -11.33
C SER G 95 34.88 16.54 -10.98
N PRO G 96 34.28 16.61 -9.79
CA PRO G 96 33.21 15.68 -9.45
C PRO G 96 32.00 15.91 -10.34
N PRO G 97 31.22 14.86 -10.64
CA PRO G 97 30.03 14.98 -11.48
C PRO G 97 28.77 15.28 -10.68
N MET H 1 59.26 0.96 0.98
CA MET H 1 58.19 0.42 1.80
C MET H 1 56.87 1.13 1.52
N TYR H 2 56.95 2.40 1.14
CA TYR H 2 55.76 3.21 0.88
C TYR H 2 55.17 2.81 -0.46
N VAL H 3 53.93 2.31 -0.45
CA VAL H 3 53.26 1.95 -1.69
C VAL H 3 52.86 3.21 -2.45
N LYS H 4 52.68 3.05 -3.77
CA LYS H 4 52.43 4.18 -4.67
C LYS H 4 51.13 3.92 -5.42
N LEU H 5 50.02 4.34 -4.83
CA LEU H 5 48.73 4.21 -5.51
C LEU H 5 48.65 5.21 -6.65
N ILE H 6 48.38 4.71 -7.86
CA ILE H 6 48.25 5.55 -9.03
C ILE H 6 46.79 5.57 -9.45
N SER H 7 46.23 6.76 -9.61
CA SER H 7 44.83 6.92 -9.96
C SER H 7 44.61 6.66 -11.45
N SER H 8 43.39 6.92 -11.92
CA SER H 8 43.08 6.71 -13.33
C SER H 8 43.85 7.70 -14.22
N ASP H 9 43.95 8.96 -13.79
CA ASP H 9 44.59 10.00 -14.58
C ASP H 9 46.07 10.17 -14.26
N GLY H 10 46.63 9.31 -13.40
CA GLY H 10 48.06 9.29 -13.18
C GLY H 10 48.55 9.96 -11.91
N HIS H 11 47.66 10.36 -11.02
CA HIS H 11 48.08 11.01 -9.77
C HIS H 11 48.61 9.94 -8.82
N GLU H 12 49.92 9.94 -8.59
CA GLU H 12 50.49 9.08 -7.58
C GLU H 12 50.02 9.52 -6.19
N PHE H 13 49.79 8.56 -5.32
CA PHE H 13 49.21 8.80 -4.00
C PHE H 13 50.00 8.05 -2.94
N ILE H 14 51.32 8.24 -2.94
CA ILE H 14 52.24 7.50 -2.09
C ILE H 14 51.81 7.55 -0.63
N VAL H 15 51.49 6.38 -0.06
CA VAL H 15 50.98 6.28 1.30
C VAL H 15 51.68 5.09 1.96
N LYS H 16 51.66 5.09 3.29
CA LYS H 16 52.32 4.03 4.05
C LYS H 16 51.72 2.67 3.74
N ARG H 17 52.57 1.65 3.71
CA ARG H 17 52.12 0.30 3.36
C ARG H 17 51.13 -0.23 4.39
N GLU H 18 51.42 -0.05 5.68
CA GLU H 18 50.51 -0.50 6.72
C GLU H 18 49.17 0.20 6.62
N HIS H 19 49.17 1.46 6.16
CA HIS H 19 47.92 2.18 5.99
C HIS H 19 47.11 1.64 4.82
N ALA H 20 47.78 1.30 3.71
CA ALA H 20 47.07 0.81 2.54
C ALA H 20 46.57 -0.62 2.73
N LEU H 21 47.29 -1.44 3.47
CA LEU H 21 46.90 -2.83 3.71
C LEU H 21 45.62 -2.97 4.53
N THR H 22 45.04 -1.87 5.02
CA THR H 22 43.75 -1.99 5.69
C THR H 22 42.66 -2.44 4.72
N SER H 23 42.68 -1.92 3.50
CA SER H 23 41.72 -2.33 2.49
C SER H 23 42.08 -3.70 1.94
N GLY H 24 41.07 -4.56 1.80
CA GLY H 24 41.33 -5.93 1.37
C GLY H 24 41.80 -6.01 -0.06
N THR H 25 41.26 -5.16 -0.95
CA THR H 25 41.60 -5.26 -2.36
C THR H 25 43.03 -4.81 -2.63
N ILE H 26 43.51 -3.77 -1.94
CA ILE H 26 44.90 -3.40 -2.09
C ILE H 26 45.81 -4.46 -1.50
N LYS H 27 45.38 -5.10 -0.41
CA LYS H 27 46.14 -6.21 0.14
C LYS H 27 46.26 -7.34 -0.87
N ALA H 28 45.19 -7.63 -1.60
CA ALA H 28 45.24 -8.66 -2.63
C ALA H 28 46.09 -8.21 -3.81
N MET H 29 46.01 -6.93 -4.18
CA MET H 29 46.76 -6.43 -5.33
C MET H 29 48.27 -6.48 -5.07
N LEU H 30 48.69 -6.16 -3.86
CA LEU H 30 50.12 -6.22 -3.54
C LEU H 30 50.59 -7.66 -3.39
N SER H 31 49.80 -8.50 -2.72
CA SER H 31 50.20 -9.88 -2.44
C SER H 31 49.90 -10.75 -3.66
N GLY H 32 50.95 -11.22 -4.32
CA GLY H 32 50.81 -12.05 -5.48
C GLY H 32 51.96 -11.87 -6.45
N PRO H 33 51.69 -12.03 -7.74
CA PRO H 33 52.71 -11.78 -8.75
C PRO H 33 53.16 -10.32 -8.78
N GLY H 34 52.34 -9.43 -8.23
CA GLY H 34 52.63 -8.02 -8.26
C GLY H 34 53.20 -7.47 -6.96
N GLN H 35 54.02 -8.26 -6.27
CA GLN H 35 54.68 -7.77 -5.08
C GLN H 35 55.75 -6.73 -5.44
N PHE H 36 56.76 -7.16 -6.20
CA PHE H 36 57.87 -6.30 -6.62
C PHE H 36 58.48 -5.56 -5.42
N ALA H 37 59.02 -6.35 -4.48
CA ALA H 37 59.56 -5.81 -3.24
C ALA H 37 60.79 -4.92 -3.45
N GLU H 38 61.38 -4.94 -4.64
CA GLU H 38 62.52 -4.08 -4.93
C GLU H 38 62.07 -2.64 -5.13
N ASN H 39 63.04 -1.76 -5.38
CA ASN H 39 62.86 -0.33 -5.61
C ASN H 39 62.31 0.40 -4.40
N GLU H 40 62.24 -0.25 -3.23
CA GLU H 40 61.79 0.34 -1.98
C GLU H 40 60.38 0.94 -2.06
N THR H 41 59.58 0.49 -3.03
CA THR H 41 58.22 0.97 -3.18
C THR H 41 57.41 -0.10 -3.90
N ASN H 42 56.09 -0.02 -3.75
CA ASN H 42 55.16 -1.00 -4.31
C ASN H 42 54.06 -0.25 -5.06
N GLU H 43 54.32 0.05 -6.33
CA GLU H 43 53.35 0.79 -7.13
C GLU H 43 52.15 -0.09 -7.47
N VAL H 44 50.96 0.47 -7.26
CA VAL H 44 49.71 -0.19 -7.61
C VAL H 44 48.89 0.77 -8.47
N ASN H 45 48.33 0.26 -9.56
CA ASN H 45 47.71 1.09 -10.58
C ASN H 45 46.20 0.87 -10.58
N PHE H 46 45.44 1.94 -10.42
CA PHE H 46 43.98 1.90 -10.44
C PHE H 46 43.52 2.57 -11.73
N ARG H 47 43.24 1.76 -12.75
CA ARG H 47 42.85 2.30 -14.05
C ARG H 47 41.43 2.84 -14.05
N GLU H 48 40.65 2.62 -12.99
CA GLU H 48 39.24 3.00 -13.00
C GLU H 48 38.87 4.01 -11.93
N ILE H 49 39.71 4.23 -10.93
CA ILE H 49 39.39 5.10 -9.80
C ILE H 49 39.93 6.50 -10.10
N PRO H 50 39.09 7.52 -10.16
CA PRO H 50 39.58 8.89 -10.38
C PRO H 50 40.39 9.39 -9.19
N SER H 51 41.04 10.54 -9.39
CA SER H 51 41.91 11.10 -8.37
C SER H 51 41.13 11.73 -7.23
N HIS H 52 40.02 12.40 -7.54
CA HIS H 52 39.24 13.09 -6.51
C HIS H 52 38.59 12.12 -5.53
N VAL H 53 38.52 10.84 -5.88
CA VAL H 53 38.03 9.83 -4.97
C VAL H 53 39.16 8.98 -4.37
N LEU H 54 40.24 8.74 -5.11
CA LEU H 54 41.38 8.04 -4.52
C LEU H 54 42.04 8.88 -3.43
N SER H 55 41.99 10.21 -3.55
CA SER H 55 42.49 11.06 -2.49
C SER H 55 41.69 10.87 -1.21
N LYS H 56 40.37 10.80 -1.32
CA LYS H 56 39.53 10.53 -0.14
C LYS H 56 39.76 9.12 0.39
N VAL H 57 40.04 8.17 -0.49
CA VAL H 57 40.36 6.82 -0.04
C VAL H 57 41.64 6.82 0.80
N CYS H 58 42.67 7.52 0.33
CA CYS H 58 43.92 7.59 1.09
C CYS H 58 43.72 8.35 2.40
N MET H 59 42.91 9.41 2.38
CA MET H 59 42.55 10.10 3.60
C MET H 59 41.88 9.15 4.59
N TYR H 60 40.98 8.29 4.10
CA TYR H 60 40.34 7.32 4.97
C TYR H 60 41.34 6.29 5.48
N PHE H 61 42.32 5.91 4.66
CA PHE H 61 43.34 4.98 5.12
C PHE H 61 44.08 5.55 6.33
N THR H 62 44.54 6.80 6.21
CA THR H 62 45.22 7.45 7.32
C THR H 62 44.27 7.63 8.51
N TYR H 63 43.02 7.98 8.24
CA TYR H 63 42.03 8.20 9.30
C TYR H 63 41.76 6.92 10.09
N LYS H 64 41.62 5.80 9.39
CA LYS H 64 41.32 4.54 10.06
C LYS H 64 42.53 4.01 10.81
N VAL H 65 43.71 4.06 10.19
CA VAL H 65 44.89 3.54 10.88
C VAL H 65 45.25 4.43 12.06
N ARG H 66 44.89 5.71 12.01
CA ARG H 66 45.18 6.59 13.14
C ARG H 66 44.22 6.32 14.31
N TYR H 67 42.95 6.09 14.02
CA TYR H 67 41.93 5.98 15.05
C TYR H 67 41.61 4.53 15.41
N THR H 68 42.52 3.59 15.14
CA THR H 68 42.33 2.23 15.61
C THR H 68 42.32 2.21 17.14
N ASN H 69 41.32 1.51 17.70
CA ASN H 69 41.08 1.34 19.14
C ASN H 69 41.29 2.64 19.92
N SER H 70 40.88 3.76 19.36
CA SER H 70 41.07 5.04 20.02
C SER H 70 40.07 5.20 21.16
N SER H 71 40.58 5.58 22.34
CA SER H 71 39.74 5.72 23.52
C SER H 71 38.94 7.01 23.54
N THR H 72 39.23 7.94 22.63
CA THR H 72 38.53 9.22 22.59
C THR H 72 37.36 9.13 21.60
N GLU H 73 36.69 10.26 21.37
CA GLU H 73 35.61 10.31 20.42
C GLU H 73 36.14 10.26 18.99
N ILE H 74 35.50 9.46 18.15
CA ILE H 74 35.93 9.27 16.77
C ILE H 74 35.19 10.29 15.91
N PRO H 75 35.88 11.23 15.27
CA PRO H 75 35.20 12.19 14.40
C PRO H 75 34.71 11.52 13.13
N GLU H 76 33.65 12.09 12.56
CA GLU H 76 33.09 11.56 11.32
C GLU H 76 34.02 11.83 10.16
N PHE H 77 34.11 10.87 9.25
CA PHE H 77 34.88 11.08 8.03
C PHE H 77 34.12 12.04 7.12
N PRO H 78 34.70 13.17 6.75
CA PRO H 78 33.95 14.18 5.98
C PRO H 78 33.89 13.88 4.49
N ILE H 79 32.93 13.04 4.12
CA ILE H 79 32.70 12.72 2.72
C ILE H 79 31.82 13.80 2.11
N ALA H 80 32.34 14.49 1.11
CA ALA H 80 31.56 15.52 0.45
C ALA H 80 30.38 14.89 -0.30
N PRO H 81 29.21 15.52 -0.27
CA PRO H 81 28.04 14.91 -0.92
C PRO H 81 28.19 14.71 -2.42
N GLU H 82 28.97 15.54 -3.09
CA GLU H 82 29.11 15.39 -4.55
C GLU H 82 29.98 14.20 -4.92
N ILE H 83 30.92 13.81 -4.06
CA ILE H 83 31.76 12.65 -4.30
C ILE H 83 31.35 11.45 -3.45
N ALA H 84 30.24 11.57 -2.72
CA ALA H 84 29.83 10.49 -1.83
C ALA H 84 29.50 9.22 -2.60
N LEU H 85 28.83 9.35 -3.75
CA LEU H 85 28.46 8.17 -4.52
C LEU H 85 29.69 7.54 -5.18
N GLU H 86 30.52 8.36 -5.83
CA GLU H 86 31.71 7.83 -6.50
C GLU H 86 32.68 7.21 -5.52
N LEU H 87 32.66 7.66 -4.26
CA LEU H 87 33.46 7.02 -3.22
C LEU H 87 32.84 5.70 -2.79
N LEU H 88 31.51 5.63 -2.76
CA LEU H 88 30.83 4.41 -2.36
C LEU H 88 31.17 3.26 -3.30
N MET H 89 31.14 3.52 -4.61
CA MET H 89 31.54 2.50 -5.57
C MET H 89 33.01 2.15 -5.44
N ALA H 90 33.82 3.08 -4.92
CA ALA H 90 35.22 2.80 -4.66
C ALA H 90 35.46 2.30 -3.24
N ALA H 91 34.39 2.10 -2.47
CA ALA H 91 34.52 1.58 -1.11
C ALA H 91 34.27 0.08 -1.03
N ASN H 92 33.29 -0.44 -1.77
CA ASN H 92 33.11 -1.88 -1.82
C ASN H 92 34.14 -2.55 -2.73
N PHE H 93 34.56 -1.86 -3.79
CA PHE H 93 35.61 -2.41 -4.65
C PHE H 93 36.91 -2.55 -3.89
N LEU H 94 37.26 -1.55 -3.09
CA LEU H 94 38.49 -1.60 -2.31
C LEU H 94 38.33 -2.34 -1.00
N ASP H 95 37.09 -2.66 -0.60
CA ASP H 95 36.82 -3.37 0.65
C ASP H 95 37.40 -2.63 1.86
N CYS H 96 37.35 -1.31 1.82
CA CYS H 96 37.88 -0.49 2.90
C CYS H 96 36.76 0.14 3.70
N THR I 1 2.21 18.52 -34.11
CA THR I 1 2.52 18.76 -32.71
C THR I 1 2.08 17.59 -31.83
N SER I 2 1.49 17.88 -30.68
CA SER I 2 1.09 16.86 -29.74
C SER I 2 -0.04 17.37 -28.88
N LEU I 3 -0.74 16.43 -28.23
CA LEU I 3 -1.84 16.77 -27.33
C LEU I 3 -1.33 17.14 -25.95
N LYS I 4 -0.35 18.03 -25.88
CA LYS I 4 0.22 18.38 -24.60
C LYS I 4 -0.21 19.79 -24.22
N PRO I 5 -0.30 20.09 -22.92
CA PRO I 5 -0.49 21.48 -22.50
C PRO I 5 0.66 22.36 -22.99
N ARG I 6 0.34 23.27 -23.91
CA ARG I 6 1.32 24.18 -24.47
C ARG I 6 0.83 25.60 -24.31
N VAL I 7 1.77 26.53 -24.17
CA VAL I 7 1.40 27.94 -24.02
C VAL I 7 0.84 28.45 -25.34
N VAL I 8 -0.36 29.03 -25.28
CA VAL I 8 -1.04 29.51 -26.46
C VAL I 8 -1.44 30.96 -26.23
N ASP I 9 -1.63 31.68 -27.33
CA ASP I 9 -2.17 33.03 -27.30
C ASP I 9 -3.66 32.96 -27.60
N PHE I 10 -4.48 33.36 -26.62
CA PHE I 10 -5.92 33.20 -26.73
C PHE I 10 -6.53 34.06 -27.83
N ASP I 11 -5.87 35.14 -28.23
CA ASP I 11 -6.48 36.10 -29.15
C ASP I 11 -6.65 35.50 -30.54
N GLU I 12 -5.56 35.03 -31.15
CA GLU I 12 -5.65 34.53 -32.52
C GLU I 12 -6.38 33.19 -32.57
N THR I 13 -6.18 32.33 -31.56
CA THR I 13 -6.92 31.07 -31.51
C THR I 13 -8.41 31.32 -31.35
N TRP I 14 -8.79 32.29 -30.52
CA TRP I 14 -10.20 32.60 -30.36
C TRP I 14 -10.78 33.25 -31.61
N ASN I 15 -10.00 34.06 -32.32
CA ASN I 15 -10.50 34.63 -33.58
C ASN I 15 -10.74 33.55 -34.62
N LYS I 16 -9.78 32.62 -34.76
CA LYS I 16 -9.94 31.51 -35.70
C LYS I 16 -11.13 30.64 -35.31
N LEU I 17 -11.32 30.40 -34.02
CA LEU I 17 -12.47 29.66 -33.55
C LEU I 17 -13.77 30.40 -33.83
N LEU I 18 -13.78 31.72 -33.59
CA LEU I 18 -14.99 32.51 -33.72
C LEU I 18 -15.45 32.60 -35.16
N THR I 19 -14.52 32.59 -36.12
CA THR I 19 -14.92 32.58 -37.53
C THR I 19 -15.82 31.37 -37.82
N THR I 20 -15.37 30.17 -37.46
CA THR I 20 -16.17 28.98 -37.71
C THR I 20 -17.39 28.91 -36.80
N ILE I 21 -17.31 29.46 -35.59
CA ILE I 21 -18.45 29.46 -34.69
C ILE I 21 -19.59 30.31 -35.26
N LYS I 22 -19.27 31.48 -35.81
CA LYS I 22 -20.26 32.26 -36.54
C LYS I 22 -20.73 31.52 -37.78
N ALA I 23 -19.81 30.86 -38.48
CA ALA I 23 -20.20 30.13 -39.69
C ALA I 23 -21.10 28.93 -39.40
N VAL I 24 -21.13 28.44 -38.16
CA VAL I 24 -21.92 27.27 -37.83
C VAL I 24 -23.17 27.60 -37.02
N VAL I 25 -23.19 28.71 -36.29
CA VAL I 25 -24.37 29.05 -35.51
C VAL I 25 -25.52 29.46 -36.43
N MET I 26 -25.24 30.29 -37.42
CA MET I 26 -26.24 30.68 -38.41
C MET I 26 -26.18 29.83 -39.67
N LEU I 27 -25.50 28.68 -39.62
CA LEU I 27 -25.55 27.62 -40.62
C LEU I 27 -25.11 28.09 -42.02
N GLU I 28 -23.82 28.44 -42.09
CA GLU I 28 -23.13 28.52 -43.37
C GLU I 28 -22.34 27.24 -43.58
N TYR I 29 -21.65 27.18 -44.71
CA TYR I 29 -20.82 26.03 -45.06
C TYR I 29 -19.42 26.26 -44.51
N VAL I 30 -19.02 25.44 -43.55
CA VAL I 30 -17.66 25.45 -43.01
C VAL I 30 -17.01 24.12 -43.35
N GLU I 31 -15.75 24.18 -43.78
CA GLU I 31 -15.07 22.99 -44.28
C GLU I 31 -14.94 21.94 -43.19
N ARG I 32 -15.03 20.67 -43.59
CA ARG I 32 -14.94 19.58 -42.62
C ARG I 32 -13.58 19.52 -41.95
N ALA I 33 -12.51 19.78 -42.71
CA ALA I 33 -11.19 19.82 -42.13
C ALA I 33 -11.07 20.95 -41.11
N THR I 34 -11.64 22.11 -41.43
CA THR I 34 -11.65 23.23 -40.50
C THR I 34 -12.46 22.91 -39.25
N TRP I 35 -13.60 22.23 -39.43
CA TRP I 35 -14.43 21.83 -38.30
C TRP I 35 -13.69 20.87 -37.38
N ASN I 36 -12.96 19.91 -37.96
CA ASN I 36 -12.19 18.99 -37.15
C ASN I 36 -10.98 19.66 -36.50
N ASP I 37 -10.45 20.71 -37.13
CA ASP I 37 -9.36 21.46 -36.51
C ASP I 37 -9.86 22.31 -35.35
N ARG I 38 -11.12 22.74 -35.39
CA ARG I 38 -11.63 23.54 -34.28
C ARG I 38 -11.75 22.73 -33.00
N PHE I 39 -11.89 21.40 -33.10
CA PHE I 39 -11.83 20.57 -31.91
C PHE I 39 -10.44 20.61 -31.27
N SER I 40 -9.40 20.57 -32.10
CA SER I 40 -8.04 20.73 -31.60
C SER I 40 -7.84 22.10 -30.97
N ASP I 41 -8.43 23.13 -31.57
CA ASP I 41 -8.35 24.47 -30.99
C ASP I 41 -9.03 24.53 -29.63
N ILE I 42 -10.21 23.91 -29.51
CA ILE I 42 -10.91 23.85 -28.23
C ILE I 42 -10.07 23.13 -27.19
N TYR I 43 -9.49 21.99 -27.56
CA TYR I 43 -8.66 21.25 -26.63
C TYR I 43 -7.44 22.06 -26.21
N ALA I 44 -6.79 22.73 -27.15
CA ALA I 44 -5.60 23.50 -26.83
C ALA I 44 -5.93 24.65 -25.90
N LEU I 45 -7.09 25.29 -26.10
CA LEU I 45 -7.52 26.34 -25.18
C LEU I 45 -7.82 25.76 -23.80
N CYS I 46 -8.48 24.61 -23.75
CA CYS I 46 -8.96 24.07 -22.48
C CYS I 46 -7.84 23.51 -21.61
N VAL I 47 -6.70 23.14 -22.18
CA VAL I 47 -5.59 22.63 -21.40
C VAL I 47 -4.34 23.50 -21.56
N ALA I 48 -4.53 24.78 -21.87
CA ALA I 48 -3.41 25.66 -22.14
C ALA I 48 -2.55 25.84 -20.90
N TYR I 49 -1.27 26.13 -21.13
CA TYR I 49 -0.21 26.31 -20.14
C TYR I 49 0.08 27.80 -19.96
N PRO I 50 0.30 28.27 -18.73
CA PRO I 50 0.27 27.55 -17.46
C PRO I 50 -1.13 27.47 -16.86
N GLU I 51 -2.06 28.30 -17.32
CA GLU I 51 -3.42 28.27 -16.82
C GLU I 51 -4.37 27.80 -17.91
N PRO I 52 -5.31 26.91 -17.59
CA PRO I 52 -6.29 26.48 -18.58
C PRO I 52 -7.23 27.62 -18.93
N LEU I 53 -7.33 27.91 -20.22
CA LEU I 53 -8.19 28.99 -20.71
C LEU I 53 -9.61 28.48 -20.95
N GLY I 54 -10.18 27.82 -19.95
CA GLY I 54 -11.54 27.34 -20.04
C GLY I 54 -12.53 28.41 -19.65
N GLU I 55 -12.24 29.12 -18.56
CA GLU I 55 -13.13 30.20 -18.14
C GLU I 55 -13.12 31.35 -19.14
N ARG I 56 -11.95 31.68 -19.70
CA ARG I 56 -11.87 32.74 -20.70
C ARG I 56 -12.65 32.36 -21.95
N LEU I 57 -12.48 31.13 -22.43
CA LEU I 57 -13.21 30.68 -23.62
C LEU I 57 -14.71 30.63 -23.37
N TYR I 58 -15.10 30.19 -22.17
CA TYR I 58 -16.52 30.14 -21.83
C TYR I 58 -17.12 31.54 -21.79
N THR I 59 -16.41 32.50 -21.17
CA THR I 59 -16.92 33.86 -21.12
C THR I 59 -17.00 34.48 -22.51
N GLU I 60 -16.00 34.22 -23.36
CA GLU I 60 -16.03 34.78 -24.71
C GLU I 60 -17.14 34.15 -25.55
N THR I 61 -17.38 32.85 -25.39
CA THR I 61 -18.50 32.21 -26.09
C THR I 61 -19.83 32.77 -25.60
N LYS I 62 -19.96 32.99 -24.29
CA LYS I 62 -21.18 33.59 -23.76
C LYS I 62 -21.39 34.99 -24.32
N ILE I 63 -20.32 35.78 -24.39
CA ILE I 63 -20.41 37.13 -24.94
C ILE I 63 -20.81 37.08 -26.41
N PHE I 64 -20.21 36.19 -27.18
CA PHE I 64 -20.58 36.05 -28.59
C PHE I 64 -22.03 35.66 -28.74
N LEU I 65 -22.50 34.70 -27.93
CA LEU I 65 -23.88 34.26 -28.05
C LEU I 65 -24.84 35.37 -27.67
N GLU I 66 -24.52 36.14 -26.63
CA GLU I 66 -25.34 37.29 -26.27
C GLU I 66 -25.42 38.29 -27.42
N ASN I 67 -24.28 38.61 -28.02
CA ASN I 67 -24.25 39.56 -29.11
C ASN I 67 -25.04 39.04 -30.32
N HIS I 68 -24.89 37.77 -30.63
CA HIS I 68 -25.55 37.19 -31.79
C HIS I 68 -27.07 37.12 -31.59
N VAL I 69 -27.52 36.71 -30.40
CA VAL I 69 -28.95 36.65 -30.15
C VAL I 69 -29.55 38.05 -30.09
N ARG I 70 -28.80 39.04 -29.57
CA ARG I 70 -29.29 40.41 -29.62
C ARG I 70 -29.38 40.92 -31.05
N HIS I 71 -28.41 40.58 -31.89
CA HIS I 71 -28.48 40.95 -33.30
C HIS I 71 -29.71 40.34 -33.97
N LEU I 72 -29.96 39.07 -33.70
CA LEU I 72 -31.14 38.41 -34.24
C LEU I 72 -32.41 39.01 -33.69
N HIS I 73 -32.38 39.46 -32.43
CA HIS I 73 -33.54 40.10 -31.81
C HIS I 73 -33.88 41.42 -32.50
N LYS I 74 -32.87 42.26 -32.73
CA LYS I 74 -33.11 43.51 -33.44
C LYS I 74 -33.56 43.23 -34.87
N ARG I 75 -32.97 42.22 -35.52
CA ARG I 75 -33.34 41.92 -36.90
C ARG I 75 -34.75 41.34 -37.00
N VAL I 76 -35.24 40.66 -35.97
CA VAL I 76 -36.60 40.14 -36.03
C VAL I 76 -37.60 41.20 -35.60
N LEU I 77 -37.21 42.16 -34.76
CA LEU I 77 -38.10 43.27 -34.48
C LEU I 77 -38.18 44.25 -35.65
N GLU I 78 -37.12 44.30 -36.48
CA GLU I 78 -37.14 45.20 -37.62
C GLU I 78 -38.23 44.84 -38.61
N SER I 79 -38.46 43.55 -38.82
CA SER I 79 -39.49 43.09 -39.76
C SER I 79 -40.83 43.12 -39.05
N GLU I 80 -41.49 44.27 -39.12
CA GLU I 80 -42.82 44.41 -38.51
C GLU I 80 -43.85 43.62 -39.30
N GLU I 81 -44.81 43.04 -38.58
CA GLU I 81 -45.88 42.17 -39.08
C GLU I 81 -45.36 40.87 -39.67
N GLN I 82 -44.05 40.64 -39.68
CA GLN I 82 -43.46 39.38 -40.09
C GLN I 82 -42.56 38.83 -38.97
N VAL I 83 -42.91 39.15 -37.73
CA VAL I 83 -42.09 38.74 -36.58
C VAL I 83 -42.10 37.23 -36.44
N LEU I 84 -43.26 36.60 -36.59
CA LEU I 84 -43.38 35.17 -36.33
C LEU I 84 -42.60 34.34 -37.34
N VAL I 85 -42.75 34.66 -38.63
CA VAL I 85 -42.08 33.88 -39.68
C VAL I 85 -40.57 34.06 -39.60
N MET I 86 -40.11 35.30 -39.43
CA MET I 86 -38.67 35.55 -39.33
C MET I 86 -38.10 34.90 -38.06
N TYR I 87 -38.85 34.95 -36.96
CA TYR I 87 -38.40 34.32 -35.73
C TYR I 87 -38.26 32.81 -35.90
N HIS I 88 -39.22 32.18 -36.57
CA HIS I 88 -39.12 30.74 -36.79
C HIS I 88 -37.94 30.40 -37.71
N ARG I 89 -37.77 31.19 -38.77
CA ARG I 89 -36.67 30.93 -39.71
C ARG I 89 -35.32 31.05 -39.03
N TYR I 90 -35.17 32.06 -38.17
CA TYR I 90 -33.91 32.19 -37.43
C TYR I 90 -33.81 31.18 -36.30
N TRP I 91 -34.93 30.72 -35.76
CA TRP I 91 -34.90 29.78 -34.66
C TRP I 91 -34.44 28.41 -35.13
N GLU I 92 -34.87 27.98 -36.32
CA GLU I 92 -34.40 26.71 -36.83
C GLU I 92 -32.88 26.72 -37.00
N GLU I 93 -32.36 27.79 -37.61
CA GLU I 93 -30.92 27.92 -37.81
C GLU I 93 -30.20 27.99 -36.48
N TYR I 94 -30.74 28.74 -35.52
CA TYR I 94 -30.06 28.86 -34.24
C TYR I 94 -30.10 27.58 -33.43
N SER I 95 -31.18 26.80 -33.53
CA SER I 95 -31.24 25.52 -32.84
C SER I 95 -30.23 24.54 -33.41
N LYS I 96 -30.15 24.47 -34.75
CA LYS I 96 -29.14 23.61 -35.36
C LYS I 96 -27.74 24.09 -35.01
N GLY I 97 -27.52 25.40 -35.00
CA GLY I 97 -26.22 25.92 -34.64
C GLY I 97 -25.86 25.67 -33.18
N ALA I 98 -26.84 25.76 -32.29
CA ALA I 98 -26.60 25.46 -30.88
C ALA I 98 -26.23 23.99 -30.69
N ASP I 99 -26.93 23.10 -31.39
CA ASP I 99 -26.58 21.68 -31.30
C ASP I 99 -25.19 21.41 -31.84
N TYR I 100 -24.87 22.00 -33.00
CA TYR I 100 -23.55 21.76 -33.59
C TYR I 100 -22.44 22.38 -32.76
N MET I 101 -22.71 23.51 -32.10
CA MET I 101 -21.72 24.13 -31.23
C MET I 101 -21.59 23.40 -29.91
N ASP I 102 -22.66 22.74 -29.45
CA ASP I 102 -22.52 21.79 -28.35
C ASP I 102 -21.61 20.64 -28.74
N CYS I 103 -21.74 20.16 -29.97
CA CYS I 103 -20.82 19.14 -30.46
C CYS I 103 -19.39 19.66 -30.49
N LEU I 104 -19.20 20.90 -30.95
CA LEU I 104 -17.86 21.47 -31.04
C LEU I 104 -17.25 21.73 -29.67
N TYR I 105 -18.08 22.09 -28.68
CA TYR I 105 -17.60 22.41 -27.34
C TYR I 105 -17.70 21.22 -26.40
N ARG I 106 -17.52 20.01 -26.92
CA ARG I 106 -17.70 18.82 -26.08
C ARG I 106 -16.63 18.71 -25.01
N TYR I 107 -15.40 19.15 -25.29
CA TYR I 107 -14.36 19.11 -24.27
C TYR I 107 -14.62 20.16 -23.19
N LEU I 108 -15.11 21.33 -23.57
CA LEU I 108 -15.43 22.35 -22.57
C LEU I 108 -16.57 21.89 -21.67
N ASN I 109 -17.56 21.21 -22.25
CA ASN I 109 -18.68 20.71 -21.45
C ASN I 109 -18.23 19.64 -20.47
N THR I 110 -17.49 18.65 -20.95
CA THR I 110 -17.15 17.49 -20.13
C THR I 110 -16.04 17.79 -19.13
N GLN I 111 -15.09 18.65 -19.48
CA GLN I 111 -13.91 18.83 -18.66
C GLN I 111 -13.84 20.15 -17.90
N PHE I 112 -14.60 21.16 -18.31
CA PHE I 112 -14.60 22.43 -17.58
C PHE I 112 -15.95 22.78 -17.00
N ILE I 113 -17.01 22.79 -17.83
CA ILE I 113 -18.31 23.27 -17.38
C ILE I 113 -18.87 22.35 -16.31
N LYS I 114 -18.81 21.03 -16.53
CA LYS I 114 -19.24 20.10 -15.49
C LYS I 114 -18.30 20.11 -14.29
N LYS I 115 -17.00 20.29 -14.53
CA LYS I 115 -16.03 20.32 -13.44
C LYS I 115 -16.28 21.51 -12.51
N ASN I 116 -16.54 22.68 -13.08
CA ASN I 116 -16.77 23.88 -12.28
C ASN I 116 -18.24 24.26 -12.28
N PRO I 135 -23.94 26.80 -11.35
CA PRO I 135 -24.06 28.14 -11.92
C PRO I 135 -23.61 28.21 -13.37
N LEU I 136 -22.93 27.18 -13.84
CA LEU I 136 -22.42 27.12 -15.20
C LEU I 136 -23.31 26.22 -16.04
N MET I 137 -23.53 26.63 -17.29
CA MET I 137 -24.36 25.90 -18.22
C MET I 137 -23.53 25.43 -19.40
N GLU I 138 -23.89 24.27 -19.94
CA GLU I 138 -23.22 23.75 -21.12
C GLU I 138 -23.46 24.66 -22.31
N ILE I 139 -22.50 24.68 -23.23
CA ILE I 139 -22.54 25.62 -24.35
C ILE I 139 -23.76 25.36 -25.23
N GLY I 140 -24.15 24.10 -25.37
CA GLY I 140 -25.38 23.81 -26.10
C GLY I 140 -26.61 24.33 -25.38
N GLU I 141 -26.64 24.20 -24.05
CA GLU I 141 -27.76 24.68 -23.27
C GLU I 141 -27.57 26.12 -22.77
N LEU I 142 -26.38 26.70 -22.98
CA LEU I 142 -26.25 28.14 -22.79
C LEU I 142 -26.86 28.90 -23.95
N ALA I 143 -26.69 28.38 -25.17
CA ALA I 143 -27.24 29.05 -26.35
C ALA I 143 -28.75 29.08 -26.29
N LEU I 144 -29.37 27.99 -25.86
CA LEU I 144 -30.82 27.98 -25.70
C LEU I 144 -31.27 28.92 -24.59
N ASP I 145 -30.50 29.02 -23.51
CA ASP I 145 -30.83 29.98 -22.46
C ASP I 145 -30.74 31.42 -22.96
N MET I 146 -29.74 31.72 -23.78
CA MET I 146 -29.64 33.05 -24.38
C MET I 146 -30.78 33.31 -25.35
N TRP I 147 -31.22 32.30 -26.09
CA TRP I 147 -32.43 32.44 -26.88
C TRP I 147 -33.65 32.72 -26.03
N ARG I 148 -33.77 32.06 -24.88
CA ARG I 148 -34.92 32.28 -23.99
C ARG I 148 -34.93 33.69 -23.40
N LYS I 149 -33.82 34.12 -22.82
CA LYS I 149 -33.83 35.37 -22.08
C LYS I 149 -33.31 36.56 -22.88
N LEU I 150 -33.02 36.38 -24.17
CA LEU I 150 -32.64 37.49 -25.03
C LEU I 150 -33.44 37.56 -26.33
N MET I 151 -34.16 36.51 -26.71
CA MET I 151 -35.06 36.54 -27.86
C MET I 151 -36.51 36.31 -27.47
N VAL I 152 -36.80 35.22 -26.78
CA VAL I 152 -38.18 34.90 -26.43
C VAL I 152 -38.71 35.86 -25.36
N GLU I 153 -37.91 36.11 -24.32
CA GLU I 153 -38.36 37.01 -23.25
C GLU I 153 -38.59 38.44 -23.73
N PRO I 154 -37.72 39.07 -24.52
CA PRO I 154 -38.11 40.36 -25.12
C PRO I 154 -39.33 40.27 -26.02
N LEU I 155 -39.51 39.15 -26.72
CA LEU I 155 -40.69 38.93 -27.56
C LEU I 155 -41.82 38.24 -26.81
N GLN I 156 -41.87 38.39 -25.48
CA GLN I 156 -42.92 37.72 -24.70
C GLN I 156 -44.30 38.27 -25.04
N ALA I 157 -44.40 39.50 -25.55
CA ALA I 157 -45.68 40.13 -25.84
C ALA I 157 -46.00 40.12 -27.32
N ILE I 158 -45.09 40.61 -28.17
CA ILE I 158 -45.37 40.74 -29.59
C ILE I 158 -45.54 39.38 -30.25
N LEU I 159 -44.71 38.41 -29.86
CA LEU I 159 -44.78 37.09 -30.50
C LEU I 159 -46.04 36.35 -30.10
N ILE I 160 -46.41 36.40 -28.82
CA ILE I 160 -47.58 35.67 -28.35
C ILE I 160 -48.87 36.30 -28.87
N ARG I 161 -48.84 37.59 -29.23
CA ARG I 161 -50.04 38.22 -29.77
C ARG I 161 -50.35 37.69 -31.16
N MET I 162 -49.34 37.64 -32.03
CA MET I 162 -49.54 37.09 -33.38
C MET I 162 -49.78 35.59 -33.32
N LEU I 163 -49.15 34.89 -32.37
CA LEU I 163 -49.31 33.45 -32.28
C LEU I 163 -50.72 33.06 -31.86
N LEU I 164 -51.33 33.83 -30.96
CA LEU I 164 -52.69 33.53 -30.50
C LEU I 164 -53.76 34.08 -31.42
N ARG I 165 -53.53 35.24 -32.04
CA ARG I 165 -54.55 35.80 -32.92
C ARG I 165 -54.65 35.06 -34.24
N GLU I 166 -53.59 34.35 -34.65
CA GLU I 166 -53.60 33.71 -35.95
C GLU I 166 -54.18 32.30 -35.88
N ILE I 167 -53.93 31.57 -34.78
CA ILE I 167 -54.55 30.26 -34.61
C ILE I 167 -56.06 30.41 -34.49
N LYS I 168 -56.54 31.50 -33.91
CA LYS I 168 -57.96 31.79 -33.92
C LYS I 168 -58.45 32.05 -35.34
N ASN I 169 -57.62 32.69 -36.17
CA ASN I 169 -58.04 33.03 -37.53
C ASN I 169 -58.28 31.78 -38.37
N ASP I 170 -57.40 30.78 -38.28
CA ASP I 170 -57.57 29.58 -39.09
C ASP I 170 -58.70 28.69 -38.59
N ARG I 171 -59.21 28.94 -37.38
CA ARG I 171 -60.40 28.23 -36.92
C ARG I 171 -61.61 28.58 -37.77
N GLY I 172 -61.66 29.82 -38.28
CA GLY I 172 -62.75 30.22 -39.15
C GLY I 172 -62.68 29.67 -40.56
N GLY I 173 -61.50 29.24 -40.99
CA GLY I 173 -61.36 28.68 -42.32
C GLY I 173 -60.10 29.05 -43.05
N GLU I 174 -59.26 29.90 -42.45
CA GLU I 174 -58.00 30.27 -43.07
C GLU I 174 -57.03 29.09 -43.06
N ASP I 175 -56.09 29.12 -44.01
CA ASP I 175 -55.09 28.07 -44.17
C ASP I 175 -53.71 28.70 -44.17
N PRO I 176 -53.11 28.90 -42.99
CA PRO I 176 -51.78 29.50 -42.93
C PRO I 176 -50.67 28.47 -43.09
N ASN I 177 -49.42 28.90 -42.98
CA ASN I 177 -48.31 27.98 -43.08
C ASN I 177 -48.24 27.10 -41.84
N GLN I 178 -48.13 25.78 -42.06
CA GLN I 178 -48.17 24.83 -40.96
C GLN I 178 -46.90 24.87 -40.13
N LYS I 179 -45.73 24.89 -40.77
CA LYS I 179 -44.48 24.68 -40.05
C LYS I 179 -44.11 25.88 -39.19
N VAL I 180 -44.51 27.08 -39.57
CA VAL I 180 -44.15 28.25 -38.77
C VAL I 180 -44.92 28.27 -37.45
N ILE I 181 -46.20 27.89 -37.47
CA ILE I 181 -46.99 27.89 -36.24
C ILE I 181 -46.51 26.83 -35.28
N HIS I 182 -46.31 25.60 -35.79
CA HIS I 182 -45.84 24.52 -34.93
C HIS I 182 -44.39 24.72 -34.51
N GLY I 183 -43.56 25.28 -35.41
CA GLY I 183 -42.16 25.49 -35.07
C GLY I 183 -41.98 26.50 -33.96
N VAL I 184 -42.76 27.58 -33.97
CA VAL I 184 -42.66 28.58 -32.92
C VAL I 184 -43.21 28.04 -31.61
N ILE I 185 -44.34 27.32 -31.66
CA ILE I 185 -44.93 26.77 -30.44
C ILE I 185 -44.00 25.73 -29.83
N ASN I 186 -43.40 24.87 -30.65
CA ASN I 186 -42.46 23.89 -30.15
C ASN I 186 -41.14 24.52 -29.70
N SER I 187 -40.86 25.76 -30.12
CA SER I 187 -39.64 26.43 -29.69
C SER I 187 -39.67 26.79 -28.22
N PHE I 188 -40.85 26.83 -27.60
CA PHE I 188 -40.94 27.07 -26.17
C PHE I 188 -40.53 25.84 -25.36
N VAL I 189 -40.69 24.65 -25.93
CA VAL I 189 -40.28 23.43 -25.24
C VAL I 189 -38.84 23.04 -25.59
N HIS I 190 -38.40 23.32 -26.83
CA HIS I 190 -37.06 22.96 -27.25
C HIS I 190 -36.00 23.73 -26.48
N VAL I 191 -36.32 24.92 -25.98
CA VAL I 191 -35.38 25.68 -25.18
C VAL I 191 -35.12 24.99 -23.85
N GLU I 192 -36.13 24.33 -23.28
CA GLU I 192 -36.06 23.79 -21.93
C GLU I 192 -35.60 22.34 -21.90
N GLN I 193 -34.71 21.94 -22.83
CA GLN I 193 -34.13 20.60 -22.76
C GLN I 193 -33.34 20.40 -21.49
N TYR I 194 -32.54 21.39 -21.09
CA TYR I 194 -31.69 21.27 -19.91
C TYR I 194 -32.46 21.43 -18.60
N LYS I 195 -33.69 21.94 -18.64
CA LYS I 195 -34.51 22.04 -17.44
C LYS I 195 -35.21 20.70 -17.20
N LYS I 196 -34.41 19.73 -16.75
CA LYS I 196 -34.94 18.40 -16.49
C LYS I 196 -35.90 18.36 -15.31
N LYS I 197 -35.80 19.32 -14.39
CA LYS I 197 -36.71 19.36 -13.26
C LYS I 197 -38.14 19.65 -13.70
N PHE I 198 -38.34 20.70 -14.50
CA PHE I 198 -39.66 21.06 -15.03
C PHE I 198 -39.50 21.49 -16.48
N PRO I 199 -39.42 20.54 -17.40
CA PRO I 199 -39.28 20.91 -18.83
C PRO I 199 -40.47 21.69 -19.37
N LEU I 200 -41.67 21.45 -18.83
CA LEU I 200 -42.88 22.08 -19.32
C LEU I 200 -43.26 23.32 -18.54
N LYS I 201 -42.42 23.75 -17.59
CA LYS I 201 -42.76 24.92 -16.78
C LYS I 201 -42.83 26.19 -17.62
N PHE I 202 -41.81 26.42 -18.44
CA PHE I 202 -41.80 27.62 -19.27
C PHE I 202 -42.90 27.59 -20.31
N TYR I 203 -43.10 26.44 -20.96
CA TYR I 203 -44.06 26.34 -22.05
C TYR I 203 -45.49 26.58 -21.56
N GLN I 204 -45.85 25.99 -20.41
CA GLN I 204 -47.20 26.14 -19.88
C GLN I 204 -47.50 27.55 -19.40
N GLU I 205 -46.49 28.41 -19.29
CA GLU I 205 -46.69 29.80 -18.87
C GLU I 205 -46.53 30.80 -20.01
N ILE I 206 -45.59 30.57 -20.93
CA ILE I 206 -45.39 31.53 -22.00
C ILE I 206 -46.55 31.50 -22.99
N PHE I 207 -47.07 30.32 -23.29
CA PHE I 207 -48.03 30.23 -24.38
C PHE I 207 -49.31 29.50 -24.02
N GLU I 208 -49.23 28.42 -23.23
CA GLU I 208 -50.40 27.57 -23.04
C GLU I 208 -51.44 28.24 -22.14
N SER I 209 -50.99 28.82 -21.02
CA SER I 209 -51.94 29.47 -20.12
C SER I 209 -52.57 30.72 -20.75
N PRO I 210 -51.89 31.47 -21.62
CA PRO I 210 -52.64 32.42 -22.45
C PRO I 210 -53.51 31.75 -23.50
N PHE I 211 -53.12 30.59 -24.01
CA PHE I 211 -53.89 29.94 -25.06
C PHE I 211 -55.15 29.28 -24.52
N LEU I 212 -55.08 28.67 -23.33
CA LEU I 212 -56.26 28.05 -22.75
C LEU I 212 -57.33 29.10 -22.44
N THR I 213 -56.93 30.27 -21.94
CA THR I 213 -57.87 31.36 -21.75
C THR I 213 -58.43 31.84 -23.09
N GLU I 214 -57.58 31.94 -24.11
CA GLU I 214 -58.04 32.39 -25.41
C GLU I 214 -58.98 31.38 -26.05
N THR I 215 -58.65 30.09 -25.96
CA THR I 215 -59.54 29.08 -26.52
C THR I 215 -60.78 28.88 -25.65
N GLY I 216 -60.74 29.28 -24.39
CA GLY I 216 -61.95 29.30 -23.58
C GLY I 216 -62.89 30.42 -23.97
N GLU I 217 -62.32 31.59 -24.29
CA GLU I 217 -63.13 32.70 -24.77
C GLU I 217 -63.76 32.39 -26.12
N TYR I 218 -63.01 31.75 -27.02
CA TYR I 218 -63.53 31.42 -28.33
C TYR I 218 -64.64 30.38 -28.26
N TYR I 219 -64.63 29.55 -27.21
CA TYR I 219 -65.70 28.58 -26.99
C TYR I 219 -66.69 29.03 -25.92
N LYS I 220 -66.64 30.30 -25.53
CA LYS I 220 -67.68 30.92 -24.70
C LYS I 220 -68.42 32.02 -25.43
N GLN I 221 -67.69 32.89 -26.14
CA GLN I 221 -68.33 33.91 -26.95
C GLN I 221 -69.12 33.28 -28.09
N GLU I 222 -68.55 32.29 -28.76
CA GLU I 222 -69.23 31.63 -29.86
C GLU I 222 -70.25 30.60 -29.40
N ALA I 223 -70.14 30.14 -28.14
CA ALA I 223 -71.10 29.16 -27.63
C ALA I 223 -72.50 29.73 -27.58
N SER I 224 -72.63 31.00 -27.15
CA SER I 224 -73.93 31.66 -27.20
C SER I 224 -74.40 31.84 -28.64
N ASN I 225 -73.47 32.17 -29.55
CA ASN I 225 -73.80 32.27 -30.96
C ASN I 225 -74.18 30.90 -31.54
N LEU I 226 -73.57 29.83 -31.04
CA LEU I 226 -73.92 28.49 -31.50
C LEU I 226 -75.34 28.12 -31.11
N LEU I 227 -75.77 28.48 -29.90
CA LEU I 227 -77.12 28.20 -29.45
C LEU I 227 -78.14 29.14 -30.10
N GLN I 228 -77.69 30.28 -30.64
CA GLN I 228 -78.61 31.28 -31.16
C GLN I 228 -79.36 30.77 -32.39
N GLU I 229 -78.68 30.05 -33.28
CA GLU I 229 -79.26 29.63 -34.55
C GLU I 229 -79.37 28.12 -34.69
N SER I 230 -79.18 27.36 -33.63
CA SER I 230 -79.24 25.90 -33.68
C SER I 230 -80.23 25.37 -32.65
N ASN I 231 -80.88 24.26 -33.00
CA ASN I 231 -81.85 23.62 -32.14
C ASN I 231 -81.18 22.53 -31.29
N CYS I 232 -81.98 21.83 -30.49
CA CYS I 232 -81.45 20.83 -29.57
C CYS I 232 -81.08 19.55 -30.29
N SER I 233 -81.86 19.15 -31.31
CA SER I 233 -81.61 17.87 -31.97
C SER I 233 -80.27 17.86 -32.69
N GLN I 234 -79.92 18.96 -33.35
CA GLN I 234 -78.65 19.06 -34.06
C GLN I 234 -77.52 19.58 -33.18
N TYR I 235 -77.82 19.97 -31.93
CA TYR I 235 -76.78 20.46 -31.04
C TYR I 235 -75.80 19.34 -30.67
N MET I 236 -76.31 18.13 -30.43
CA MET I 236 -75.44 17.02 -30.03
C MET I 236 -74.46 16.65 -31.13
N GLU I 237 -74.93 16.64 -32.39
CA GLU I 237 -74.07 16.22 -33.48
C GLU I 237 -73.00 17.27 -33.79
N LYS I 238 -73.35 18.55 -33.69
CA LYS I 238 -72.39 19.60 -34.02
C LYS I 238 -71.35 19.83 -32.94
N VAL I 239 -71.55 19.28 -31.74
CA VAL I 239 -70.52 19.33 -30.70
C VAL I 239 -69.28 18.56 -31.16
N LEU I 240 -69.49 17.36 -31.70
CA LEU I 240 -68.37 16.55 -32.17
C LEU I 240 -67.68 17.17 -33.38
N GLY I 241 -68.39 17.97 -34.17
CA GLY I 241 -67.77 18.61 -35.31
C GLY I 241 -66.71 19.63 -34.93
N ARG I 242 -67.02 20.47 -33.94
CA ARG I 242 -66.07 21.49 -33.51
C ARG I 242 -64.94 20.90 -32.68
N LEU I 243 -65.25 19.90 -31.84
CA LEU I 243 -64.22 19.29 -31.01
C LEU I 243 -63.23 18.50 -31.85
N LYS I 244 -63.68 17.91 -32.96
CA LYS I 244 -62.76 17.24 -33.87
C LYS I 244 -61.78 18.22 -34.49
N ASP I 245 -62.25 19.41 -34.85
CA ASP I 245 -61.36 20.43 -35.41
C ASP I 245 -60.31 20.86 -34.40
N GLU I 246 -60.69 21.01 -33.13
CA GLU I 246 -59.72 21.32 -32.10
C GLU I 246 -58.75 20.15 -31.89
N GLU I 247 -59.23 18.92 -32.05
CA GLU I 247 -58.35 17.76 -31.98
C GLU I 247 -57.34 17.76 -33.11
N ILE I 248 -57.79 18.13 -34.32
CA ILE I 248 -56.86 18.24 -35.46
C ILE I 248 -55.83 19.32 -35.20
N ARG I 249 -56.27 20.47 -34.69
CA ARG I 249 -55.32 21.53 -34.33
C ARG I 249 -54.42 21.11 -33.18
N CYS I 250 -54.92 20.26 -32.28
CA CYS I 250 -54.06 19.73 -31.22
C CYS I 250 -52.96 18.84 -31.79
N ARG I 251 -53.29 18.03 -32.79
CA ARG I 251 -52.27 17.23 -33.46
C ARG I 251 -51.30 18.11 -34.24
N LYS I 252 -51.76 19.28 -34.69
CA LYS I 252 -51.02 20.09 -35.65
C LYS I 252 -50.20 21.19 -34.98
N TYR I 253 -50.84 22.04 -34.19
CA TYR I 253 -50.21 23.25 -33.67
C TYR I 253 -49.68 23.07 -32.25
N LEU I 254 -50.41 22.38 -31.39
CA LEU I 254 -50.05 22.32 -29.97
C LEU I 254 -48.96 21.29 -29.73
N HIS I 255 -48.36 21.38 -28.54
CA HIS I 255 -47.36 20.42 -28.12
C HIS I 255 -48.01 19.06 -27.85
N PRO I 256 -47.27 17.97 -28.05
CA PRO I 256 -47.81 16.65 -27.67
C PRO I 256 -48.16 16.53 -26.20
N SER I 257 -47.45 17.25 -25.32
CA SER I 257 -47.78 17.21 -23.89
C SER I 257 -49.06 17.96 -23.56
N SER I 258 -49.62 18.71 -24.51
CA SER I 258 -50.87 19.44 -24.31
C SER I 258 -52.02 18.77 -25.04
N TYR I 259 -51.98 17.44 -25.16
CA TYR I 259 -53.08 16.73 -25.82
C TYR I 259 -54.35 16.74 -24.97
N THR I 260 -54.22 16.52 -23.66
CA THR I 260 -55.38 16.35 -22.81
C THR I 260 -55.90 17.65 -22.22
N LYS I 261 -55.03 18.66 -22.04
CA LYS I 261 -55.43 19.86 -21.34
C LYS I 261 -56.41 20.70 -22.16
N VAL I 262 -56.10 20.92 -23.45
CA VAL I 262 -56.97 21.74 -24.28
C VAL I 262 -58.28 21.01 -24.59
N ILE I 263 -58.21 19.69 -24.79
CA ILE I 263 -59.42 18.92 -25.09
C ILE I 263 -60.32 18.79 -23.87
N HIS I 264 -59.78 19.04 -22.67
CA HIS I 264 -60.58 19.06 -21.45
C HIS I 264 -61.03 20.45 -21.06
N GLU I 265 -60.27 21.48 -21.44
CA GLU I 265 -60.67 22.86 -21.12
C GLU I 265 -61.87 23.29 -21.94
N CYS I 266 -61.96 22.83 -23.19
CA CYS I 266 -63.10 23.20 -24.03
C CYS I 266 -64.40 22.60 -23.53
N GLN I 267 -64.33 21.44 -22.87
CA GLN I 267 -65.53 20.87 -22.27
C GLN I 267 -66.06 21.74 -21.14
N GLN I 268 -65.17 22.29 -20.31
CA GLN I 268 -65.60 23.12 -19.21
C GLN I 268 -66.09 24.49 -19.67
N ARG I 269 -65.76 24.90 -20.90
CA ARG I 269 -66.18 26.19 -21.40
C ARG I 269 -67.32 26.11 -22.40
N MET I 270 -67.62 24.94 -22.94
CA MET I 270 -68.71 24.78 -23.89
C MET I 270 -69.76 23.79 -23.40
N VAL I 271 -69.35 22.59 -22.98
CA VAL I 271 -70.31 21.62 -22.48
C VAL I 271 -70.87 22.05 -21.13
N ALA I 272 -69.99 22.50 -20.23
CA ALA I 272 -70.44 22.95 -18.91
C ALA I 272 -71.20 24.27 -18.99
N ASP I 273 -70.91 25.08 -20.02
CA ASP I 273 -71.62 26.34 -20.20
C ASP I 273 -73.09 26.09 -20.52
N HIS I 274 -73.38 25.06 -21.31
CA HIS I 274 -74.74 24.67 -21.66
C HIS I 274 -75.07 23.30 -21.09
N LEU I 275 -74.69 23.07 -19.84
CA LEU I 275 -74.91 21.77 -19.20
C LEU I 275 -76.39 21.46 -19.06
N GLN I 276 -77.19 22.47 -18.66
CA GLN I 276 -78.62 22.24 -18.49
C GLN I 276 -79.32 21.98 -19.82
N PHE I 277 -78.79 22.52 -20.91
CA PHE I 277 -79.40 22.29 -22.22
C PHE I 277 -79.19 20.86 -22.70
N LEU I 278 -78.05 20.26 -22.37
CA LEU I 278 -77.70 18.94 -22.87
C LEU I 278 -78.40 17.81 -22.13
N HIS I 279 -79.02 18.09 -20.97
CA HIS I 279 -79.72 17.03 -20.23
C HIS I 279 -80.92 16.51 -21.01
N ALA I 280 -81.67 17.41 -21.65
CA ALA I 280 -82.85 17.07 -22.44
C ALA I 280 -83.88 16.27 -21.65
N THR J 1 37.80 4.40 -16.64
CA THR J 1 36.63 5.25 -16.77
C THR J 1 35.95 5.48 -15.43
N SER J 2 34.88 4.73 -15.16
CA SER J 2 34.11 4.88 -13.93
C SER J 2 33.80 3.51 -13.35
N LEU J 3 33.78 3.43 -12.02
CA LEU J 3 33.53 2.18 -11.32
C LEU J 3 32.04 1.88 -11.25
N LYS J 4 31.34 1.94 -12.38
CA LYS J 4 29.92 1.71 -12.43
C LYS J 4 29.62 0.39 -13.14
N PRO J 5 28.45 -0.20 -12.90
CA PRO J 5 28.01 -1.30 -13.76
C PRO J 5 27.92 -0.85 -15.21
N ARG J 6 28.40 -1.70 -16.10
CA ARG J 6 28.41 -1.38 -17.51
C ARG J 6 28.34 -2.67 -18.31
N VAL J 7 27.74 -2.58 -19.50
CA VAL J 7 27.68 -3.73 -20.38
C VAL J 7 29.07 -4.02 -20.93
N VAL J 8 29.45 -5.29 -20.92
CA VAL J 8 30.78 -5.71 -21.36
C VAL J 8 30.66 -7.07 -22.00
N ASP J 9 31.36 -7.27 -23.11
CA ASP J 9 31.40 -8.58 -23.75
C ASP J 9 32.28 -9.53 -22.96
N PHE J 10 31.67 -10.59 -22.44
CA PHE J 10 32.35 -11.48 -21.50
C PHE J 10 33.44 -12.29 -22.17
N ASP J 11 33.36 -12.48 -23.49
CA ASP J 11 34.29 -13.36 -24.18
C ASP J 11 35.71 -12.79 -24.18
N GLU J 12 35.87 -11.53 -24.57
CA GLU J 12 37.23 -10.97 -24.65
C GLU J 12 37.81 -10.74 -23.26
N THR J 13 36.97 -10.32 -22.31
CA THR J 13 37.45 -10.13 -20.95
C THR J 13 37.90 -11.45 -20.35
N TRP J 14 37.12 -12.52 -20.58
CA TRP J 14 37.53 -13.83 -20.11
C TRP J 14 38.77 -14.32 -20.84
N ASN J 15 38.94 -13.96 -22.11
CA ASN J 15 40.15 -14.38 -22.82
C ASN J 15 41.40 -13.73 -22.22
N LYS J 16 41.36 -12.42 -21.99
CA LYS J 16 42.49 -11.75 -21.35
C LYS J 16 42.72 -12.27 -19.93
N LEU J 17 41.63 -12.51 -19.20
CA LEU J 17 41.75 -13.06 -17.86
C LEU J 17 42.37 -14.44 -17.88
N LEU J 18 42.01 -15.27 -18.87
CA LEU J 18 42.59 -16.60 -18.99
C LEU J 18 44.08 -16.53 -19.32
N THR J 19 44.47 -15.63 -20.23
CA THR J 19 45.87 -15.47 -20.56
C THR J 19 46.67 -15.00 -19.35
N THR J 20 46.06 -14.19 -18.48
CA THR J 20 46.75 -13.79 -17.25
C THR J 20 46.81 -14.94 -16.24
N ILE J 21 45.70 -15.67 -16.08
CA ILE J 21 45.60 -16.67 -15.03
C ILE J 21 46.51 -17.85 -15.32
N LYS J 22 46.62 -18.25 -16.60
CA LYS J 22 47.51 -19.35 -16.95
C LYS J 22 48.95 -19.06 -16.54
N ALA J 23 49.36 -17.79 -16.59
CA ALA J 23 50.65 -17.39 -16.06
C ALA J 23 50.64 -17.29 -14.54
N VAL J 24 49.51 -16.85 -13.96
CA VAL J 24 49.40 -16.76 -12.50
C VAL J 24 49.50 -18.14 -11.86
N VAL J 25 48.73 -19.10 -12.40
CA VAL J 25 48.91 -20.49 -12.02
C VAL J 25 50.25 -20.97 -12.55
N MET J 26 50.80 -22.02 -11.89
CA MET J 26 52.08 -22.65 -12.22
C MET J 26 53.24 -21.66 -12.27
N LEU J 27 53.07 -20.50 -11.65
CA LEU J 27 54.15 -19.57 -11.33
C LEU J 27 54.94 -19.15 -12.58
N GLU J 28 54.25 -18.47 -13.49
CA GLU J 28 54.89 -17.83 -14.63
C GLU J 28 54.81 -16.32 -14.47
N TYR J 29 55.71 -15.63 -15.16
CA TYR J 29 55.79 -14.18 -15.02
C TYR J 29 54.60 -13.51 -15.70
N VAL J 30 53.92 -12.63 -14.95
CA VAL J 30 52.90 -11.76 -15.51
C VAL J 30 53.20 -10.34 -15.01
N GLU J 31 53.08 -9.37 -15.93
CA GLU J 31 53.43 -8.00 -15.60
C GLU J 31 52.52 -7.46 -14.50
N ARG J 32 53.11 -6.68 -13.60
CA ARG J 32 52.36 -6.20 -12.43
C ARG J 32 51.22 -5.29 -12.84
N ALA J 33 51.41 -4.48 -13.90
CA ALA J 33 50.32 -3.65 -14.38
C ALA J 33 49.17 -4.49 -14.89
N THR J 34 49.47 -5.58 -15.60
CA THR J 34 48.42 -6.50 -16.02
C THR J 34 47.73 -7.14 -14.83
N TRP J 35 48.51 -7.50 -13.80
CA TRP J 35 47.92 -8.09 -12.61
C TRP J 35 46.96 -7.13 -11.92
N ASN J 36 47.33 -5.85 -11.85
CA ASN J 36 46.45 -4.85 -11.25
C ASN J 36 45.23 -4.57 -12.12
N ASP J 37 45.38 -4.66 -13.44
CA ASP J 37 44.23 -4.44 -14.32
C ASP J 37 43.26 -5.61 -14.28
N ARG J 38 43.75 -6.81 -13.98
CA ARG J 38 42.84 -7.95 -13.91
C ARG J 38 41.88 -7.84 -12.72
N PHE J 39 42.28 -7.12 -11.67
CA PHE J 39 41.34 -6.86 -10.58
C PHE J 39 40.15 -6.04 -11.06
N SER J 40 40.41 -5.00 -11.85
CA SER J 40 39.33 -4.20 -12.41
C SER J 40 38.52 -5.00 -13.42
N ASP J 41 39.17 -5.89 -14.17
CA ASP J 41 38.43 -6.76 -15.08
C ASP J 41 37.48 -7.68 -14.31
N ILE J 42 37.95 -8.26 -13.21
CA ILE J 42 37.13 -9.12 -12.37
C ILE J 42 35.96 -8.34 -11.78
N TYR J 43 36.23 -7.13 -11.30
CA TYR J 43 35.15 -6.29 -10.77
C TYR J 43 34.11 -5.99 -11.84
N ALA J 44 34.56 -5.59 -13.04
CA ALA J 44 33.62 -5.23 -14.10
C ALA J 44 32.81 -6.45 -14.53
N LEU J 45 33.41 -7.63 -14.53
CA LEU J 45 32.65 -8.85 -14.80
C LEU J 45 31.64 -9.13 -13.72
N CYS J 46 32.00 -8.88 -12.46
CA CYS J 46 31.09 -9.19 -11.35
C CYS J 46 29.90 -8.23 -11.32
N VAL J 47 30.11 -6.97 -11.66
CA VAL J 47 29.03 -5.99 -11.60
C VAL J 47 28.52 -5.63 -13.00
N ALA J 48 28.72 -6.52 -13.97
CA ALA J 48 28.33 -6.23 -15.34
C ALA J 48 26.82 -6.12 -15.47
N TYR J 49 26.38 -5.34 -16.47
CA TYR J 49 25.00 -5.02 -16.78
C TYR J 49 24.58 -5.70 -18.08
N PRO J 50 23.32 -6.17 -18.19
CA PRO J 50 22.25 -6.18 -17.18
C PRO J 50 22.39 -7.33 -16.18
N GLU J 51 22.81 -8.49 -16.67
CA GLU J 51 22.99 -9.65 -15.79
C GLU J 51 24.42 -9.66 -15.26
N PRO J 52 24.62 -9.67 -13.95
CA PRO J 52 25.98 -9.80 -13.42
C PRO J 52 26.59 -11.13 -13.82
N LEU J 53 27.80 -11.08 -14.38
CA LEU J 53 28.46 -12.25 -14.93
C LEU J 53 29.30 -12.97 -13.89
N GLY J 54 28.98 -12.85 -12.61
CA GLY J 54 29.72 -13.57 -11.60
C GLY J 54 29.54 -15.07 -11.70
N GLU J 55 28.32 -15.52 -11.99
CA GLU J 55 28.07 -16.96 -12.12
C GLU J 55 28.80 -17.54 -13.32
N ARG J 56 28.76 -16.85 -14.47
CA ARG J 56 29.47 -17.32 -15.66
C ARG J 56 30.97 -17.32 -15.43
N LEU J 57 31.48 -16.27 -14.77
CA LEU J 57 32.90 -16.20 -14.48
C LEU J 57 33.34 -17.33 -13.57
N TYR J 58 32.55 -17.63 -12.53
CA TYR J 58 32.88 -18.73 -11.64
C TYR J 58 32.80 -20.07 -12.36
N THR J 59 31.81 -20.25 -13.23
CA THR J 59 31.66 -21.50 -13.95
C THR J 59 32.83 -21.74 -14.90
N GLU J 60 33.26 -20.71 -15.65
CA GLU J 60 34.40 -20.93 -16.54
C GLU J 60 35.72 -21.00 -15.77
N THR J 61 35.81 -20.35 -14.61
CA THR J 61 37.00 -20.53 -13.78
C THR J 61 37.09 -21.96 -13.26
N LYS J 62 35.96 -22.52 -12.82
CA LYS J 62 35.93 -23.91 -12.40
C LYS J 62 36.27 -24.84 -13.57
N ILE J 63 35.75 -24.55 -14.75
CA ILE J 63 36.03 -25.37 -15.93
C ILE J 63 37.51 -25.30 -16.28
N PHE J 64 38.09 -24.10 -16.26
CA PHE J 64 39.51 -23.97 -16.57
C PHE J 64 40.38 -24.68 -15.53
N LEU J 65 40.01 -24.59 -14.25
CA LEU J 65 40.77 -25.31 -13.24
C LEU J 65 40.64 -26.81 -13.43
N GLU J 66 39.47 -27.29 -13.84
CA GLU J 66 39.31 -28.70 -14.19
C GLU J 66 40.25 -29.10 -15.30
N ASN J 67 40.30 -28.29 -16.36
CA ASN J 67 41.18 -28.59 -17.50
C ASN J 67 42.64 -28.59 -17.07
N HIS J 68 43.04 -27.61 -16.27
CA HIS J 68 44.43 -27.49 -15.86
C HIS J 68 44.85 -28.64 -14.94
N VAL J 69 44.01 -29.00 -13.97
CA VAL J 69 44.35 -30.09 -13.07
C VAL J 69 44.35 -31.43 -13.82
N ARG J 70 43.42 -31.60 -14.76
CA ARG J 70 43.42 -32.83 -15.56
C ARG J 70 44.66 -32.91 -16.44
N HIS J 71 45.08 -31.78 -17.01
CA HIS J 71 46.31 -31.77 -17.81
C HIS J 71 47.53 -32.08 -16.96
N LEU J 72 47.57 -31.53 -15.74
CA LEU J 72 48.67 -31.84 -14.82
C LEU J 72 48.66 -33.32 -14.43
N HIS J 73 47.46 -33.88 -14.22
CA HIS J 73 47.34 -35.30 -13.91
C HIS J 73 47.84 -36.16 -15.05
N LYS J 74 47.48 -35.81 -16.29
CA LYS J 74 47.98 -36.56 -17.43
C LYS J 74 49.49 -36.43 -17.57
N ARG J 75 50.02 -35.23 -17.34
CA ARG J 75 51.46 -35.01 -17.42
C ARG J 75 52.21 -35.83 -16.37
N VAL J 76 51.67 -35.91 -15.16
CA VAL J 76 52.35 -36.67 -14.11
C VAL J 76 52.11 -38.17 -14.25
N LEU J 77 51.03 -38.59 -14.91
CA LEU J 77 50.88 -40.01 -15.25
C LEU J 77 51.85 -40.42 -16.35
N GLU J 78 52.15 -39.51 -17.29
CA GLU J 78 53.15 -39.80 -18.30
C GLU J 78 54.54 -39.97 -17.69
N SER J 79 54.76 -39.46 -16.49
CA SER J 79 56.00 -39.64 -15.74
C SER J 79 55.93 -40.90 -14.90
N GLU J 80 57.09 -41.54 -14.71
CA GLU J 80 57.15 -42.79 -13.96
C GLU J 80 58.47 -42.86 -13.20
N GLU J 81 58.44 -43.59 -12.07
CA GLU J 81 59.59 -43.93 -11.24
C GLU J 81 60.11 -42.72 -10.46
N GLN J 82 59.57 -41.54 -10.75
CA GLN J 82 59.90 -40.31 -10.05
C GLN J 82 58.67 -39.43 -9.86
N VAL J 83 57.50 -40.06 -9.82
CA VAL J 83 56.22 -39.36 -9.76
C VAL J 83 56.13 -38.45 -8.55
N LEU J 84 56.85 -38.78 -7.46
CA LEU J 84 56.83 -37.92 -6.29
C LEU J 84 57.45 -36.56 -6.57
N VAL J 85 58.56 -36.51 -7.31
CA VAL J 85 59.23 -35.24 -7.57
C VAL J 85 58.36 -34.36 -8.45
N MET J 86 57.83 -34.93 -9.55
CA MET J 86 56.98 -34.15 -10.44
C MET J 86 55.70 -33.71 -9.73
N TYR J 87 55.11 -34.60 -8.94
CA TYR J 87 53.90 -34.24 -8.21
C TYR J 87 54.18 -33.15 -7.20
N HIS J 88 55.32 -33.20 -6.52
CA HIS J 88 55.63 -32.17 -5.52
C HIS J 88 55.88 -30.82 -6.17
N ARG J 89 56.62 -30.79 -7.27
CA ARG J 89 56.87 -29.50 -7.93
C ARG J 89 55.58 -28.93 -8.53
N TYR J 90 54.75 -29.80 -9.13
CA TYR J 90 53.47 -29.33 -9.65
C TYR J 90 52.53 -28.90 -8.51
N TRP J 91 52.62 -29.55 -7.36
CA TRP J 91 51.80 -29.18 -6.22
C TRP J 91 52.22 -27.83 -5.65
N GLU J 92 53.52 -27.58 -5.57
CA GLU J 92 53.98 -26.26 -5.11
C GLU J 92 53.53 -25.17 -6.08
N GLU J 93 53.69 -25.42 -7.38
CA GLU J 93 53.25 -24.44 -8.38
C GLU J 93 51.74 -24.21 -8.29
N TYR J 94 50.96 -25.27 -8.13
CA TYR J 94 49.52 -25.11 -8.09
C TYR J 94 49.04 -24.52 -6.78
N SER J 95 49.72 -24.77 -5.68
CA SER J 95 49.35 -24.13 -4.42
C SER J 95 49.61 -22.63 -4.47
N LYS J 96 50.76 -22.22 -5.01
CA LYS J 96 51.01 -20.80 -5.20
C LYS J 96 50.00 -20.20 -6.17
N GLY J 97 49.66 -20.92 -7.24
CA GLY J 97 48.66 -20.43 -8.16
C GLY J 97 47.29 -20.29 -7.54
N ALA J 98 46.92 -21.25 -6.69
CA ALA J 98 45.63 -21.18 -6.00
C ALA J 98 45.58 -20.00 -5.05
N ASP J 99 46.66 -19.75 -4.30
CA ASP J 99 46.69 -18.60 -3.42
C ASP J 99 46.61 -17.29 -4.21
N TYR J 100 47.34 -17.20 -5.32
CA TYR J 100 47.32 -15.98 -6.10
C TYR J 100 45.99 -15.78 -6.81
N MET J 101 45.31 -16.87 -7.18
CA MET J 101 43.98 -16.74 -7.77
C MET J 101 42.95 -16.34 -6.73
N ASP J 102 43.09 -16.85 -5.50
CA ASP J 102 42.22 -16.41 -4.42
C ASP J 102 42.41 -14.93 -4.13
N CYS J 103 43.66 -14.46 -4.23
CA CYS J 103 43.90 -13.02 -4.13
C CYS J 103 43.26 -12.27 -5.30
N LEU J 104 43.40 -12.80 -6.52
CA LEU J 104 42.86 -12.12 -7.70
C LEU J 104 41.34 -12.17 -7.73
N TYR J 105 40.75 -13.27 -7.28
CA TYR J 105 39.30 -13.45 -7.30
C TYR J 105 38.65 -13.01 -6.00
N ARG J 106 39.24 -12.02 -5.31
CA ARG J 106 38.73 -11.64 -4.01
C ARG J 106 37.36 -10.98 -4.10
N TYR J 107 37.08 -10.25 -5.19
CA TYR J 107 35.76 -9.65 -5.32
C TYR J 107 34.71 -10.69 -5.67
N LEU J 108 35.06 -11.69 -6.48
CA LEU J 108 34.13 -12.78 -6.75
C LEU J 108 33.86 -13.58 -5.49
N ASN J 109 34.89 -13.83 -4.68
CA ASN J 109 34.71 -14.55 -3.43
C ASN J 109 33.84 -13.76 -2.47
N THR J 110 34.12 -12.46 -2.33
CA THR J 110 33.45 -11.67 -1.31
C THR J 110 31.99 -11.40 -1.67
N GLN J 111 31.72 -11.02 -2.91
CA GLN J 111 30.41 -10.51 -3.28
C GLN J 111 29.53 -11.52 -4.00
N PHE J 112 30.08 -12.62 -4.51
CA PHE J 112 29.27 -13.62 -5.16
C PHE J 112 29.30 -14.97 -4.46
N ILE J 113 30.49 -15.53 -4.22
CA ILE J 113 30.57 -16.87 -3.64
C ILE J 113 30.14 -16.86 -2.18
N LYS J 114 30.63 -15.89 -1.41
CA LYS J 114 30.28 -15.82 0.00
C LYS J 114 28.90 -15.21 0.24
N LYS J 115 28.23 -14.74 -0.80
CA LYS J 115 26.92 -14.11 -0.69
C LYS J 115 25.85 -14.94 -1.40
N ASN J 116 25.91 -16.25 -1.21
CA ASN J 116 24.88 -17.16 -1.74
C ASN J 116 24.44 -18.15 -0.68
N PRO J 135 26.59 -24.30 -1.32
CA PRO J 135 26.71 -25.07 -2.56
C PRO J 135 27.92 -24.64 -3.39
N LEU J 136 28.34 -23.38 -3.24
CA LEU J 136 29.51 -22.86 -3.93
C LEU J 136 30.67 -22.70 -2.96
N MET J 137 31.88 -22.71 -3.52
CA MET J 137 33.10 -22.62 -2.73
C MET J 137 34.02 -21.56 -3.32
N GLU J 138 34.82 -20.95 -2.44
CA GLU J 138 35.73 -19.89 -2.84
C GLU J 138 36.79 -20.43 -3.80
N ILE J 139 37.33 -19.52 -4.62
CA ILE J 139 38.27 -19.92 -5.67
C ILE J 139 39.51 -20.56 -5.06
N GLY J 140 40.02 -19.98 -3.97
CA GLY J 140 41.12 -20.62 -3.27
C GLY J 140 40.76 -22.00 -2.75
N GLU J 141 39.52 -22.15 -2.26
CA GLU J 141 39.04 -23.46 -1.84
C GLU J 141 38.69 -24.33 -3.03
N LEU J 142 38.15 -23.72 -4.10
CA LEU J 142 37.76 -24.50 -5.28
C LEU J 142 38.98 -25.12 -5.95
N ALA J 143 40.07 -24.37 -6.07
CA ALA J 143 41.27 -24.90 -6.72
C ALA J 143 41.86 -26.06 -5.93
N LEU J 144 41.93 -25.93 -4.61
CA LEU J 144 42.49 -27.00 -3.79
C LEU J 144 41.57 -28.22 -3.77
N ASP J 145 40.26 -28.00 -3.68
CA ASP J 145 39.32 -29.11 -3.71
C ASP J 145 39.36 -29.83 -5.05
N MET J 146 39.60 -29.09 -6.13
CA MET J 146 39.72 -29.70 -7.45
C MET J 146 41.05 -30.41 -7.65
N TRP J 147 42.12 -29.91 -7.01
CA TRP J 147 43.35 -30.69 -6.93
C TRP J 147 43.14 -32.00 -6.20
N ARG J 148 42.35 -31.99 -5.13
CA ARG J 148 42.01 -33.23 -4.44
C ARG J 148 41.15 -34.14 -5.32
N LYS J 149 40.19 -33.57 -6.03
CA LYS J 149 39.21 -34.39 -6.75
C LYS J 149 39.79 -34.99 -8.02
N LEU J 150 40.68 -34.27 -8.70
CA LEU J 150 41.15 -34.68 -10.02
C LEU J 150 42.62 -35.03 -10.10
N MET J 151 43.42 -34.72 -9.08
CA MET J 151 44.83 -35.06 -9.09
C MET J 151 45.23 -36.03 -7.99
N VAL J 152 44.72 -35.83 -6.78
CA VAL J 152 45.12 -36.70 -5.67
C VAL J 152 44.30 -37.98 -5.65
N GLU J 153 42.96 -37.84 -5.61
CA GLU J 153 42.11 -39.02 -5.53
C GLU J 153 42.22 -39.96 -6.74
N PRO J 154 42.21 -39.47 -8.00
CA PRO J 154 42.44 -40.41 -9.11
C PRO J 154 43.81 -41.06 -9.12
N LEU J 155 44.75 -40.40 -8.42
CA LEU J 155 46.13 -40.86 -8.33
C LEU J 155 46.45 -41.21 -6.90
N GLN J 156 45.49 -41.70 -6.16
CA GLN J 156 45.68 -42.01 -4.75
C GLN J 156 46.54 -43.25 -4.57
N ALA J 157 46.30 -44.28 -5.38
CA ALA J 157 47.04 -45.54 -5.23
C ALA J 157 48.51 -45.35 -5.54
N ILE J 158 48.83 -44.59 -6.58
CA ILE J 158 50.22 -44.36 -6.94
C ILE J 158 50.93 -43.55 -5.86
N LEU J 159 50.27 -42.52 -5.34
CA LEU J 159 50.88 -41.68 -4.32
C LEU J 159 51.14 -42.44 -3.03
N ILE J 160 50.18 -43.26 -2.60
CA ILE J 160 50.33 -43.99 -1.36
C ILE J 160 51.44 -45.03 -1.47
N ARG J 161 51.44 -45.81 -2.54
CA ARG J 161 52.44 -46.87 -2.69
C ARG J 161 53.85 -46.29 -2.84
N MET J 162 53.98 -45.20 -3.60
CA MET J 162 55.31 -44.63 -3.84
C MET J 162 55.84 -43.94 -2.60
N LEU J 163 54.97 -43.29 -1.83
CA LEU J 163 55.40 -42.62 -0.61
C LEU J 163 55.85 -43.63 0.44
N LEU J 164 55.03 -44.64 0.71
CA LEU J 164 55.34 -45.61 1.74
C LEU J 164 56.59 -46.41 1.40
N ARG J 165 56.84 -46.64 0.11
CA ARG J 165 58.11 -47.25 -0.29
C ARG J 165 59.28 -46.34 0.01
N GLU J 166 59.11 -45.03 -0.20
CA GLU J 166 60.15 -44.08 0.15
C GLU J 166 60.35 -44.00 1.67
N ILE J 167 59.29 -44.25 2.43
CA ILE J 167 59.43 -44.35 3.88
C ILE J 167 60.28 -45.55 4.26
N LYS J 168 60.24 -46.62 3.46
CA LYS J 168 61.06 -47.79 3.75
C LYS J 168 62.53 -47.56 3.44
N ASN J 169 62.89 -46.44 2.80
CA ASN J 169 64.29 -46.20 2.49
C ASN J 169 65.05 -45.66 3.70
N ASP J 170 64.53 -44.65 4.38
CA ASP J 170 65.21 -44.13 5.56
C ASP J 170 64.98 -45.00 6.80
N ARG J 171 64.07 -45.97 6.71
CA ARG J 171 63.94 -46.98 7.75
C ARG J 171 64.97 -48.08 7.63
N GLY J 172 65.73 -48.10 6.53
CA GLY J 172 66.76 -49.10 6.33
C GLY J 172 68.16 -48.54 6.25
N GLY J 173 68.27 -47.24 5.97
CA GLY J 173 69.57 -46.60 5.92
C GLY J 173 69.76 -45.59 4.80
N GLU J 174 69.07 -45.78 3.68
CA GLU J 174 69.19 -44.85 2.55
C GLU J 174 68.59 -43.50 2.91
N ASP J 175 69.25 -42.43 2.45
CA ASP J 175 68.83 -41.09 2.80
C ASP J 175 68.07 -40.45 1.65
N PRO J 176 66.75 -40.22 1.79
CA PRO J 176 66.03 -39.47 0.75
C PRO J 176 66.21 -37.98 0.92
N ASN J 177 65.50 -37.18 0.10
CA ASN J 177 65.57 -35.74 0.18
C ASN J 177 64.40 -35.19 1.00
N GLN J 178 64.65 -34.05 1.64
CA GLN J 178 63.65 -33.47 2.53
C GLN J 178 62.49 -32.85 1.78
N LYS J 179 62.78 -32.18 0.66
CA LYS J 179 61.78 -31.32 0.02
C LYS J 179 60.66 -32.13 -0.64
N VAL J 180 61.03 -33.17 -1.38
CA VAL J 180 60.06 -33.85 -2.24
C VAL J 180 59.00 -34.57 -1.42
N ILE J 181 59.44 -35.36 -0.43
CA ILE J 181 58.48 -36.13 0.36
C ILE J 181 57.62 -35.21 1.23
N HIS J 182 58.25 -34.24 1.89
CA HIS J 182 57.52 -33.37 2.80
C HIS J 182 56.46 -32.53 2.08
N GLY J 183 56.71 -32.19 0.82
CA GLY J 183 55.70 -31.49 0.05
C GLY J 183 54.47 -32.34 -0.22
N VAL J 184 54.68 -33.60 -0.59
CA VAL J 184 53.56 -34.51 -0.81
C VAL J 184 52.88 -34.85 0.51
N ILE J 185 53.67 -34.98 1.58
CA ILE J 185 53.10 -35.24 2.91
C ILE J 185 52.19 -34.09 3.32
N ASN J 186 52.65 -32.86 3.12
CA ASN J 186 51.87 -31.68 3.48
C ASN J 186 50.70 -31.45 2.52
N SER J 187 50.72 -32.10 1.36
CA SER J 187 49.66 -31.88 0.37
C SER J 187 48.32 -32.38 0.88
N PHE J 188 48.31 -33.51 1.59
CA PHE J 188 47.05 -34.11 2.01
C PHE J 188 46.35 -33.31 3.10
N VAL J 189 47.04 -32.40 3.77
CA VAL J 189 46.42 -31.52 4.74
C VAL J 189 46.28 -30.08 4.23
N HIS J 190 47.18 -29.63 3.36
CA HIS J 190 47.07 -28.28 2.81
C HIS J 190 45.89 -28.15 1.87
N VAL J 191 45.38 -29.26 1.33
CA VAL J 191 44.22 -29.19 0.46
C VAL J 191 42.98 -28.79 1.25
N GLU J 192 42.75 -29.43 2.40
CA GLU J 192 41.56 -29.17 3.20
C GLU J 192 41.79 -28.13 4.29
N GLN J 193 42.78 -27.23 4.11
CA GLN J 193 42.97 -26.16 5.08
C GLN J 193 41.81 -25.19 5.10
N TYR J 194 41.05 -25.10 4.00
CA TYR J 194 39.87 -24.25 3.97
C TYR J 194 38.62 -24.99 4.42
N LYS J 195 38.69 -26.30 4.63
CA LYS J 195 37.59 -27.04 5.23
C LYS J 195 37.49 -26.71 6.71
N LYS J 196 36.27 -26.46 7.18
CA LYS J 196 36.07 -25.93 8.53
C LYS J 196 35.84 -27.02 9.56
N LYS J 197 34.94 -27.97 9.28
CA LYS J 197 34.59 -28.99 10.26
C LYS J 197 35.78 -29.88 10.59
N PHE J 198 36.24 -30.64 9.60
CA PHE J 198 37.37 -31.57 9.78
C PHE J 198 38.49 -31.20 8.82
N PRO J 199 39.53 -30.50 9.29
CA PRO J 199 40.64 -30.13 8.39
C PRO J 199 41.58 -31.26 8.09
N LEU J 200 41.51 -32.38 8.83
CA LEU J 200 42.42 -33.50 8.64
C LEU J 200 41.69 -34.77 8.26
N LYS J 201 40.48 -34.66 7.70
CA LYS J 201 39.77 -35.86 7.25
C LYS J 201 40.48 -36.51 6.07
N PHE J 202 41.14 -35.73 5.23
CA PHE J 202 41.90 -36.26 4.10
C PHE J 202 43.29 -36.73 4.50
N TYR J 203 43.58 -36.81 5.80
CA TYR J 203 44.87 -37.27 6.30
C TYR J 203 44.76 -38.54 7.11
N GLN J 204 43.80 -38.61 8.04
CA GLN J 204 43.72 -39.75 8.94
C GLN J 204 43.27 -41.01 8.21
N GLU J 205 42.23 -40.90 7.39
CA GLU J 205 41.65 -42.06 6.72
C GLU J 205 42.09 -42.19 5.27
N ILE J 206 43.04 -41.36 4.83
CA ILE J 206 43.55 -41.40 3.46
C ILE J 206 45.02 -41.80 3.41
N PHE J 207 45.86 -41.12 4.19
CA PHE J 207 47.27 -41.43 4.22
C PHE J 207 47.73 -42.03 5.54
N GLU J 208 47.16 -41.61 6.66
CA GLU J 208 47.62 -42.12 7.96
C GLU J 208 47.22 -43.58 8.15
N SER J 209 45.98 -43.94 7.80
CA SER J 209 45.52 -45.31 8.02
C SER J 209 46.27 -46.33 7.18
N PRO J 210 46.76 -46.03 5.97
CA PRO J 210 47.71 -46.96 5.36
C PRO J 210 49.09 -46.90 5.99
N PHE J 211 49.56 -45.70 6.36
CA PHE J 211 50.90 -45.58 6.91
C PHE J 211 50.99 -46.15 8.31
N LEU J 212 49.92 -46.06 9.10
CA LEU J 212 49.93 -46.63 10.44
C LEU J 212 50.06 -48.15 10.40
N THR J 213 49.39 -48.80 9.44
CA THR J 213 49.56 -50.23 9.27
C THR J 213 50.98 -50.58 8.85
N GLU J 214 51.55 -49.80 7.92
CA GLU J 214 52.90 -50.08 7.45
C GLU J 214 53.93 -49.87 8.54
N THR J 215 53.81 -48.79 9.32
CA THR J 215 54.76 -48.55 10.40
C THR J 215 54.58 -49.49 11.57
N GLY J 216 53.48 -50.25 11.61
CA GLY J 216 53.27 -51.23 12.65
C GLY J 216 53.67 -52.63 12.22
N GLU J 217 53.31 -53.00 10.99
CA GLU J 217 53.62 -54.34 10.48
C GLU J 217 55.06 -54.48 10.02
N TYR J 218 55.82 -53.38 9.98
CA TYR J 218 57.24 -53.47 9.64
C TYR J 218 58.12 -53.60 10.88
N TYR J 219 57.79 -52.88 11.96
CA TYR J 219 58.58 -52.98 13.18
C TYR J 219 58.43 -54.35 13.82
N LYS J 220 57.23 -54.93 13.80
CA LYS J 220 57.05 -56.28 14.32
C LYS J 220 57.79 -57.31 13.47
N GLN J 221 57.97 -57.01 12.18
CA GLN J 221 58.73 -57.92 11.32
C GLN J 221 60.21 -57.87 11.64
N GLU J 222 60.76 -56.67 11.81
CA GLU J 222 62.18 -56.53 12.11
C GLU J 222 62.49 -56.79 13.58
N ALA J 223 61.48 -56.83 14.45
CA ALA J 223 61.72 -57.20 15.84
C ALA J 223 62.06 -58.68 15.99
N SER J 224 61.68 -59.50 15.00
CA SER J 224 61.98 -60.93 15.07
C SER J 224 63.48 -61.18 14.94
N ASN J 225 64.12 -60.54 13.96
CA ASN J 225 65.56 -60.75 13.75
C ASN J 225 66.40 -60.03 14.78
N LEU J 226 65.86 -59.01 15.45
CA LEU J 226 66.59 -58.29 16.48
C LEU J 226 66.39 -58.85 17.88
N LEU J 227 65.54 -59.87 18.03
CA LEU J 227 65.31 -60.51 19.31
C LEU J 227 65.67 -61.99 19.30
N GLN J 228 65.24 -62.72 18.26
CA GLN J 228 65.57 -64.14 18.18
C GLN J 228 67.02 -64.36 17.82
N GLU J 229 67.56 -63.55 16.91
CA GLU J 229 68.93 -63.68 16.44
C GLU J 229 69.90 -62.76 17.16
N SER J 230 69.44 -62.04 18.19
CA SER J 230 70.29 -61.13 18.93
C SER J 230 70.06 -61.33 20.43
N ASN J 231 71.07 -60.97 21.21
CA ASN J 231 71.00 -61.14 22.66
C ASN J 231 69.96 -60.19 23.25
N CYS J 232 69.18 -60.70 24.20
CA CYS J 232 68.13 -59.91 24.83
C CYS J 232 68.67 -58.89 25.83
N SER J 233 69.90 -59.08 26.30
CA SER J 233 70.48 -58.12 27.25
C SER J 233 70.67 -56.76 26.60
N GLN J 234 71.15 -56.73 25.37
CA GLN J 234 71.30 -55.50 24.61
C GLN J 234 70.05 -55.12 23.83
N TYR J 235 69.00 -55.95 23.89
CA TYR J 235 67.76 -55.61 23.21
C TYR J 235 67.05 -54.44 23.89
N MET J 236 67.21 -54.31 25.21
CA MET J 236 66.62 -53.18 25.91
C MET J 236 67.28 -51.86 25.50
N GLU J 237 68.56 -51.90 25.15
CA GLU J 237 69.24 -50.69 24.69
C GLU J 237 68.84 -50.32 23.27
N LYS J 238 68.42 -51.29 22.47
CA LYS J 238 68.07 -51.00 21.07
C LYS J 238 66.74 -50.28 20.94
N VAL J 239 65.83 -50.46 21.90
CA VAL J 239 64.55 -49.77 21.82
C VAL J 239 64.73 -48.27 22.02
N LEU J 240 65.78 -47.86 22.72
CA LEU J 240 66.05 -46.43 22.88
C LEU J 240 66.60 -45.83 21.59
N GLY J 241 67.47 -46.55 20.89
CA GLY J 241 68.03 -46.03 19.66
C GLY J 241 66.99 -45.88 18.56
N ARG J 242 66.14 -46.89 18.37
CA ARG J 242 65.13 -46.82 17.32
C ARG J 242 64.10 -45.73 17.60
N LEU J 243 63.66 -45.61 18.85
CA LEU J 243 62.74 -44.53 19.19
C LEU J 243 63.38 -43.17 18.99
N LYS J 244 64.67 -43.05 19.28
CA LYS J 244 65.41 -41.84 18.95
C LYS J 244 65.45 -41.63 17.44
N ASP J 245 65.66 -42.71 16.68
CA ASP J 245 65.66 -42.60 15.22
C ASP J 245 64.26 -42.36 14.68
N GLU J 246 63.25 -43.00 15.28
CA GLU J 246 61.87 -42.84 14.82
C GLU J 246 61.39 -41.41 15.01
N GLU J 247 61.71 -40.80 16.15
CA GLU J 247 61.25 -39.45 16.43
C GLU J 247 61.82 -38.45 15.43
N ILE J 248 63.14 -38.48 15.23
CA ILE J 248 63.77 -37.53 14.31
C ILE J 248 63.30 -37.75 12.88
N ARG J 249 63.12 -39.01 12.49
CA ARG J 249 62.56 -39.30 11.17
C ARG J 249 61.14 -38.78 11.06
N CYS J 250 60.35 -38.90 12.14
CA CYS J 250 58.97 -38.43 12.10
C CYS J 250 58.89 -36.91 12.08
N ARG J 251 59.80 -36.23 12.75
CA ARG J 251 59.76 -34.76 12.82
C ARG J 251 59.99 -34.11 11.45
N LYS J 252 60.58 -34.83 10.50
CA LYS J 252 60.97 -34.24 9.22
C LYS J 252 60.16 -34.73 8.04
N TYR J 253 59.51 -35.89 8.14
CA TYR J 253 58.81 -36.49 7.01
C TYR J 253 57.32 -36.69 7.27
N LEU J 254 56.75 -35.97 8.23
CA LEU J 254 55.34 -36.17 8.57
C LEU J 254 54.76 -34.87 9.09
N HIS J 255 53.44 -34.76 9.01
CA HIS J 255 52.75 -33.61 9.53
C HIS J 255 52.82 -33.58 11.06
N PRO J 256 52.99 -32.40 11.66
CA PRO J 256 53.13 -32.33 13.13
C PRO J 256 51.92 -32.83 13.90
N SER J 257 50.72 -32.78 13.34
CA SER J 257 49.52 -33.20 14.07
C SER J 257 49.53 -34.69 14.34
N SER J 258 50.10 -35.48 13.43
CA SER J 258 50.10 -36.93 13.61
C SER J 258 51.41 -37.44 14.18
N TYR J 259 52.16 -36.57 14.87
CA TYR J 259 53.42 -36.96 15.49
C TYR J 259 53.24 -37.99 16.58
N THR J 260 52.31 -37.74 17.51
CA THR J 260 52.17 -38.63 18.66
C THR J 260 51.44 -39.93 18.28
N LYS J 261 50.64 -39.89 17.22
CA LYS J 261 49.85 -41.07 16.86
C LYS J 261 50.74 -42.18 16.33
N VAL J 262 51.77 -41.85 15.56
CA VAL J 262 52.63 -42.88 14.99
C VAL J 262 53.51 -43.50 16.09
N ILE J 263 53.86 -42.73 17.11
CA ILE J 263 54.74 -43.22 18.16
C ILE J 263 54.02 -44.28 18.99
N HIS J 264 52.71 -44.09 19.21
CA HIS J 264 51.93 -45.06 19.97
C HIS J 264 51.89 -46.41 19.24
N GLU J 265 51.83 -46.38 17.91
CA GLU J 265 51.88 -47.63 17.16
C GLU J 265 53.27 -48.25 17.19
N CYS J 266 54.32 -47.42 17.21
CA CYS J 266 55.67 -47.95 17.20
C CYS J 266 55.99 -48.73 18.47
N GLN J 267 55.55 -48.22 19.63
CA GLN J 267 55.88 -48.88 20.89
C GLN J 267 55.10 -50.16 21.09
N GLN J 268 53.90 -50.26 20.49
CA GLN J 268 53.10 -51.47 20.65
C GLN J 268 53.72 -52.67 19.95
N ARG J 269 54.45 -52.44 18.86
CA ARG J 269 55.07 -53.52 18.11
C ARG J 269 56.54 -53.73 18.46
N MET J 270 57.05 -53.02 19.47
CA MET J 270 58.44 -53.19 19.87
C MET J 270 58.56 -53.42 21.37
N VAL J 271 57.62 -52.86 22.14
CA VAL J 271 57.60 -53.01 23.59
C VAL J 271 56.43 -53.87 24.05
N ALA J 272 55.21 -53.48 23.70
CA ALA J 272 54.02 -54.23 24.09
C ALA J 272 53.72 -55.35 23.10
#